data_1J7R
# 
_entry.id   1J7R 
# 
_audit_conform.dict_name       mmcif_pdbx.dic 
_audit_conform.dict_version    5.392 
_audit_conform.dict_location   http://mmcif.pdb.org/dictionaries/ascii/mmcif_pdbx.dic 
# 
loop_
_database_2.database_id 
_database_2.database_code 
_database_2.pdbx_database_accession 
_database_2.pdbx_DOI 
PDB   1J7R         pdb_00001j7r 10.2210/pdb1j7r/pdb 
RCSB  RCSB013465   ?            ?                   
WWPDB D_1000013465 ?            ?                   
# 
loop_
_pdbx_audit_revision_history.ordinal 
_pdbx_audit_revision_history.data_content_type 
_pdbx_audit_revision_history.major_revision 
_pdbx_audit_revision_history.minor_revision 
_pdbx_audit_revision_history.revision_date 
1 'Structure model' 1 0 2001-06-06 
2 'Structure model' 1 1 2008-04-27 
3 'Structure model' 1 2 2011-07-13 
4 'Structure model' 1 3 2022-02-23 
5 'Structure model' 1 4 2024-05-22 
# 
_pdbx_audit_revision_details.ordinal             1 
_pdbx_audit_revision_details.revision_ordinal    1 
_pdbx_audit_revision_details.data_content_type   'Structure model' 
_pdbx_audit_revision_details.provider            repository 
_pdbx_audit_revision_details.type                'Initial release' 
_pdbx_audit_revision_details.description         ? 
_pdbx_audit_revision_details.details             ? 
# 
loop_
_pdbx_audit_revision_group.ordinal 
_pdbx_audit_revision_group.revision_ordinal 
_pdbx_audit_revision_group.data_content_type 
_pdbx_audit_revision_group.group 
1 2 'Structure model' 'Version format compliance' 
2 3 'Structure model' 'Version format compliance' 
3 4 'Structure model' 'Data collection'           
4 4 'Structure model' 'Database references'       
5 4 'Structure model' 'Derived calculations'      
6 5 'Structure model' 'Data collection'           
# 
loop_
_pdbx_audit_revision_category.ordinal 
_pdbx_audit_revision_category.revision_ordinal 
_pdbx_audit_revision_category.data_content_type 
_pdbx_audit_revision_category.category 
1 4 'Structure model' database_2            
2 4 'Structure model' pdbx_nmr_software     
3 4 'Structure model' pdbx_struct_assembly  
4 4 'Structure model' pdbx_struct_oper_list 
5 5 'Structure model' chem_comp_atom        
6 5 'Structure model' chem_comp_bond        
# 
loop_
_pdbx_audit_revision_item.ordinal 
_pdbx_audit_revision_item.revision_ordinal 
_pdbx_audit_revision_item.data_content_type 
_pdbx_audit_revision_item.item 
1 4 'Structure model' '_database_2.pdbx_DOI'                
2 4 'Structure model' '_database_2.pdbx_database_accession' 
3 4 'Structure model' '_pdbx_nmr_software.name'             
# 
_database_PDB_caveat.id     1 
_database_PDB_caveat.text   'CHIRALITY ERROR AT CB CENTER OF THR 76.' 
# 
_pdbx_database_status.status_code                     REL 
_pdbx_database_status.entry_id                        1J7R 
_pdbx_database_status.recvd_initial_deposition_date   2001-05-18 
_pdbx_database_status.deposit_site                    RCSB 
_pdbx_database_status.process_site                    RCSB 
_pdbx_database_status.status_code_mr                  REL 
_pdbx_database_status.SG_entry                        . 
_pdbx_database_status.pdb_format_compatible           Y 
_pdbx_database_status.status_code_sf                  ? 
_pdbx_database_status.status_code_cs                  ? 
_pdbx_database_status.status_code_nmr_data            ? 
_pdbx_database_status.methods_development_category    ? 
# 
loop_
_audit_author.name 
_audit_author.pdbx_ordinal 
'Theret, I.'    1 
'Baladi, S.'    2 
'Cox, J.A.'     3 
'Gallay, J.'    4 
'Sakamoto, H.'  5 
'Craescu, C.T.' 6 
# 
_citation.id                        primary 
_citation.title                     'Solution structure and backbone dynamics of the defunct domain of calcium vector protein.' 
_citation.journal_abbrev            Biochemistry 
_citation.journal_volume            40 
_citation.page_first                13888 
_citation.page_last                 13897 
_citation.year                      2001 
_citation.journal_id_ASTM           BICHAW 
_citation.country                   US 
_citation.journal_id_ISSN           0006-2960 
_citation.journal_id_CSD            0033 
_citation.book_publisher            ? 
_citation.pdbx_database_id_PubMed   11705378 
_citation.pdbx_database_id_DOI      10.1021/bi011444q 
# 
loop_
_citation_author.citation_id 
_citation_author.name 
_citation_author.ordinal 
_citation_author.identifier_ORCID 
primary 'Theret, I.'    1 ? 
primary 'Baladi, S.'    2 ? 
primary 'Cox, J.A.'     3 ? 
primary 'Gallay, J.'    4 ? 
primary 'Sakamoto, H.'  5 ? 
primary 'Craescu, C.T.' 6 ? 
# 
_entity.id                         1 
_entity.type                       polymer 
_entity.src_method                 man 
_entity.pdbx_description           'Calcium Vector Protein' 
_entity.formula_weight             9788.155 
_entity.pdbx_number_of_molecules   1 
_entity.pdbx_ec                    ? 
_entity.pdbx_mutation              ? 
_entity.pdbx_fragment              'N-terminal domain (residues 1-86)' 
_entity.details                    ? 
# 
_entity_name_com.entity_id   1 
_entity_name_com.name        CAVP 
# 
_entity_poly.entity_id                      1 
_entity_poly.type                           'polypeptide(L)' 
_entity_poly.nstd_linkage                   no 
_entity_poly.nstd_monomer                   no 
_entity_poly.pdbx_seq_one_letter_code       
;AAPKARALGPEEKDECMKIFDIFDRNAENIAPVSDTMDMLTKLGQTYTKRETEAIMKEARGPKGDKKNIGPEEWLTLCSK
WVRQDD
;
_entity_poly.pdbx_seq_one_letter_code_can   
;AAPKARALGPEEKDECMKIFDIFDRNAENIAPVSDTMDMLTKLGQTYTKRETEAIMKEARGPKGDKKNIGPEEWLTLCSK
WVRQDD
;
_entity_poly.pdbx_strand_id                 A 
_entity_poly.pdbx_target_identifier         ? 
# 
loop_
_entity_poly_seq.entity_id 
_entity_poly_seq.num 
_entity_poly_seq.mon_id 
_entity_poly_seq.hetero 
1 1  ALA n 
1 2  ALA n 
1 3  PRO n 
1 4  LYS n 
1 5  ALA n 
1 6  ARG n 
1 7  ALA n 
1 8  LEU n 
1 9  GLY n 
1 10 PRO n 
1 11 GLU n 
1 12 GLU n 
1 13 LYS n 
1 14 ASP n 
1 15 GLU n 
1 16 CYS n 
1 17 MET n 
1 18 LYS n 
1 19 ILE n 
1 20 PHE n 
1 21 ASP n 
1 22 ILE n 
1 23 PHE n 
1 24 ASP n 
1 25 ARG n 
1 26 ASN n 
1 27 ALA n 
1 28 GLU n 
1 29 ASN n 
1 30 ILE n 
1 31 ALA n 
1 32 PRO n 
1 33 VAL n 
1 34 SER n 
1 35 ASP n 
1 36 THR n 
1 37 MET n 
1 38 ASP n 
1 39 MET n 
1 40 LEU n 
1 41 THR n 
1 42 LYS n 
1 43 LEU n 
1 44 GLY n 
1 45 GLN n 
1 46 THR n 
1 47 TYR n 
1 48 THR n 
1 49 LYS n 
1 50 ARG n 
1 51 GLU n 
1 52 THR n 
1 53 GLU n 
1 54 ALA n 
1 55 ILE n 
1 56 MET n 
1 57 LYS n 
1 58 GLU n 
1 59 ALA n 
1 60 ARG n 
1 61 GLY n 
1 62 PRO n 
1 63 LYS n 
1 64 GLY n 
1 65 ASP n 
1 66 LYS n 
1 67 LYS n 
1 68 ASN n 
1 69 ILE n 
1 70 GLY n 
1 71 PRO n 
1 72 GLU n 
1 73 GLU n 
1 74 TRP n 
1 75 LEU n 
1 76 THR n 
1 77 LEU n 
1 78 CYS n 
1 79 SER n 
1 80 LYS n 
1 81 TRP n 
1 82 VAL n 
1 83 ARG n 
1 84 GLN n 
1 85 ASP n 
1 86 ASP n 
# 
_entity_src_gen.entity_id                          1 
_entity_src_gen.pdbx_src_id                        1 
_entity_src_gen.pdbx_alt_source_flag               sample 
_entity_src_gen.pdbx_seq_type                      ? 
_entity_src_gen.pdbx_beg_seq_num                   ? 
_entity_src_gen.pdbx_end_seq_num                   ? 
_entity_src_gen.gene_src_common_name               amphioxus 
_entity_src_gen.gene_src_genus                     Branchiostoma 
_entity_src_gen.pdbx_gene_src_gene                 ? 
_entity_src_gen.gene_src_species                   ? 
_entity_src_gen.gene_src_strain                    ? 
_entity_src_gen.gene_src_tissue                    ? 
_entity_src_gen.gene_src_tissue_fraction           ? 
_entity_src_gen.gene_src_details                   ? 
_entity_src_gen.pdbx_gene_src_fragment             ? 
_entity_src_gen.pdbx_gene_src_scientific_name      'Branchiostoma lanceolatum' 
_entity_src_gen.pdbx_gene_src_ncbi_taxonomy_id     7740 
_entity_src_gen.pdbx_gene_src_variant              ? 
_entity_src_gen.pdbx_gene_src_cell_line            ? 
_entity_src_gen.pdbx_gene_src_atcc                 ? 
_entity_src_gen.pdbx_gene_src_organ                ? 
_entity_src_gen.pdbx_gene_src_organelle            ? 
_entity_src_gen.pdbx_gene_src_cell                 ? 
_entity_src_gen.pdbx_gene_src_cellular_location    ? 
_entity_src_gen.host_org_common_name               ? 
_entity_src_gen.pdbx_host_org_scientific_name      'Escherichia coli BL21(DE3)' 
_entity_src_gen.pdbx_host_org_ncbi_taxonomy_id     469008 
_entity_src_gen.host_org_genus                     Escherichia 
_entity_src_gen.pdbx_host_org_gene                 ? 
_entity_src_gen.pdbx_host_org_organ                ? 
_entity_src_gen.host_org_species                   'Escherichia coli' 
_entity_src_gen.pdbx_host_org_tissue               ? 
_entity_src_gen.pdbx_host_org_tissue_fraction      ? 
_entity_src_gen.pdbx_host_org_strain               'BL21(DE3)' 
_entity_src_gen.pdbx_host_org_variant              ? 
_entity_src_gen.pdbx_host_org_cell_line            ? 
_entity_src_gen.pdbx_host_org_atcc                 ? 
_entity_src_gen.pdbx_host_org_culture_collection   ? 
_entity_src_gen.pdbx_host_org_cell                 ? 
_entity_src_gen.pdbx_host_org_organelle            ? 
_entity_src_gen.pdbx_host_org_cellular_location    ? 
_entity_src_gen.pdbx_host_org_vector_type          plasmid 
_entity_src_gen.pdbx_host_org_vector               ? 
_entity_src_gen.host_org_details                   ? 
_entity_src_gen.expression_system_id               ? 
_entity_src_gen.plasmid_name                       pET24a 
_entity_src_gen.plasmid_details                    ? 
_entity_src_gen.pdbx_description                   ? 
# 
loop_
_chem_comp.id 
_chem_comp.type 
_chem_comp.mon_nstd_flag 
_chem_comp.name 
_chem_comp.pdbx_synonyms 
_chem_comp.formula 
_chem_comp.formula_weight 
ALA 'L-peptide linking' y ALANINE         ? 'C3 H7 N O2'     89.093  
ARG 'L-peptide linking' y ARGININE        ? 'C6 H15 N4 O2 1' 175.209 
ASN 'L-peptide linking' y ASPARAGINE      ? 'C4 H8 N2 O3'    132.118 
ASP 'L-peptide linking' y 'ASPARTIC ACID' ? 'C4 H7 N O4'     133.103 
CYS 'L-peptide linking' y CYSTEINE        ? 'C3 H7 N O2 S'   121.158 
GLN 'L-peptide linking' y GLUTAMINE       ? 'C5 H10 N2 O3'   146.144 
GLU 'L-peptide linking' y 'GLUTAMIC ACID' ? 'C5 H9 N O4'     147.129 
GLY 'peptide linking'   y GLYCINE         ? 'C2 H5 N O2'     75.067  
ILE 'L-peptide linking' y ISOLEUCINE      ? 'C6 H13 N O2'    131.173 
LEU 'L-peptide linking' y LEUCINE         ? 'C6 H13 N O2'    131.173 
LYS 'L-peptide linking' y LYSINE          ? 'C6 H15 N2 O2 1' 147.195 
MET 'L-peptide linking' y METHIONINE      ? 'C5 H11 N O2 S'  149.211 
PHE 'L-peptide linking' y PHENYLALANINE   ? 'C9 H11 N O2'    165.189 
PRO 'L-peptide linking' y PROLINE         ? 'C5 H9 N O2'     115.130 
SER 'L-peptide linking' y SERINE          ? 'C3 H7 N O3'     105.093 
THR 'L-peptide linking' y THREONINE       ? 'C4 H9 N O3'     119.119 
TRP 'L-peptide linking' y TRYPTOPHAN      ? 'C11 H12 N2 O2'  204.225 
TYR 'L-peptide linking' y TYROSINE        ? 'C9 H11 N O3'    181.189 
VAL 'L-peptide linking' y VALINE          ? 'C5 H11 N O2'    117.146 
# 
loop_
_pdbx_poly_seq_scheme.asym_id 
_pdbx_poly_seq_scheme.entity_id 
_pdbx_poly_seq_scheme.seq_id 
_pdbx_poly_seq_scheme.mon_id 
_pdbx_poly_seq_scheme.ndb_seq_num 
_pdbx_poly_seq_scheme.pdb_seq_num 
_pdbx_poly_seq_scheme.auth_seq_num 
_pdbx_poly_seq_scheme.pdb_mon_id 
_pdbx_poly_seq_scheme.auth_mon_id 
_pdbx_poly_seq_scheme.pdb_strand_id 
_pdbx_poly_seq_scheme.pdb_ins_code 
_pdbx_poly_seq_scheme.hetero 
A 1 1  ALA 1  1  ?  ?   ?   A . n 
A 1 2  ALA 2  2  ?  ?   ?   A . n 
A 1 3  PRO 3  3  ?  ?   ?   A . n 
A 1 4  LYS 4  4  ?  ?   ?   A . n 
A 1 5  ALA 5  5  ?  ?   ?   A . n 
A 1 6  ARG 6  6  ?  ?   ?   A . n 
A 1 7  ALA 7  7  ?  ?   ?   A . n 
A 1 8  LEU 8  8  8  LEU LEU A . n 
A 1 9  GLY 9  9  9  GLY GLY A . n 
A 1 10 PRO 10 10 10 PRO PRO A . n 
A 1 11 GLU 11 11 11 GLU GLU A . n 
A 1 12 GLU 12 12 12 GLU GLU A . n 
A 1 13 LYS 13 13 13 LYS LYS A . n 
A 1 14 ASP 14 14 14 ASP ASP A . n 
A 1 15 GLU 15 15 15 GLU GLU A . n 
A 1 16 CYS 16 16 16 CYS CYS A . n 
A 1 17 MET 17 17 17 MET MET A . n 
A 1 18 LYS 18 18 18 LYS LYS A . n 
A 1 19 ILE 19 19 19 ILE ILE A . n 
A 1 20 PHE 20 20 20 PHE PHE A . n 
A 1 21 ASP 21 21 21 ASP ASP A . n 
A 1 22 ILE 22 22 22 ILE ILE A . n 
A 1 23 PHE 23 23 23 PHE PHE A . n 
A 1 24 ASP 24 24 24 ASP ASP A . n 
A 1 25 ARG 25 25 25 ARG ARG A . n 
A 1 26 ASN 26 26 26 ASN ASN A . n 
A 1 27 ALA 27 27 27 ALA ALA A . n 
A 1 28 GLU 28 28 28 GLU GLU A . n 
A 1 29 ASN 29 29 29 ASN ASN A . n 
A 1 30 ILE 30 30 30 ILE ILE A . n 
A 1 31 ALA 31 31 31 ALA ALA A . n 
A 1 32 PRO 32 32 32 PRO PRO A . n 
A 1 33 VAL 33 33 33 VAL VAL A . n 
A 1 34 SER 34 34 34 SER SER A . n 
A 1 35 ASP 35 35 35 ASP ASP A . n 
A 1 36 THR 36 36 36 THR THR A . n 
A 1 37 MET 37 37 37 MET MET A . n 
A 1 38 ASP 38 38 38 ASP ASP A . n 
A 1 39 MET 39 39 39 MET MET A . n 
A 1 40 LEU 40 40 40 LEU LEU A . n 
A 1 41 THR 41 41 41 THR THR A . n 
A 1 42 LYS 42 42 42 LYS LYS A . n 
A 1 43 LEU 43 43 43 LEU LEU A . n 
A 1 44 GLY 44 44 44 GLY GLY A . n 
A 1 45 GLN 45 45 45 GLN GLN A . n 
A 1 46 THR 46 46 46 THR THR A . n 
A 1 47 TYR 47 47 47 TYR TYR A . n 
A 1 48 THR 48 48 48 THR THR A . n 
A 1 49 LYS 49 49 49 LYS LYS A . n 
A 1 50 ARG 50 50 50 ARG ARG A . n 
A 1 51 GLU 51 51 51 GLU GLU A . n 
A 1 52 THR 52 52 52 THR THR A . n 
A 1 53 GLU 53 53 53 GLU GLU A . n 
A 1 54 ALA 54 54 54 ALA ALA A . n 
A 1 55 ILE 55 55 55 ILE ILE A . n 
A 1 56 MET 56 56 56 MET MET A . n 
A 1 57 LYS 57 57 57 LYS LYS A . n 
A 1 58 GLU 58 58 58 GLU GLU A . n 
A 1 59 ALA 59 59 59 ALA ALA A . n 
A 1 60 ARG 60 60 60 ARG ARG A . n 
A 1 61 GLY 61 61 61 GLY GLY A . n 
A 1 62 PRO 62 62 62 PRO PRO A . n 
A 1 63 LYS 63 63 63 LYS LYS A . n 
A 1 64 GLY 64 64 64 GLY GLY A . n 
A 1 65 ASP 65 65 65 ASP ASP A . n 
A 1 66 LYS 66 66 66 LYS LYS A . n 
A 1 67 LYS 67 67 67 LYS LYS A . n 
A 1 68 ASN 68 68 68 ASN ASN A . n 
A 1 69 ILE 69 69 69 ILE ILE A . n 
A 1 70 GLY 70 70 70 GLY GLY A . n 
A 1 71 PRO 71 71 71 PRO PRO A . n 
A 1 72 GLU 72 72 72 GLU GLU A . n 
A 1 73 GLU 73 73 73 GLU GLU A . n 
A 1 74 TRP 74 74 74 TRP TRP A . n 
A 1 75 LEU 75 75 75 LEU LEU A . n 
A 1 76 THR 76 76 76 THR THR A . n 
A 1 77 LEU 77 77 77 LEU LEU A . n 
A 1 78 CYS 78 78 78 CYS CYS A . n 
A 1 79 SER 79 79 79 SER SER A . n 
A 1 80 LYS 80 80 80 LYS LYS A . n 
A 1 81 TRP 81 81 81 TRP TRP A . n 
A 1 82 VAL 82 82 82 VAL VAL A . n 
A 1 83 ARG 83 83 83 ARG ARG A . n 
A 1 84 GLN 84 84 84 GLN GLN A . n 
A 1 85 ASP 85 85 ?  ?   ?   A . n 
A 1 86 ASP 86 86 ?  ?   ?   A . n 
# 
_exptl.entry_id          1J7R 
_exptl.method            'SOLUTION NMR' 
_exptl.crystals_number   ? 
# 
_struct.entry_id                  1J7R 
_struct.title                     
'Solution structure and backbone dynamics of the defunct EF-hand domain of Calcium Vector Protein' 
_struct.pdbx_model_details        ? 
_struct.pdbx_CASP_flag            ? 
_struct.pdbx_model_type_details   ? 
# 
_struct_keywords.entry_id        1J7R 
_struct_keywords.pdbx_keywords   'METAL BINDING PROTEIN' 
_struct_keywords.text            'EF-HAND, Calcium Binding Protein, METAL BINDING PROTEIN' 
# 
_struct_asym.id                            A 
_struct_asym.pdbx_blank_PDB_chainid_flag   N 
_struct_asym.pdbx_modified                 N 
_struct_asym.entity_id                     1 
_struct_asym.details                       ? 
# 
_struct_ref.id                         1 
_struct_ref.db_name                    UNP 
_struct_ref.db_code                    CAVP_BRALA 
_struct_ref.entity_id                  1 
_struct_ref.pdbx_seq_one_letter_code   
;AAPKARALGPEEKDECMKIFDIFDRNAENIAPVSDTMDMLTKLGQTYTKRETEAIMKEARGPKGDKKNIGPEEWLTLCSK
WVRQDD
;
_struct_ref.pdbx_align_begin           1 
_struct_ref.pdbx_db_accession          P04573 
_struct_ref.pdbx_db_isoform            ? 
# 
_struct_ref_seq.align_id                      1 
_struct_ref_seq.ref_id                        1 
_struct_ref_seq.pdbx_PDB_id_code              1J7R 
_struct_ref_seq.pdbx_strand_id                A 
_struct_ref_seq.seq_align_beg                 1 
_struct_ref_seq.pdbx_seq_align_beg_ins_code   ? 
_struct_ref_seq.seq_align_end                 86 
_struct_ref_seq.pdbx_seq_align_end_ins_code   ? 
_struct_ref_seq.pdbx_db_accession             P04573 
_struct_ref_seq.db_align_beg                  1 
_struct_ref_seq.pdbx_db_align_beg_ins_code    ? 
_struct_ref_seq.db_align_end                  86 
_struct_ref_seq.pdbx_db_align_end_ins_code    ? 
_struct_ref_seq.pdbx_auth_seq_align_beg       1 
_struct_ref_seq.pdbx_auth_seq_align_end       86 
# 
_pdbx_struct_assembly.id                   1 
_pdbx_struct_assembly.details              author_defined_assembly 
_pdbx_struct_assembly.method_details       ? 
_pdbx_struct_assembly.oligomeric_details   monomeric 
_pdbx_struct_assembly.oligomeric_count     1 
# 
_pdbx_struct_assembly_gen.assembly_id       1 
_pdbx_struct_assembly_gen.oper_expression   1 
_pdbx_struct_assembly_gen.asym_id_list      A 
# 
_pdbx_struct_oper_list.id                   1 
_pdbx_struct_oper_list.type                 'identity operation' 
_pdbx_struct_oper_list.name                 1_555 
_pdbx_struct_oper_list.symmetry_operation   x,y,z 
_pdbx_struct_oper_list.matrix[1][1]         1.0000000000 
_pdbx_struct_oper_list.matrix[1][2]         0.0000000000 
_pdbx_struct_oper_list.matrix[1][3]         0.0000000000 
_pdbx_struct_oper_list.vector[1]            0.0000000000 
_pdbx_struct_oper_list.matrix[2][1]         0.0000000000 
_pdbx_struct_oper_list.matrix[2][2]         1.0000000000 
_pdbx_struct_oper_list.matrix[2][3]         0.0000000000 
_pdbx_struct_oper_list.vector[2]            0.0000000000 
_pdbx_struct_oper_list.matrix[3][1]         0.0000000000 
_pdbx_struct_oper_list.matrix[3][2]         0.0000000000 
_pdbx_struct_oper_list.matrix[3][3]         1.0000000000 
_pdbx_struct_oper_list.vector[3]            0.0000000000 
# 
_struct_biol.id   1 
# 
loop_
_struct_conf.conf_type_id 
_struct_conf.id 
_struct_conf.pdbx_PDB_helix_id 
_struct_conf.beg_label_comp_id 
_struct_conf.beg_label_asym_id 
_struct_conf.beg_label_seq_id 
_struct_conf.pdbx_beg_PDB_ins_code 
_struct_conf.end_label_comp_id 
_struct_conf.end_label_asym_id 
_struct_conf.end_label_seq_id 
_struct_conf.pdbx_end_PDB_ins_code 
_struct_conf.beg_auth_comp_id 
_struct_conf.beg_auth_asym_id 
_struct_conf.beg_auth_seq_id 
_struct_conf.end_auth_comp_id 
_struct_conf.end_auth_asym_id 
_struct_conf.end_auth_seq_id 
_struct_conf.pdbx_PDB_helix_class 
_struct_conf.details 
_struct_conf.pdbx_PDB_helix_length 
HELX_P HELX_P1 1 LEU A 8  ? PRO A 10 ? LEU A 8  PRO A 10 5 ? 3  
HELX_P HELX_P2 2 GLU A 11 ? PHE A 23 ? GLU A 11 PHE A 23 1 ? 13 
HELX_P HELX_P3 3 PRO A 32 ? LEU A 43 ? PRO A 32 LEU A 43 1 ? 12 
HELX_P HELX_P4 4 ARG A 50 ? ALA A 59 ? ARG A 50 ALA A 59 1 ? 10 
HELX_P HELX_P5 5 GLU A 72 ? ARG A 83 ? GLU A 72 ARG A 83 1 ? 12 
# 
_struct_conf_type.id          HELX_P 
_struct_conf_type.criteria    ? 
_struct_conf_type.reference   ? 
# 
loop_
_pdbx_validate_close_contact.id 
_pdbx_validate_close_contact.PDB_model_num 
_pdbx_validate_close_contact.auth_atom_id_1 
_pdbx_validate_close_contact.auth_asym_id_1 
_pdbx_validate_close_contact.auth_comp_id_1 
_pdbx_validate_close_contact.auth_seq_id_1 
_pdbx_validate_close_contact.PDB_ins_code_1 
_pdbx_validate_close_contact.label_alt_id_1 
_pdbx_validate_close_contact.auth_atom_id_2 
_pdbx_validate_close_contact.auth_asym_id_2 
_pdbx_validate_close_contact.auth_comp_id_2 
_pdbx_validate_close_contact.auth_seq_id_2 
_pdbx_validate_close_contact.PDB_ins_code_2 
_pdbx_validate_close_contact.label_alt_id_2 
_pdbx_validate_close_contact.dist 
1 1 OE2 A GLU 12 ? ? HH A TYR 47 ? ? 1.56 
2 1 O   A MET 39 ? ? H  A LEU 43 ? ? 1.59 
# 
loop_
_pdbx_validate_rmsd_angle.id 
_pdbx_validate_rmsd_angle.PDB_model_num 
_pdbx_validate_rmsd_angle.auth_atom_id_1 
_pdbx_validate_rmsd_angle.auth_asym_id_1 
_pdbx_validate_rmsd_angle.auth_comp_id_1 
_pdbx_validate_rmsd_angle.auth_seq_id_1 
_pdbx_validate_rmsd_angle.PDB_ins_code_1 
_pdbx_validate_rmsd_angle.label_alt_id_1 
_pdbx_validate_rmsd_angle.auth_atom_id_2 
_pdbx_validate_rmsd_angle.auth_asym_id_2 
_pdbx_validate_rmsd_angle.auth_comp_id_2 
_pdbx_validate_rmsd_angle.auth_seq_id_2 
_pdbx_validate_rmsd_angle.PDB_ins_code_2 
_pdbx_validate_rmsd_angle.label_alt_id_2 
_pdbx_validate_rmsd_angle.auth_atom_id_3 
_pdbx_validate_rmsd_angle.auth_asym_id_3 
_pdbx_validate_rmsd_angle.auth_comp_id_3 
_pdbx_validate_rmsd_angle.auth_seq_id_3 
_pdbx_validate_rmsd_angle.PDB_ins_code_3 
_pdbx_validate_rmsd_angle.label_alt_id_3 
_pdbx_validate_rmsd_angle.angle_value 
_pdbx_validate_rmsd_angle.angle_target_value 
_pdbx_validate_rmsd_angle.angle_deviation 
_pdbx_validate_rmsd_angle.angle_standard_deviation 
_pdbx_validate_rmsd_angle.linker_flag 
1 1 CB  A TRP 74 ? ? CG  A TRP 74 ? ? CD2 A TRP 74 ? ? 117.04 126.60 -9.56  1.30 N 
2 1 CB  A TRP 74 ? ? CG  A TRP 74 ? ? CD1 A TRP 74 ? ? 117.49 127.00 -9.51  1.30 N 
3 1 NE1 A TRP 74 ? ? CE2 A TRP 74 ? ? CZ2 A TRP 74 ? ? 121.48 130.40 -8.92  1.10 N 
4 1 CG  A TRP 74 ? ? CD2 A TRP 74 ? ? CE3 A TRP 74 ? ? 121.03 133.90 -12.87 0.90 N 
5 1 NE1 A TRP 81 ? ? CE2 A TRP 81 ? ? CZ2 A TRP 81 ? ? 121.30 130.40 -9.10  1.10 N 
6 1 CG  A TRP 81 ? ? CD2 A TRP 81 ? ? CE3 A TRP 81 ? ? 122.20 133.90 -11.70 0.90 N 
7 1 N   A GLN 84 ? ? CA  A GLN 84 ? ? C   A GLN 84 ? ? 53.48  111.00 -57.52 2.70 N 
# 
loop_
_pdbx_validate_torsion.id 
_pdbx_validate_torsion.PDB_model_num 
_pdbx_validate_torsion.auth_comp_id 
_pdbx_validate_torsion.auth_asym_id 
_pdbx_validate_torsion.auth_seq_id 
_pdbx_validate_torsion.PDB_ins_code 
_pdbx_validate_torsion.label_alt_id 
_pdbx_validate_torsion.phi 
_pdbx_validate_torsion.psi 
1  1 ARG A 25 ? ? 87.69   -57.80  
2  1 ASN A 26 ? ? 167.70  -51.72  
3  1 ALA A 27 ? ? -153.03 79.81   
4  1 GLU A 28 ? ? -133.72 -44.44  
5  1 MET A 39 ? ? -66.99  -74.08  
6  1 LEU A 40 ? ? -68.84  0.06    
7  1 GLN A 45 ? ? -178.03 -57.46  
8  1 TYR A 47 ? ? -111.40 -103.30 
9  1 THR A 48 ? ? -83.31  -96.27  
10 1 LYS A 49 ? ? -165.05 -68.04  
11 1 ARG A 60 ? ? -50.11  -87.29  
12 1 LYS A 66 ? ? -144.34 55.54   
# 
_pdbx_validate_chiral.id              1 
_pdbx_validate_chiral.PDB_model_num   1 
_pdbx_validate_chiral.auth_atom_id    CB 
_pdbx_validate_chiral.label_alt_id    ? 
_pdbx_validate_chiral.auth_asym_id    A 
_pdbx_validate_chiral.auth_comp_id    THR 
_pdbx_validate_chiral.auth_seq_id     76 
_pdbx_validate_chiral.PDB_ins_code    ? 
_pdbx_validate_chiral.details         'WRONG HAND' 
_pdbx_validate_chiral.omega           . 
# 
loop_
_pdbx_validate_planes.id 
_pdbx_validate_planes.PDB_model_num 
_pdbx_validate_planes.auth_comp_id 
_pdbx_validate_planes.auth_asym_id 
_pdbx_validate_planes.auth_seq_id 
_pdbx_validate_planes.PDB_ins_code 
_pdbx_validate_planes.label_alt_id 
_pdbx_validate_planes.rmsd 
_pdbx_validate_planes.type 
1 1 PHE A 20 ? ? 0.258 'SIDE CHAIN' 
2 1 ARG A 25 ? ? 0.202 'SIDE CHAIN' 
3 1 TYR A 47 ? ? 0.097 'SIDE CHAIN' 
4 1 ARG A 50 ? ? 0.122 'SIDE CHAIN' 
5 1 ARG A 60 ? ? 0.206 'SIDE CHAIN' 
6 1 ARG A 83 ? ? 0.152 'SIDE CHAIN' 
# 
_pdbx_nmr_ensemble.entry_id                             1J7R 
_pdbx_nmr_ensemble.conformers_calculated_total_number   ? 
_pdbx_nmr_ensemble.conformers_submitted_total_number    1 
_pdbx_nmr_ensemble.conformer_selection_criteria         ? 
# 
loop_
_pdbx_nmr_sample_details.solution_id 
_pdbx_nmr_sample_details.contents 
_pdbx_nmr_sample_details.solvent_system 
1 '1.5 mM N-CaVP unlabeled, 20 mM Deuterated Tris buffer, 100 mM KCl'             '8% D20' 
2 '1.5 mM N-CaVP uniformly 15N labeled, 20 mM Deuterated Tris buffer, 100 mM KCl' '8% D20' 
# 
_pdbx_nmr_exptl_sample_conditions.conditions_id       1 
_pdbx_nmr_exptl_sample_conditions.temperature         298 
_pdbx_nmr_exptl_sample_conditions.pressure            ambient 
_pdbx_nmr_exptl_sample_conditions.pH                  6.5 
_pdbx_nmr_exptl_sample_conditions.ionic_strength      '100 mM KCL' 
_pdbx_nmr_exptl_sample_conditions.pressure_units      ? 
_pdbx_nmr_exptl_sample_conditions.temperature_units   K 
# 
loop_
_pdbx_nmr_exptl.experiment_id 
_pdbx_nmr_exptl.solution_id 
_pdbx_nmr_exptl.conditions_id 
_pdbx_nmr_exptl.type 
1 1 1 '2D NOESY'             
2 2 1 3D_15N-separated_NOESY 
# 
_pdbx_nmr_details.entry_id   1J7R 
_pdbx_nmr_details.text       'Residues listed in remark 465 are missing due to lack of NMR contsraints.' 
# 
_pdbx_nmr_refine.entry_id           1J7R 
_pdbx_nmr_refine.method             
;distance geometry 
simulated annealing
;
_pdbx_nmr_refine.details            ? 
_pdbx_nmr_refine.software_ordinal   1 
# 
loop_
_pdbx_nmr_software.name 
_pdbx_nmr_software.version 
_pdbx_nmr_software.classification 
_pdbx_nmr_software.authors 
_pdbx_nmr_software.ordinal 
Felix    97.0 processing           MSI 1 
Felix    97.0 'data analysis'      MSI 2 
Felix    97.0 collection           MSI 3 
DGII     97.0 'structure solution' MSI 4 
Discover ?    refinement           MSI 5 
# 
loop_
_pdbx_unobs_or_zero_occ_residues.id 
_pdbx_unobs_or_zero_occ_residues.PDB_model_num 
_pdbx_unobs_or_zero_occ_residues.polymer_flag 
_pdbx_unobs_or_zero_occ_residues.occupancy_flag 
_pdbx_unobs_or_zero_occ_residues.auth_asym_id 
_pdbx_unobs_or_zero_occ_residues.auth_comp_id 
_pdbx_unobs_or_zero_occ_residues.auth_seq_id 
_pdbx_unobs_or_zero_occ_residues.PDB_ins_code 
_pdbx_unobs_or_zero_occ_residues.label_asym_id 
_pdbx_unobs_or_zero_occ_residues.label_comp_id 
_pdbx_unobs_or_zero_occ_residues.label_seq_id 
1 1 Y 1 A ALA 1  ? A ALA 1  
2 1 Y 1 A ALA 2  ? A ALA 2  
3 1 Y 1 A PRO 3  ? A PRO 3  
4 1 Y 1 A LYS 4  ? A LYS 4  
5 1 Y 1 A ALA 5  ? A ALA 5  
6 1 Y 1 A ARG 6  ? A ARG 6  
7 1 Y 1 A ALA 7  ? A ALA 7  
8 1 Y 1 A ASP 85 ? A ASP 85 
9 1 Y 1 A ASP 86 ? A ASP 86 
# 
loop_
_chem_comp_atom.comp_id 
_chem_comp_atom.atom_id 
_chem_comp_atom.type_symbol 
_chem_comp_atom.pdbx_aromatic_flag 
_chem_comp_atom.pdbx_stereo_config 
_chem_comp_atom.pdbx_ordinal 
ALA N    N N N 1   
ALA CA   C N S 2   
ALA C    C N N 3   
ALA O    O N N 4   
ALA CB   C N N 5   
ALA OXT  O N N 6   
ALA H    H N N 7   
ALA H2   H N N 8   
ALA HA   H N N 9   
ALA HB1  H N N 10  
ALA HB2  H N N 11  
ALA HB3  H N N 12  
ALA HXT  H N N 13  
ARG N    N N N 14  
ARG CA   C N S 15  
ARG C    C N N 16  
ARG O    O N N 17  
ARG CB   C N N 18  
ARG CG   C N N 19  
ARG CD   C N N 20  
ARG NE   N N N 21  
ARG CZ   C N N 22  
ARG NH1  N N N 23  
ARG NH2  N N N 24  
ARG OXT  O N N 25  
ARG H    H N N 26  
ARG H2   H N N 27  
ARG HA   H N N 28  
ARG HB2  H N N 29  
ARG HB3  H N N 30  
ARG HG2  H N N 31  
ARG HG3  H N N 32  
ARG HD2  H N N 33  
ARG HD3  H N N 34  
ARG HE   H N N 35  
ARG HH11 H N N 36  
ARG HH12 H N N 37  
ARG HH21 H N N 38  
ARG HH22 H N N 39  
ARG HXT  H N N 40  
ASN N    N N N 41  
ASN CA   C N S 42  
ASN C    C N N 43  
ASN O    O N N 44  
ASN CB   C N N 45  
ASN CG   C N N 46  
ASN OD1  O N N 47  
ASN ND2  N N N 48  
ASN OXT  O N N 49  
ASN H    H N N 50  
ASN H2   H N N 51  
ASN HA   H N N 52  
ASN HB2  H N N 53  
ASN HB3  H N N 54  
ASN HD21 H N N 55  
ASN HD22 H N N 56  
ASN HXT  H N N 57  
ASP N    N N N 58  
ASP CA   C N S 59  
ASP C    C N N 60  
ASP O    O N N 61  
ASP CB   C N N 62  
ASP CG   C N N 63  
ASP OD1  O N N 64  
ASP OD2  O N N 65  
ASP OXT  O N N 66  
ASP H    H N N 67  
ASP H2   H N N 68  
ASP HA   H N N 69  
ASP HB2  H N N 70  
ASP HB3  H N N 71  
ASP HD2  H N N 72  
ASP HXT  H N N 73  
CYS N    N N N 74  
CYS CA   C N R 75  
CYS C    C N N 76  
CYS O    O N N 77  
CYS CB   C N N 78  
CYS SG   S N N 79  
CYS OXT  O N N 80  
CYS H    H N N 81  
CYS H2   H N N 82  
CYS HA   H N N 83  
CYS HB2  H N N 84  
CYS HB3  H N N 85  
CYS HG   H N N 86  
CYS HXT  H N N 87  
GLN N    N N N 88  
GLN CA   C N S 89  
GLN C    C N N 90  
GLN O    O N N 91  
GLN CB   C N N 92  
GLN CG   C N N 93  
GLN CD   C N N 94  
GLN OE1  O N N 95  
GLN NE2  N N N 96  
GLN OXT  O N N 97  
GLN H    H N N 98  
GLN H2   H N N 99  
GLN HA   H N N 100 
GLN HB2  H N N 101 
GLN HB3  H N N 102 
GLN HG2  H N N 103 
GLN HG3  H N N 104 
GLN HE21 H N N 105 
GLN HE22 H N N 106 
GLN HXT  H N N 107 
GLU N    N N N 108 
GLU CA   C N S 109 
GLU C    C N N 110 
GLU O    O N N 111 
GLU CB   C N N 112 
GLU CG   C N N 113 
GLU CD   C N N 114 
GLU OE1  O N N 115 
GLU OE2  O N N 116 
GLU OXT  O N N 117 
GLU H    H N N 118 
GLU H2   H N N 119 
GLU HA   H N N 120 
GLU HB2  H N N 121 
GLU HB3  H N N 122 
GLU HG2  H N N 123 
GLU HG3  H N N 124 
GLU HE2  H N N 125 
GLU HXT  H N N 126 
GLY N    N N N 127 
GLY CA   C N N 128 
GLY C    C N N 129 
GLY O    O N N 130 
GLY OXT  O N N 131 
GLY H    H N N 132 
GLY H2   H N N 133 
GLY HA2  H N N 134 
GLY HA3  H N N 135 
GLY HXT  H N N 136 
ILE N    N N N 137 
ILE CA   C N S 138 
ILE C    C N N 139 
ILE O    O N N 140 
ILE CB   C N S 141 
ILE CG1  C N N 142 
ILE CG2  C N N 143 
ILE CD1  C N N 144 
ILE OXT  O N N 145 
ILE H    H N N 146 
ILE H2   H N N 147 
ILE HA   H N N 148 
ILE HB   H N N 149 
ILE HG12 H N N 150 
ILE HG13 H N N 151 
ILE HG21 H N N 152 
ILE HG22 H N N 153 
ILE HG23 H N N 154 
ILE HD11 H N N 155 
ILE HD12 H N N 156 
ILE HD13 H N N 157 
ILE HXT  H N N 158 
LEU N    N N N 159 
LEU CA   C N S 160 
LEU C    C N N 161 
LEU O    O N N 162 
LEU CB   C N N 163 
LEU CG   C N N 164 
LEU CD1  C N N 165 
LEU CD2  C N N 166 
LEU OXT  O N N 167 
LEU H    H N N 168 
LEU H2   H N N 169 
LEU HA   H N N 170 
LEU HB2  H N N 171 
LEU HB3  H N N 172 
LEU HG   H N N 173 
LEU HD11 H N N 174 
LEU HD12 H N N 175 
LEU HD13 H N N 176 
LEU HD21 H N N 177 
LEU HD22 H N N 178 
LEU HD23 H N N 179 
LEU HXT  H N N 180 
LYS N    N N N 181 
LYS CA   C N S 182 
LYS C    C N N 183 
LYS O    O N N 184 
LYS CB   C N N 185 
LYS CG   C N N 186 
LYS CD   C N N 187 
LYS CE   C N N 188 
LYS NZ   N N N 189 
LYS OXT  O N N 190 
LYS H    H N N 191 
LYS H2   H N N 192 
LYS HA   H N N 193 
LYS HB2  H N N 194 
LYS HB3  H N N 195 
LYS HG2  H N N 196 
LYS HG3  H N N 197 
LYS HD2  H N N 198 
LYS HD3  H N N 199 
LYS HE2  H N N 200 
LYS HE3  H N N 201 
LYS HZ1  H N N 202 
LYS HZ2  H N N 203 
LYS HZ3  H N N 204 
LYS HXT  H N N 205 
MET N    N N N 206 
MET CA   C N S 207 
MET C    C N N 208 
MET O    O N N 209 
MET CB   C N N 210 
MET CG   C N N 211 
MET SD   S N N 212 
MET CE   C N N 213 
MET OXT  O N N 214 
MET H    H N N 215 
MET H2   H N N 216 
MET HA   H N N 217 
MET HB2  H N N 218 
MET HB3  H N N 219 
MET HG2  H N N 220 
MET HG3  H N N 221 
MET HE1  H N N 222 
MET HE2  H N N 223 
MET HE3  H N N 224 
MET HXT  H N N 225 
PHE N    N N N 226 
PHE CA   C N S 227 
PHE C    C N N 228 
PHE O    O N N 229 
PHE CB   C N N 230 
PHE CG   C Y N 231 
PHE CD1  C Y N 232 
PHE CD2  C Y N 233 
PHE CE1  C Y N 234 
PHE CE2  C Y N 235 
PHE CZ   C Y N 236 
PHE OXT  O N N 237 
PHE H    H N N 238 
PHE H2   H N N 239 
PHE HA   H N N 240 
PHE HB2  H N N 241 
PHE HB3  H N N 242 
PHE HD1  H N N 243 
PHE HD2  H N N 244 
PHE HE1  H N N 245 
PHE HE2  H N N 246 
PHE HZ   H N N 247 
PHE HXT  H N N 248 
PRO N    N N N 249 
PRO CA   C N S 250 
PRO C    C N N 251 
PRO O    O N N 252 
PRO CB   C N N 253 
PRO CG   C N N 254 
PRO CD   C N N 255 
PRO OXT  O N N 256 
PRO H    H N N 257 
PRO HA   H N N 258 
PRO HB2  H N N 259 
PRO HB3  H N N 260 
PRO HG2  H N N 261 
PRO HG3  H N N 262 
PRO HD2  H N N 263 
PRO HD3  H N N 264 
PRO HXT  H N N 265 
SER N    N N N 266 
SER CA   C N S 267 
SER C    C N N 268 
SER O    O N N 269 
SER CB   C N N 270 
SER OG   O N N 271 
SER OXT  O N N 272 
SER H    H N N 273 
SER H2   H N N 274 
SER HA   H N N 275 
SER HB2  H N N 276 
SER HB3  H N N 277 
SER HG   H N N 278 
SER HXT  H N N 279 
THR N    N N N 280 
THR CA   C N S 281 
THR C    C N N 282 
THR O    O N N 283 
THR CB   C N R 284 
THR OG1  O N N 285 
THR CG2  C N N 286 
THR OXT  O N N 287 
THR H    H N N 288 
THR H2   H N N 289 
THR HA   H N N 290 
THR HB   H N N 291 
THR HG1  H N N 292 
THR HG21 H N N 293 
THR HG22 H N N 294 
THR HG23 H N N 295 
THR HXT  H N N 296 
TRP N    N N N 297 
TRP CA   C N S 298 
TRP C    C N N 299 
TRP O    O N N 300 
TRP CB   C N N 301 
TRP CG   C Y N 302 
TRP CD1  C Y N 303 
TRP CD2  C Y N 304 
TRP NE1  N Y N 305 
TRP CE2  C Y N 306 
TRP CE3  C Y N 307 
TRP CZ2  C Y N 308 
TRP CZ3  C Y N 309 
TRP CH2  C Y N 310 
TRP OXT  O N N 311 
TRP H    H N N 312 
TRP H2   H N N 313 
TRP HA   H N N 314 
TRP HB2  H N N 315 
TRP HB3  H N N 316 
TRP HD1  H N N 317 
TRP HE1  H N N 318 
TRP HE3  H N N 319 
TRP HZ2  H N N 320 
TRP HZ3  H N N 321 
TRP HH2  H N N 322 
TRP HXT  H N N 323 
TYR N    N N N 324 
TYR CA   C N S 325 
TYR C    C N N 326 
TYR O    O N N 327 
TYR CB   C N N 328 
TYR CG   C Y N 329 
TYR CD1  C Y N 330 
TYR CD2  C Y N 331 
TYR CE1  C Y N 332 
TYR CE2  C Y N 333 
TYR CZ   C Y N 334 
TYR OH   O N N 335 
TYR OXT  O N N 336 
TYR H    H N N 337 
TYR H2   H N N 338 
TYR HA   H N N 339 
TYR HB2  H N N 340 
TYR HB3  H N N 341 
TYR HD1  H N N 342 
TYR HD2  H N N 343 
TYR HE1  H N N 344 
TYR HE2  H N N 345 
TYR HH   H N N 346 
TYR HXT  H N N 347 
VAL N    N N N 348 
VAL CA   C N S 349 
VAL C    C N N 350 
VAL O    O N N 351 
VAL CB   C N N 352 
VAL CG1  C N N 353 
VAL CG2  C N N 354 
VAL OXT  O N N 355 
VAL H    H N N 356 
VAL H2   H N N 357 
VAL HA   H N N 358 
VAL HB   H N N 359 
VAL HG11 H N N 360 
VAL HG12 H N N 361 
VAL HG13 H N N 362 
VAL HG21 H N N 363 
VAL HG22 H N N 364 
VAL HG23 H N N 365 
VAL HXT  H N N 366 
# 
loop_
_chem_comp_bond.comp_id 
_chem_comp_bond.atom_id_1 
_chem_comp_bond.atom_id_2 
_chem_comp_bond.value_order 
_chem_comp_bond.pdbx_aromatic_flag 
_chem_comp_bond.pdbx_stereo_config 
_chem_comp_bond.pdbx_ordinal 
ALA N   CA   sing N N 1   
ALA N   H    sing N N 2   
ALA N   H2   sing N N 3   
ALA CA  C    sing N N 4   
ALA CA  CB   sing N N 5   
ALA CA  HA   sing N N 6   
ALA C   O    doub N N 7   
ALA C   OXT  sing N N 8   
ALA CB  HB1  sing N N 9   
ALA CB  HB2  sing N N 10  
ALA CB  HB3  sing N N 11  
ALA OXT HXT  sing N N 12  
ARG N   CA   sing N N 13  
ARG N   H    sing N N 14  
ARG N   H2   sing N N 15  
ARG CA  C    sing N N 16  
ARG CA  CB   sing N N 17  
ARG CA  HA   sing N N 18  
ARG C   O    doub N N 19  
ARG C   OXT  sing N N 20  
ARG CB  CG   sing N N 21  
ARG CB  HB2  sing N N 22  
ARG CB  HB3  sing N N 23  
ARG CG  CD   sing N N 24  
ARG CG  HG2  sing N N 25  
ARG CG  HG3  sing N N 26  
ARG CD  NE   sing N N 27  
ARG CD  HD2  sing N N 28  
ARG CD  HD3  sing N N 29  
ARG NE  CZ   sing N N 30  
ARG NE  HE   sing N N 31  
ARG CZ  NH1  sing N N 32  
ARG CZ  NH2  doub N N 33  
ARG NH1 HH11 sing N N 34  
ARG NH1 HH12 sing N N 35  
ARG NH2 HH21 sing N N 36  
ARG NH2 HH22 sing N N 37  
ARG OXT HXT  sing N N 38  
ASN N   CA   sing N N 39  
ASN N   H    sing N N 40  
ASN N   H2   sing N N 41  
ASN CA  C    sing N N 42  
ASN CA  CB   sing N N 43  
ASN CA  HA   sing N N 44  
ASN C   O    doub N N 45  
ASN C   OXT  sing N N 46  
ASN CB  CG   sing N N 47  
ASN CB  HB2  sing N N 48  
ASN CB  HB3  sing N N 49  
ASN CG  OD1  doub N N 50  
ASN CG  ND2  sing N N 51  
ASN ND2 HD21 sing N N 52  
ASN ND2 HD22 sing N N 53  
ASN OXT HXT  sing N N 54  
ASP N   CA   sing N N 55  
ASP N   H    sing N N 56  
ASP N   H2   sing N N 57  
ASP CA  C    sing N N 58  
ASP CA  CB   sing N N 59  
ASP CA  HA   sing N N 60  
ASP C   O    doub N N 61  
ASP C   OXT  sing N N 62  
ASP CB  CG   sing N N 63  
ASP CB  HB2  sing N N 64  
ASP CB  HB3  sing N N 65  
ASP CG  OD1  doub N N 66  
ASP CG  OD2  sing N N 67  
ASP OD2 HD2  sing N N 68  
ASP OXT HXT  sing N N 69  
CYS N   CA   sing N N 70  
CYS N   H    sing N N 71  
CYS N   H2   sing N N 72  
CYS CA  C    sing N N 73  
CYS CA  CB   sing N N 74  
CYS CA  HA   sing N N 75  
CYS C   O    doub N N 76  
CYS C   OXT  sing N N 77  
CYS CB  SG   sing N N 78  
CYS CB  HB2  sing N N 79  
CYS CB  HB3  sing N N 80  
CYS SG  HG   sing N N 81  
CYS OXT HXT  sing N N 82  
GLN N   CA   sing N N 83  
GLN N   H    sing N N 84  
GLN N   H2   sing N N 85  
GLN CA  C    sing N N 86  
GLN CA  CB   sing N N 87  
GLN CA  HA   sing N N 88  
GLN C   O    doub N N 89  
GLN C   OXT  sing N N 90  
GLN CB  CG   sing N N 91  
GLN CB  HB2  sing N N 92  
GLN CB  HB3  sing N N 93  
GLN CG  CD   sing N N 94  
GLN CG  HG2  sing N N 95  
GLN CG  HG3  sing N N 96  
GLN CD  OE1  doub N N 97  
GLN CD  NE2  sing N N 98  
GLN NE2 HE21 sing N N 99  
GLN NE2 HE22 sing N N 100 
GLN OXT HXT  sing N N 101 
GLU N   CA   sing N N 102 
GLU N   H    sing N N 103 
GLU N   H2   sing N N 104 
GLU CA  C    sing N N 105 
GLU CA  CB   sing N N 106 
GLU CA  HA   sing N N 107 
GLU C   O    doub N N 108 
GLU C   OXT  sing N N 109 
GLU CB  CG   sing N N 110 
GLU CB  HB2  sing N N 111 
GLU CB  HB3  sing N N 112 
GLU CG  CD   sing N N 113 
GLU CG  HG2  sing N N 114 
GLU CG  HG3  sing N N 115 
GLU CD  OE1  doub N N 116 
GLU CD  OE2  sing N N 117 
GLU OE2 HE2  sing N N 118 
GLU OXT HXT  sing N N 119 
GLY N   CA   sing N N 120 
GLY N   H    sing N N 121 
GLY N   H2   sing N N 122 
GLY CA  C    sing N N 123 
GLY CA  HA2  sing N N 124 
GLY CA  HA3  sing N N 125 
GLY C   O    doub N N 126 
GLY C   OXT  sing N N 127 
GLY OXT HXT  sing N N 128 
ILE N   CA   sing N N 129 
ILE N   H    sing N N 130 
ILE N   H2   sing N N 131 
ILE CA  C    sing N N 132 
ILE CA  CB   sing N N 133 
ILE CA  HA   sing N N 134 
ILE C   O    doub N N 135 
ILE C   OXT  sing N N 136 
ILE CB  CG1  sing N N 137 
ILE CB  CG2  sing N N 138 
ILE CB  HB   sing N N 139 
ILE CG1 CD1  sing N N 140 
ILE CG1 HG12 sing N N 141 
ILE CG1 HG13 sing N N 142 
ILE CG2 HG21 sing N N 143 
ILE CG2 HG22 sing N N 144 
ILE CG2 HG23 sing N N 145 
ILE CD1 HD11 sing N N 146 
ILE CD1 HD12 sing N N 147 
ILE CD1 HD13 sing N N 148 
ILE OXT HXT  sing N N 149 
LEU N   CA   sing N N 150 
LEU N   H    sing N N 151 
LEU N   H2   sing N N 152 
LEU CA  C    sing N N 153 
LEU CA  CB   sing N N 154 
LEU CA  HA   sing N N 155 
LEU C   O    doub N N 156 
LEU C   OXT  sing N N 157 
LEU CB  CG   sing N N 158 
LEU CB  HB2  sing N N 159 
LEU CB  HB3  sing N N 160 
LEU CG  CD1  sing N N 161 
LEU CG  CD2  sing N N 162 
LEU CG  HG   sing N N 163 
LEU CD1 HD11 sing N N 164 
LEU CD1 HD12 sing N N 165 
LEU CD1 HD13 sing N N 166 
LEU CD2 HD21 sing N N 167 
LEU CD2 HD22 sing N N 168 
LEU CD2 HD23 sing N N 169 
LEU OXT HXT  sing N N 170 
LYS N   CA   sing N N 171 
LYS N   H    sing N N 172 
LYS N   H2   sing N N 173 
LYS CA  C    sing N N 174 
LYS CA  CB   sing N N 175 
LYS CA  HA   sing N N 176 
LYS C   O    doub N N 177 
LYS C   OXT  sing N N 178 
LYS CB  CG   sing N N 179 
LYS CB  HB2  sing N N 180 
LYS CB  HB3  sing N N 181 
LYS CG  CD   sing N N 182 
LYS CG  HG2  sing N N 183 
LYS CG  HG3  sing N N 184 
LYS CD  CE   sing N N 185 
LYS CD  HD2  sing N N 186 
LYS CD  HD3  sing N N 187 
LYS CE  NZ   sing N N 188 
LYS CE  HE2  sing N N 189 
LYS CE  HE3  sing N N 190 
LYS NZ  HZ1  sing N N 191 
LYS NZ  HZ2  sing N N 192 
LYS NZ  HZ3  sing N N 193 
LYS OXT HXT  sing N N 194 
MET N   CA   sing N N 195 
MET N   H    sing N N 196 
MET N   H2   sing N N 197 
MET CA  C    sing N N 198 
MET CA  CB   sing N N 199 
MET CA  HA   sing N N 200 
MET C   O    doub N N 201 
MET C   OXT  sing N N 202 
MET CB  CG   sing N N 203 
MET CB  HB2  sing N N 204 
MET CB  HB3  sing N N 205 
MET CG  SD   sing N N 206 
MET CG  HG2  sing N N 207 
MET CG  HG3  sing N N 208 
MET SD  CE   sing N N 209 
MET CE  HE1  sing N N 210 
MET CE  HE2  sing N N 211 
MET CE  HE3  sing N N 212 
MET OXT HXT  sing N N 213 
PHE N   CA   sing N N 214 
PHE N   H    sing N N 215 
PHE N   H2   sing N N 216 
PHE CA  C    sing N N 217 
PHE CA  CB   sing N N 218 
PHE CA  HA   sing N N 219 
PHE C   O    doub N N 220 
PHE C   OXT  sing N N 221 
PHE CB  CG   sing N N 222 
PHE CB  HB2  sing N N 223 
PHE CB  HB3  sing N N 224 
PHE CG  CD1  doub Y N 225 
PHE CG  CD2  sing Y N 226 
PHE CD1 CE1  sing Y N 227 
PHE CD1 HD1  sing N N 228 
PHE CD2 CE2  doub Y N 229 
PHE CD2 HD2  sing N N 230 
PHE CE1 CZ   doub Y N 231 
PHE CE1 HE1  sing N N 232 
PHE CE2 CZ   sing Y N 233 
PHE CE2 HE2  sing N N 234 
PHE CZ  HZ   sing N N 235 
PHE OXT HXT  sing N N 236 
PRO N   CA   sing N N 237 
PRO N   CD   sing N N 238 
PRO N   H    sing N N 239 
PRO CA  C    sing N N 240 
PRO CA  CB   sing N N 241 
PRO CA  HA   sing N N 242 
PRO C   O    doub N N 243 
PRO C   OXT  sing N N 244 
PRO CB  CG   sing N N 245 
PRO CB  HB2  sing N N 246 
PRO CB  HB3  sing N N 247 
PRO CG  CD   sing N N 248 
PRO CG  HG2  sing N N 249 
PRO CG  HG3  sing N N 250 
PRO CD  HD2  sing N N 251 
PRO CD  HD3  sing N N 252 
PRO OXT HXT  sing N N 253 
SER N   CA   sing N N 254 
SER N   H    sing N N 255 
SER N   H2   sing N N 256 
SER CA  C    sing N N 257 
SER CA  CB   sing N N 258 
SER CA  HA   sing N N 259 
SER C   O    doub N N 260 
SER C   OXT  sing N N 261 
SER CB  OG   sing N N 262 
SER CB  HB2  sing N N 263 
SER CB  HB3  sing N N 264 
SER OG  HG   sing N N 265 
SER OXT HXT  sing N N 266 
THR N   CA   sing N N 267 
THR N   H    sing N N 268 
THR N   H2   sing N N 269 
THR CA  C    sing N N 270 
THR CA  CB   sing N N 271 
THR CA  HA   sing N N 272 
THR C   O    doub N N 273 
THR C   OXT  sing N N 274 
THR CB  OG1  sing N N 275 
THR CB  CG2  sing N N 276 
THR CB  HB   sing N N 277 
THR OG1 HG1  sing N N 278 
THR CG2 HG21 sing N N 279 
THR CG2 HG22 sing N N 280 
THR CG2 HG23 sing N N 281 
THR OXT HXT  sing N N 282 
TRP N   CA   sing N N 283 
TRP N   H    sing N N 284 
TRP N   H2   sing N N 285 
TRP CA  C    sing N N 286 
TRP CA  CB   sing N N 287 
TRP CA  HA   sing N N 288 
TRP C   O    doub N N 289 
TRP C   OXT  sing N N 290 
TRP CB  CG   sing N N 291 
TRP CB  HB2  sing N N 292 
TRP CB  HB3  sing N N 293 
TRP CG  CD1  doub Y N 294 
TRP CG  CD2  sing Y N 295 
TRP CD1 NE1  sing Y N 296 
TRP CD1 HD1  sing N N 297 
TRP CD2 CE2  doub Y N 298 
TRP CD2 CE3  sing Y N 299 
TRP NE1 CE2  sing Y N 300 
TRP NE1 HE1  sing N N 301 
TRP CE2 CZ2  sing Y N 302 
TRP CE3 CZ3  doub Y N 303 
TRP CE3 HE3  sing N N 304 
TRP CZ2 CH2  doub Y N 305 
TRP CZ2 HZ2  sing N N 306 
TRP CZ3 CH2  sing Y N 307 
TRP CZ3 HZ3  sing N N 308 
TRP CH2 HH2  sing N N 309 
TRP OXT HXT  sing N N 310 
TYR N   CA   sing N N 311 
TYR N   H    sing N N 312 
TYR N   H2   sing N N 313 
TYR CA  C    sing N N 314 
TYR CA  CB   sing N N 315 
TYR CA  HA   sing N N 316 
TYR C   O    doub N N 317 
TYR C   OXT  sing N N 318 
TYR CB  CG   sing N N 319 
TYR CB  HB2  sing N N 320 
TYR CB  HB3  sing N N 321 
TYR CG  CD1  doub Y N 322 
TYR CG  CD2  sing Y N 323 
TYR CD1 CE1  sing Y N 324 
TYR CD1 HD1  sing N N 325 
TYR CD2 CE2  doub Y N 326 
TYR CD2 HD2  sing N N 327 
TYR CE1 CZ   doub Y N 328 
TYR CE1 HE1  sing N N 329 
TYR CE2 CZ   sing Y N 330 
TYR CE2 HE2  sing N N 331 
TYR CZ  OH   sing N N 332 
TYR OH  HH   sing N N 333 
TYR OXT HXT  sing N N 334 
VAL N   CA   sing N N 335 
VAL N   H    sing N N 336 
VAL N   H2   sing N N 337 
VAL CA  C    sing N N 338 
VAL CA  CB   sing N N 339 
VAL CA  HA   sing N N 340 
VAL C   O    doub N N 341 
VAL C   OXT  sing N N 342 
VAL CB  CG1  sing N N 343 
VAL CB  CG2  sing N N 344 
VAL CB  HB   sing N N 345 
VAL CG1 HG11 sing N N 346 
VAL CG1 HG12 sing N N 347 
VAL CG1 HG13 sing N N 348 
VAL CG2 HG21 sing N N 349 
VAL CG2 HG22 sing N N 350 
VAL CG2 HG23 sing N N 351 
VAL OXT HXT  sing N N 352 
# 
_pdbx_nmr_spectrometer.spectrometer_id   1 
_pdbx_nmr_spectrometer.type              ? 
_pdbx_nmr_spectrometer.manufacturer      Varian 
_pdbx_nmr_spectrometer.model             UNITY 
_pdbx_nmr_spectrometer.field_strength    500 
# 
_atom_sites.entry_id                    1J7R 
_atom_sites.fract_transf_matrix[1][1]   1.000000 
_atom_sites.fract_transf_matrix[1][2]   0.000000 
_atom_sites.fract_transf_matrix[1][3]   0.000000 
_atom_sites.fract_transf_matrix[2][1]   0.000000 
_atom_sites.fract_transf_matrix[2][2]   1.000000 
_atom_sites.fract_transf_matrix[2][3]   0.000000 
_atom_sites.fract_transf_matrix[3][1]   0.000000 
_atom_sites.fract_transf_matrix[3][2]   0.000000 
_atom_sites.fract_transf_matrix[3][3]   1.000000 
_atom_sites.fract_transf_vector[1]      0.00000 
_atom_sites.fract_transf_vector[2]      0.00000 
_atom_sites.fract_transf_vector[3]      0.00000 
# 
loop_
_atom_type.symbol 
C 
H 
N 
O 
S 
# 
loop_
_atom_site.group_PDB 
_atom_site.id 
_atom_site.type_symbol 
_atom_site.label_atom_id 
_atom_site.label_alt_id 
_atom_site.label_comp_id 
_atom_site.label_asym_id 
_atom_site.label_entity_id 
_atom_site.label_seq_id 
_atom_site.pdbx_PDB_ins_code 
_atom_site.Cartn_x 
_atom_site.Cartn_y 
_atom_site.Cartn_z 
_atom_site.occupancy 
_atom_site.B_iso_or_equiv 
_atom_site.pdbx_formal_charge 
_atom_site.auth_seq_id 
_atom_site.auth_comp_id 
_atom_site.auth_asym_id 
_atom_site.auth_atom_id 
_atom_site.pdbx_PDB_model_num 
ATOM 1    N N    . LEU A 1 8  ? 9.908   5.008   -7.390  1.00 0.00 ? 8  LEU A N    1 
ATOM 2    C CA   . LEU A 1 8  ? 9.440   6.052   -8.319  1.00 0.00 ? 8  LEU A CA   1 
ATOM 3    C C    . LEU A 1 8  ? 9.864   5.688   -9.739  1.00 0.00 ? 8  LEU A C    1 
ATOM 4    O O    . LEU A 1 8  ? 10.902  5.072   -9.972  1.00 0.00 ? 8  LEU A O    1 
ATOM 5    C CB   . LEU A 1 8  ? 10.026  7.394   -7.868  1.00 0.00 ? 8  LEU A CB   1 
ATOM 6    C CG   . LEU A 1 8  ? 9.347   8.630   -8.477  1.00 0.00 ? 8  LEU A CG   1 
ATOM 7    C CD1  . LEU A 1 8  ? 10.047  9.066   -9.764  1.00 0.00 ? 8  LEU A CD1  1 
ATOM 8    C CD2  . LEU A 1 8  ? 7.848   8.432   -8.713  1.00 0.00 ? 8  LEU A CD2  1 
ATOM 9    H H    . LEU A 1 8  ? 9.210   4.832   -6.654  1.00 0.00 ? 8  LEU A H    1 
ATOM 10   H HA   . LEU A 1 8  ? 8.335   6.086   -8.274  1.00 0.00 ? 8  LEU A HA   1 
ATOM 11   H HB2  . LEU A 1 8  ? 9.948   7.463   -6.766  1.00 0.00 ? 8  LEU A HB2  1 
ATOM 12   H HB3  . LEU A 1 8  ? 11.109  7.420   -8.086  1.00 0.00 ? 8  LEU A HB3  1 
ATOM 13   H HG   . LEU A 1 8  ? 9.455   9.452   -7.751  1.00 0.00 ? 8  LEU A HG   1 
ATOM 14   H HD11 . LEU A 1 8  ? 9.935   8.321   -10.572 1.00 0.00 ? 8  LEU A HD11 1 
ATOM 15   H HD12 . LEU A 1 8  ? 9.636   10.024  -10.135 1.00 0.00 ? 8  LEU A HD12 1 
ATOM 16   H HD13 . LEU A 1 8  ? 11.131  9.217   -9.599  1.00 0.00 ? 8  LEU A HD13 1 
ATOM 17   H HD21 . LEU A 1 8  ? 7.352   9.388   -8.959  1.00 0.00 ? 8  LEU A HD21 1 
ATOM 18   H HD22 . LEU A 1 8  ? 7.652   7.732   -9.544  1.00 0.00 ? 8  LEU A HD22 1 
ATOM 19   H HD23 . LEU A 1 8  ? 7.354   8.022   -7.812  1.00 0.00 ? 8  LEU A HD23 1 
ATOM 20   N N    . GLY A 1 9  ? 9.043   6.071   -10.705 1.00 0.00 ? 9  GLY A N    1 
ATOM 21   C CA   . GLY A 1 9  ? 9.357   5.714   -12.090 1.00 0.00 ? 9  GLY A CA   1 
ATOM 22   C C    . GLY A 1 9  ? 8.962   4.265   -12.359 1.00 0.00 ? 9  GLY A C    1 
ATOM 23   O O    . GLY A 1 9  ? 7.867   3.826   -12.006 1.00 0.00 ? 9  GLY A O    1 
ATOM 24   H H    . GLY A 1 9  ? 8.488   6.903   -10.475 1.00 0.00 ? 9  GLY A H    1 
ATOM 25   H HA2  . GLY A 1 9  ? 8.808   6.378   -12.781 1.00 0.00 ? 9  GLY A HA2  1 
ATOM 26   H HA3  . GLY A 1 9  ? 10.435  5.871   -12.287 1.00 0.00 ? 9  GLY A HA3  1 
ATOM 27   N N    . PRO A 1 10 ? 9.855   3.491   -12.962 1.00 0.00 ? 10 PRO A N    1 
ATOM 28   C CA   . PRO A 1 10 ? 9.584   2.060   -13.106 1.00 0.00 ? 10 PRO A CA   1 
ATOM 29   C C    . PRO A 1 10 ? 9.898   1.319   -11.807 1.00 0.00 ? 10 PRO A C    1 
ATOM 30   O O    . PRO A 1 10 ? 9.256   0.327   -11.462 1.00 0.00 ? 10 PRO A O    1 
ATOM 31   C CB   . PRO A 1 10 ? 10.489  1.600   -14.251 1.00 0.00 ? 10 PRO A CB   1 
ATOM 32   C CG   . PRO A 1 10 ? 11.135  2.846   -14.858 1.00 0.00 ? 10 PRO A CG   1 
ATOM 33   C CD   . PRO A 1 10 ? 10.704  4.044   -14.014 1.00 0.00 ? 10 PRO A CD   1 
ATOM 34   H HA   . PRO A 1 10 ? 8.523   1.905   -13.377 1.00 0.00 ? 10 PRO A HA   1 
ATOM 35   H HB2  . PRO A 1 10 ? 11.264  0.900   -13.889 1.00 0.00 ? 10 PRO A HB2  1 
ATOM 36   H HB3  . PRO A 1 10 ? 9.904   1.056   -15.014 1.00 0.00 ? 10 PRO A HB3  1 
ATOM 37   H HG2  . PRO A 1 10 ? 12.237  2.752   -14.866 1.00 0.00 ? 10 PRO A HG2  1 
ATOM 38   H HG3  . PRO A 1 10 ? 10.815  2.980   -15.907 1.00 0.00 ? 10 PRO A HG3  1 
ATOM 39   H HD2  . PRO A 1 10 ? 11.580  4.556   -13.579 1.00 0.00 ? 10 PRO A HD2  1 
ATOM 40   H HD3  . PRO A 1 10 ? 10.151  4.783   -14.620 1.00 0.00 ? 10 PRO A HD3  1 
ATOM 41   N N    . GLU A 1 11 ? 10.875  1.820   -11.063 1.00 0.00 ? 11 GLU A N    1 
ATOM 42   C CA   . GLU A 1 11 ? 11.217  1.174   -9.794  1.00 0.00 ? 11 GLU A CA   1 
ATOM 43   C C    . GLU A 1 11 ? 10.260  1.529   -8.662  1.00 0.00 ? 11 GLU A C    1 
ATOM 44   O O    . GLU A 1 11 ? 10.534  1.243   -7.497  1.00 0.00 ? 11 GLU A O    1 
ATOM 45   C CB   . GLU A 1 11 ? 12.652  1.530   -9.415  1.00 0.00 ? 11 GLU A CB   1 
ATOM 46   C CG   . GLU A 1 11 ? 13.610  0.876   -10.408 1.00 0.00 ? 11 GLU A CG   1 
ATOM 47   C CD   . GLU A 1 11 ? 15.036  0.822   -9.882  1.00 0.00 ? 11 GLU A CD   1 
ATOM 48   O OE1  . GLU A 1 11 ? 15.593  1.886   -9.540  1.00 0.00 ? 11 GLU A OE1  1 
ATOM 49   O OE2  . GLU A 1 11 ? 15.605  -0.286  -9.803  1.00 0.00 ? 11 GLU A OE2  1 
ATOM 50   H H    . GLU A 1 11 ? 11.594  2.316   -11.597 1.00 0.00 ? 11 GLU A H    1 
ATOM 51   H HA   . GLU A 1 11 ? 11.156  0.082   -9.958  1.00 0.00 ? 11 GLU A HA   1 
ATOM 52   H HB2  . GLU A 1 11 ? 12.790  2.628   -9.410  1.00 0.00 ? 11 GLU A HB2  1 
ATOM 53   H HB3  . GLU A 1 11 ? 12.870  1.185   -8.389  1.00 0.00 ? 11 GLU A HB3  1 
ATOM 54   H HG2  . GLU A 1 11 ? 13.259  -0.140  -10.652 1.00 0.00 ? 11 GLU A HG2  1 
ATOM 55   H HG3  . GLU A 1 11 ? 13.580  1.436   -11.354 1.00 0.00 ? 11 GLU A HG3  1 
ATOM 56   N N    . GLU A 1 12 ? 9.158   2.208   -8.957  1.00 0.00 ? 12 GLU A N    1 
ATOM 57   C CA   . GLU A 1 12 ? 8.071   2.239   -7.977  1.00 0.00 ? 12 GLU A CA   1 
ATOM 58   C C    . GLU A 1 12 ? 7.692   0.804   -7.585  1.00 0.00 ? 12 GLU A C    1 
ATOM 59   O O    . GLU A 1 12 ? 7.229   0.544   -6.477  1.00 0.00 ? 12 GLU A O    1 
ATOM 60   C CB   . GLU A 1 12 ? 6.869   2.980   -8.569  1.00 0.00 ? 12 GLU A CB   1 
ATOM 61   C CG   . GLU A 1 12 ? 5.948   3.523   -7.473  1.00 0.00 ? 12 GLU A CG   1 
ATOM 62   C CD   . GLU A 1 12 ? 6.470   4.818   -6.874  1.00 0.00 ? 12 GLU A CD   1 
ATOM 63   O OE1  . GLU A 1 12 ? 7.530   4.794   -6.209  1.00 0.00 ? 12 GLU A OE1  1 
ATOM 64   O OE2  . GLU A 1 12 ? 5.821   5.867   -7.066  1.00 0.00 ? 12 GLU A OE2  1 
ATOM 65   H H    . GLU A 1 12 ? 9.127   2.684   -9.868  1.00 0.00 ? 12 GLU A H    1 
ATOM 66   H HA   . GLU A 1 12 ? 8.424   2.767   -7.073  1.00 0.00 ? 12 GLU A HA   1 
ATOM 67   H HB2  . GLU A 1 12 ? 7.213   3.809   -9.213  1.00 0.00 ? 12 GLU A HB2  1 
ATOM 68   H HB3  . GLU A 1 12 ? 6.304   2.297   -9.229  1.00 0.00 ? 12 GLU A HB3  1 
ATOM 69   H HG2  . GLU A 1 12 ? 4.941   3.698   -7.889  1.00 0.00 ? 12 GLU A HG2  1 
ATOM 70   H HG3  . GLU A 1 12 ? 5.826   2.777   -6.668  1.00 0.00 ? 12 GLU A HG3  1 
ATOM 71   N N    . LYS A 1 13 ? 7.917   -0.145  -8.487  1.00 0.00 ? 13 LYS A N    1 
ATOM 72   C CA   . LYS A 1 13 ? 7.797   -1.556  -8.120  1.00 0.00 ? 13 LYS A CA   1 
ATOM 73   C C    . LYS A 1 13 ? 8.774   -1.919  -6.998  1.00 0.00 ? 13 LYS A C    1 
ATOM 74   O O    . LYS A 1 13 ? 8.389   -2.567  -6.025  1.00 0.00 ? 13 LYS A O    1 
ATOM 75   C CB   . LYS A 1 13 ? 8.061   -2.397  -9.374  1.00 0.00 ? 13 LYS A CB   1 
ATOM 76   C CG   . LYS A 1 13 ? 7.327   -3.742  -9.359  1.00 0.00 ? 13 LYS A CG   1 
ATOM 77   C CD   . LYS A 1 13 ? 7.898   -4.748  -8.356  1.00 0.00 ? 13 LYS A CD   1 
ATOM 78   C CE   . LYS A 1 13 ? 9.373   -5.056  -8.614  1.00 0.00 ? 13 LYS A CE   1 
ATOM 79   N NZ   . LYS A 1 13 ? 9.815   -6.157  -7.743  1.00 0.00 ? 13 LYS A NZ   1 
ATOM 80   H H    . LYS A 1 13 ? 8.156   0.170   -9.433  1.00 0.00 ? 13 LYS A H    1 
ATOM 81   H HA   . LYS A 1 13 ? 6.771   -1.737  -7.754  1.00 0.00 ? 13 LYS A HA   1 
ATOM 82   H HB2  . LYS A 1 13 ? 7.744   -1.831  -10.268 1.00 0.00 ? 13 LYS A HB2  1 
ATOM 83   H HB3  . LYS A 1 13 ? 9.147   -2.558  -9.499  1.00 0.00 ? 13 LYS A HB3  1 
ATOM 84   H HG2  . LYS A 1 13 ? 6.258   -3.571  -9.136  1.00 0.00 ? 13 LYS A HG2  1 
ATOM 85   H HG3  . LYS A 1 13 ? 7.349   -4.179  -10.373 1.00 0.00 ? 13 LYS A HG3  1 
ATOM 86   H HD2  . LYS A 1 13 ? 7.766   -4.370  -7.325  1.00 0.00 ? 13 LYS A HD2  1 
ATOM 87   H HD3  . LYS A 1 13 ? 7.310   -5.681  -8.408  1.00 0.00 ? 13 LYS A HD3  1 
ATOM 88   H HE2  . LYS A 1 13 ? 9.534   -5.329  -9.673  1.00 0.00 ? 13 LYS A HE2  1 
ATOM 89   H HE3  . LYS A 1 13 ? 9.992   -4.158  -8.422  1.00 0.00 ? 13 LYS A HE3  1 
ATOM 90   H HZ1  . LYS A 1 13 ? 10.801  -6.395  -7.901  1.00 0.00 ? 13 LYS A HZ1  1 
ATOM 91   H HZ2  . LYS A 1 13 ? 9.718   -5.925  -6.748  1.00 0.00 ? 13 LYS A HZ2  1 
ATOM 92   H HZ3  . LYS A 1 13 ? 9.271   -7.012  -7.902  1.00 0.00 ? 13 LYS A HZ3  1 
ATOM 93   N N    . ASP A 1 14 ? 10.041  -1.519  -7.092  1.00 0.00 ? 14 ASP A N    1 
ATOM 94   C CA   . ASP A 1 14 ? 10.942  -1.779  -5.963  1.00 0.00 ? 14 ASP A CA   1 
ATOM 95   C C    . ASP A 1 14 ? 10.438  -1.097  -4.692  1.00 0.00 ? 14 ASP A C    1 
ATOM 96   O O    . ASP A 1 14 ? 10.405  -1.704  -3.624  1.00 0.00 ? 14 ASP A O    1 
ATOM 97   C CB   . ASP A 1 14 ? 12.366  -1.322  -6.288  1.00 0.00 ? 14 ASP A CB   1 
ATOM 98   C CG   . ASP A 1 14 ? 13.325  -1.646  -5.153  1.00 0.00 ? 14 ASP A CG   1 
ATOM 99   O OD1  . ASP A 1 14 ? 13.466  -2.838  -4.802  1.00 0.00 ? 14 ASP A OD1  1 
ATOM 100  O OD2  . ASP A 1 14 ? 13.936  -0.707  -4.599  1.00 0.00 ? 14 ASP A OD2  1 
ATOM 101  H H    . ASP A 1 14 ? 10.300  -0.918  -7.888  1.00 0.00 ? 14 ASP A H    1 
ATOM 102  H HA   . ASP A 1 14 ? 10.948  -2.867  -5.781  1.00 0.00 ? 14 ASP A HA   1 
ATOM 103  H HB2  . ASP A 1 14 ? 12.719  -1.824  -7.204  1.00 0.00 ? 14 ASP A HB2  1 
ATOM 104  H HB3  . ASP A 1 14 ? 12.390  -0.234  -6.486  1.00 0.00 ? 14 ASP A HB3  1 
ATOM 105  N N    . GLU A 1 15 ? 10.012  0.153   -4.804  1.00 0.00 ? 15 GLU A N    1 
ATOM 106  C CA   . GLU A 1 15 ? 9.505   0.860   -3.622  1.00 0.00 ? 15 GLU A CA   1 
ATOM 107  C C    . GLU A 1 15 ? 8.294   0.164   -3.009  1.00 0.00 ? 15 GLU A C    1 
ATOM 108  O O    . GLU A 1 15 ? 8.172   0.045   -1.790  1.00 0.00 ? 15 GLU A O    1 
ATOM 109  C CB   . GLU A 1 15 ? 9.112   2.293   -4.006  1.00 0.00 ? 15 GLU A CB   1 
ATOM 110  C CG   . GLU A 1 15 ? 10.315  3.241   -3.968  1.00 0.00 ? 15 GLU A CG   1 
ATOM 111  C CD   . GLU A 1 15 ? 10.906  3.347   -2.570  1.00 0.00 ? 15 GLU A CD   1 
ATOM 112  O OE1  . GLU A 1 15 ? 10.294  4.014   -1.710  1.00 0.00 ? 15 GLU A OE1  1 
ATOM 113  O OE2  . GLU A 1 15 ? 11.985  2.762   -2.325  1.00 0.00 ? 15 GLU A OE2  1 
ATOM 114  H H    . GLU A 1 15 ? 10.128  0.583   -5.729  1.00 0.00 ? 15 GLU A H    1 
ATOM 115  H HA   . GLU A 1 15 ? 10.302  0.883   -2.859  1.00 0.00 ? 15 GLU A HA   1 
ATOM 116  H HB2  . GLU A 1 15 ? 8.650   2.312   -5.012  1.00 0.00 ? 15 GLU A HB2  1 
ATOM 117  H HB3  . GLU A 1 15 ? 8.319   2.666   -3.332  1.00 0.00 ? 15 GLU A HB3  1 
ATOM 118  H HG2  . GLU A 1 15 ? 11.092  2.893   -4.672  1.00 0.00 ? 15 GLU A HG2  1 
ATOM 119  H HG3  . GLU A 1 15 ? 10.016  4.246   -4.315  1.00 0.00 ? 15 GLU A HG3  1 
ATOM 120  N N    . CYS A 1 16 ? 7.384   -0.292  -3.853  1.00 0.00 ? 16 CYS A N    1 
ATOM 121  C CA   . CYS A 1 16 ? 6.160   -0.894  -3.309  1.00 0.00 ? 16 CYS A CA   1 
ATOM 122  C C    . CYS A 1 16 ? 6.411   -2.295  -2.735  1.00 0.00 ? 16 CYS A C    1 
ATOM 123  O O    . CYS A 1 16 ? 5.744   -2.703  -1.784  1.00 0.00 ? 16 CYS A O    1 
ATOM 124  C CB   . CYS A 1 16 ? 5.033   -0.877  -4.341  1.00 0.00 ? 16 CYS A CB   1 
ATOM 125  S SG   . CYS A 1 16 ? 4.898   0.792   -5.061  1.00 0.00 ? 16 CYS A SG   1 
ATOM 126  H H    . CYS A 1 16 ? 7.450   0.150   -4.778  1.00 0.00 ? 16 CYS A H    1 
ATOM 127  H HA   . CYS A 1 16 ? 5.823   -0.259  -2.471  1.00 0.00 ? 16 CYS A HA   1 
ATOM 128  H HB2  . CYS A 1 16 ? 5.199   -1.621  -5.138  1.00 0.00 ? 16 CYS A HB2  1 
ATOM 129  H HB3  . CYS A 1 16 ? 4.075   -1.146  -3.857  1.00 0.00 ? 16 CYS A HB3  1 
ATOM 130  H HG   . CYS A 1 16 ? 4.708   0.396   -6.316  1.00 0.00 ? 16 CYS A HG   1 
ATOM 131  N N    . MET A 1 17 ? 7.362   -3.058  -3.263  1.00 0.00 ? 17 MET A N    1 
ATOM 132  C CA   . MET A 1 17 ? 7.753   -4.279  -2.537  1.00 0.00 ? 17 MET A CA   1 
ATOM 133  C C    . MET A 1 17 ? 8.650   -3.915  -1.339  1.00 0.00 ? 17 MET A C    1 
ATOM 134  O O    . MET A 1 17 ? 8.763   -4.677  -0.380  1.00 0.00 ? 17 MET A O    1 
ATOM 135  C CB   . MET A 1 17 ? 8.413   -5.339  -3.423  1.00 0.00 ? 17 MET A CB   1 
ATOM 136  C CG   . MET A 1 17 ? 7.975   -6.746  -2.986  1.00 0.00 ? 17 MET A CG   1 
ATOM 137  S SD   . MET A 1 17 ? 6.788   -7.456  -4.153  1.00 0.00 ? 17 MET A SD   1 
ATOM 138  C CE   . MET A 1 17 ? 5.389   -7.837  -3.075  1.00 0.00 ? 17 MET A CE   1 
ATOM 139  H H    . MET A 1 17 ? 7.682   -2.810  -4.208  1.00 0.00 ? 17 MET A H    1 
ATOM 140  H HA   . MET A 1 17 ? 6.832   -4.747  -2.150  1.00 0.00 ? 17 MET A HA   1 
ATOM 141  H HB2  . MET A 1 17 ? 8.159   -5.180  -4.485  1.00 0.00 ? 17 MET A HB2  1 
ATOM 142  H HB3  . MET A 1 17 ? 9.514   -5.259  -3.354  1.00 0.00 ? 17 MET A HB3  1 
ATOM 143  H HG2  . MET A 1 17 ? 8.853   -7.413  -2.921  1.00 0.00 ? 17 MET A HG2  1 
ATOM 144  H HG3  . MET A 1 17 ? 7.527   -6.726  -1.976  1.00 0.00 ? 17 MET A HG3  1 
ATOM 145  H HE1  . MET A 1 17 ? 4.510   -8.151  -3.667  1.00 0.00 ? 17 MET A HE1  1 
ATOM 146  H HE2  . MET A 1 17 ? 5.627   -8.657  -2.373  1.00 0.00 ? 17 MET A HE2  1 
ATOM 147  H HE3  . MET A 1 17 ? 5.085   -6.954  -2.486  1.00 0.00 ? 17 MET A HE3  1 
ATOM 148  N N    . LYS A 1 18 ? 9.266   -2.737  -1.364  1.00 0.00 ? 18 LYS A N    1 
ATOM 149  C CA   . LYS A 1 18 ? 10.077  -2.305  -0.218  1.00 0.00 ? 18 LYS A CA   1 
ATOM 150  C C    . LYS A 1 18 ? 9.192   -1.980  0.984   1.00 0.00 ? 18 LYS A C    1 
ATOM 151  O O    . LYS A 1 18 ? 9.500   -2.335  2.122   1.00 0.00 ? 18 LYS A O    1 
ATOM 152  C CB   . LYS A 1 18 ? 10.897  -1.070  -0.602  1.00 0.00 ? 18 LYS A CB   1 
ATOM 153  C CG   . LYS A 1 18 ? 12.115  -0.898  0.307   1.00 0.00 ? 18 LYS A CG   1 
ATOM 154  C CD   . LYS A 1 18 ? 13.403  -1.313  -0.410  1.00 0.00 ? 18 LYS A CD   1 
ATOM 155  C CE   . LYS A 1 18 ? 14.080  -0.124  -1.096  1.00 0.00 ? 18 LYS A CE   1 
ATOM 156  N NZ   . LYS A 1 18 ? 13.300  0.311   -2.268  1.00 0.00 ? 18 LYS A NZ   1 
ATOM 157  H H    . LYS A 1 18 ? 9.376   -2.322  -2.294  1.00 0.00 ? 18 LYS A H    1 
ATOM 158  H HA   . LYS A 1 18 ? 10.758  -3.128  0.059   1.00 0.00 ? 18 LYS A HA   1 
ATOM 159  H HB2  . LYS A 1 18 ? 11.221  -1.148  -1.655  1.00 0.00 ? 18 LYS A HB2  1 
ATOM 160  H HB3  . LYS A 1 18 ? 10.260  -0.167  -0.547  1.00 0.00 ? 18 LYS A HB3  1 
ATOM 161  H HG2  . LYS A 1 18 ? 12.184  0.156   0.637   1.00 0.00 ? 18 LYS A HG2  1 
ATOM 162  H HG3  . LYS A 1 18 ? 11.990  -1.498  1.227   1.00 0.00 ? 18 LYS A HG3  1 
ATOM 163  H HD2  . LYS A 1 18 ? 14.099  -1.766  0.318   1.00 0.00 ? 18 LYS A HD2  1 
ATOM 164  H HD3  . LYS A 1 18 ? 13.187  -2.105  -1.151  1.00 0.00 ? 18 LYS A HD3  1 
ATOM 165  H HE2  . LYS A 1 18 ? 14.187  0.718   -0.388  1.00 0.00 ? 18 LYS A HE2  1 
ATOM 166  H HE3  . LYS A 1 18 ? 15.102  -0.404  -1.414  1.00 0.00 ? 18 LYS A HE3  1 
ATOM 167  H HZ1  . LYS A 1 18 ? 13.273  1.335   -2.359  1.00 0.00 ? 18 LYS A HZ1  1 
ATOM 168  H HZ2  . LYS A 1 18 ? 13.679  -0.066  -3.147  1.00 0.00 ? 18 LYS A HZ2  1 
ATOM 169  H HZ3  . LYS A 1 18 ? 12.324  -0.001  -2.203  1.00 0.00 ? 18 LYS A HZ3  1 
ATOM 170  N N    . ILE A 1 19 ? 8.110   -1.247  0.761   1.00 0.00 ? 19 ILE A N    1 
ATOM 171  C CA   . ILE A 1 19 ? 7.105   -1.116  1.823   1.00 0.00 ? 19 ILE A CA   1 
ATOM 172  C C    . ILE A 1 19 ? 6.554   -2.492  2.189   1.00 0.00 ? 19 ILE A C    1 
ATOM 173  O O    . ILE A 1 19 ? 6.343   -2.814  3.355   1.00 0.00 ? 19 ILE A O    1 
ATOM 174  C CB   . ILE A 1 19 ? 5.972   -0.198  1.369   1.00 0.00 ? 19 ILE A CB   1 
ATOM 175  C CG1  . ILE A 1 19 ? 4.910   -0.088  2.451   1.00 0.00 ? 19 ILE A CG1  1 
ATOM 176  C CG2  . ILE A 1 19 ? 5.296   -0.654  0.085   1.00 0.00 ? 19 ILE A CG2  1 
ATOM 177  C CD1  . ILE A 1 19 ? 5.218   1.062   3.390   1.00 0.00 ? 19 ILE A CD1  1 
ATOM 178  H H    . ILE A 1 19 ? 7.954   -0.966  -0.214  1.00 0.00 ? 19 ILE A H    1 
ATOM 179  H HA   . ILE A 1 19 ? 7.584   -0.664  2.712   1.00 0.00 ? 19 ILE A HA   1 
ATOM 180  H HB   . ILE A 1 19 ? 6.399   0.797   1.188   1.00 0.00 ? 19 ILE A HB   1 
ATOM 181  H HG12 . ILE A 1 19 ? 3.932   0.077   1.973   1.00 0.00 ? 19 ILE A HG12 1 
ATOM 182  H HG13 . ILE A 1 19 ? 4.811   -1.027  3.022   1.00 0.00 ? 19 ILE A HG13 1 
ATOM 183  H HG21 . ILE A 1 19 ? 4.577   0.101   -0.277  1.00 0.00 ? 19 ILE A HG21 1 
ATOM 184  H HG22 . ILE A 1 19 ? 6.048   -0.809  -0.701  1.00 0.00 ? 19 ILE A HG22 1 
ATOM 185  H HG23 . ILE A 1 19 ? 4.744   -1.598  0.229   1.00 0.00 ? 19 ILE A HG23 1 
ATOM 186  H HD11 . ILE A 1 19 ? 6.201   0.974   3.865   1.00 0.00 ? 19 ILE A HD11 1 
ATOM 187  H HD12 . ILE A 1 19 ? 5.211   2.023   2.849   1.00 0.00 ? 19 ILE A HD12 1 
ATOM 188  H HD13 . ILE A 1 19 ? 4.448   1.115   4.184   1.00 0.00 ? 19 ILE A HD13 1 
ATOM 189  N N    . PHE A 1 20 ? 6.297   -3.304  1.177   1.00 0.00 ? 20 PHE A N    1 
ATOM 190  C CA   . PHE A 1 20 ? 5.913   -4.692  1.443   1.00 0.00 ? 20 PHE A CA   1 
ATOM 191  C C    . PHE A 1 20 ? 7.014   -5.451  2.209   1.00 0.00 ? 20 PHE A C    1 
ATOM 192  O O    . PHE A 1 20 ? 6.894   -6.643  2.480   1.00 0.00 ? 20 PHE A O    1 
ATOM 193  C CB   . PHE A 1 20 ? 5.627   -5.332  0.080   1.00 0.00 ? 20 PHE A CB   1 
ATOM 194  C CG   . PHE A 1 20 ? 4.607   -6.442  0.183   1.00 0.00 ? 20 PHE A CG   1 
ATOM 195  C CD1  . PHE A 1 20 ? 5.015   -7.650  0.610   1.00 0.00 ? 20 PHE A CD1  1 
ATOM 196  C CD2  . PHE A 1 20 ? 3.303   -6.127  0.301   1.00 0.00 ? 20 PHE A CD2  1 
ATOM 197  C CE1  . PHE A 1 20 ? 4.288   -8.300  1.543   1.00 0.00 ? 20 PHE A CE1  1 
ATOM 198  C CE2  . PHE A 1 20 ? 2.549   -6.779  1.209   1.00 0.00 ? 20 PHE A CE2  1 
ATOM 199  C CZ   . PHE A 1 20 ? 3.067   -7.832  1.877   1.00 0.00 ? 20 PHE A CZ   1 
ATOM 200  H H    . PHE A 1 20 ? 6.094   -2.827  0.292   1.00 0.00 ? 20 PHE A H    1 
ATOM 201  H HA   . PHE A 1 20 ? 4.991   -4.688  2.054   1.00 0.00 ? 20 PHE A HA   1 
ATOM 202  H HB2  . PHE A 1 20 ? 5.262   -4.570  -0.635  1.00 0.00 ? 20 PHE A HB2  1 
ATOM 203  H HB3  . PHE A 1 20 ? 6.565   -5.727  -0.342  1.00 0.00 ? 20 PHE A HB3  1 
ATOM 204  H HD1  . PHE A 1 20 ? 5.981   -8.015  0.298   1.00 0.00 ? 20 PHE A HD1  1 
ATOM 205  H HD2  . PHE A 1 20 ? 2.871   -5.369  -0.338  1.00 0.00 ? 20 PHE A HD2  1 
ATOM 206  H HE1  . PHE A 1 20 ? 4.673   -9.193  2.010   1.00 0.00 ? 20 PHE A HE1  1 
ATOM 207  H HE2  . PHE A 1 20 ? 1.538   -6.455  1.407   1.00 0.00 ? 20 PHE A HE2  1 
ATOM 208  H HZ   . PHE A 1 20 ? 2.462   -8.365  2.595   1.00 0.00 ? 20 PHE A HZ   1 
ATOM 209  N N    . ASP A 1 21 ? 8.162   -4.818  2.409   1.00 0.00 ? 21 ASP A N    1 
ATOM 210  C CA   . ASP A 1 21 ? 9.166   -5.380  3.329   1.00 0.00 ? 21 ASP A CA   1 
ATOM 211  C C    . ASP A 1 21 ? 9.168   -4.676  4.697   1.00 0.00 ? 21 ASP A C    1 
ATOM 212  O O    . ASP A 1 21 ? 9.262   -5.321  5.741   1.00 0.00 ? 21 ASP A O    1 
ATOM 213  C CB   . ASP A 1 21 ? 10.552  -5.292  2.683   1.00 0.00 ? 21 ASP A CB   1 
ATOM 214  C CG   . ASP A 1 21 ? 11.549  -6.218  3.366   1.00 0.00 ? 21 ASP A CG   1 
ATOM 215  O OD1  . ASP A 1 21 ? 11.619  -7.409  2.991   1.00 0.00 ? 21 ASP A OD1  1 
ATOM 216  O OD2  . ASP A 1 21 ? 12.283  -5.755  4.268   1.00 0.00 ? 21 ASP A OD2  1 
ATOM 217  H H    . ASP A 1 21 ? 8.409   -4.235  1.600   1.00 0.00 ? 21 ASP A H    1 
ATOM 218  H HA   . ASP A 1 21 ? 8.930   -6.444  3.498   1.00 0.00 ? 21 ASP A HA   1 
ATOM 219  H HB2  . ASP A 1 21 ? 10.482  -5.554  1.616   1.00 0.00 ? 21 ASP A HB2  1 
ATOM 220  H HB3  . ASP A 1 21 ? 10.939  -4.258  2.721   1.00 0.00 ? 21 ASP A HB3  1 
ATOM 221  N N    . ILE A 1 22 ? 9.082   -3.349  4.711   1.00 0.00 ? 22 ILE A N    1 
ATOM 222  C CA   . ILE A 1 22 ? 9.102   -2.647  6.015   1.00 0.00 ? 22 ILE A CA   1 
ATOM 223  C C    . ILE A 1 22 ? 7.784   -2.874  6.754   1.00 0.00 ? 22 ILE A C    1 
ATOM 224  O O    . ILE A 1 22 ? 7.764   -3.189  7.944   1.00 0.00 ? 22 ILE A O    1 
ATOM 225  C CB   . ILE A 1 22 ? 9.385   -1.123  5.965   1.00 0.00 ? 22 ILE A CB   1 
ATOM 226  C CG1  . ILE A 1 22 ? 10.745  -0.782  5.341   1.00 0.00 ? 22 ILE A CG1  1 
ATOM 227  C CG2  . ILE A 1 22 ? 9.361   -0.556  7.387   1.00 0.00 ? 22 ILE A CG2  1 
ATOM 228  C CD1  . ILE A 1 22 ? 10.882  0.726   5.113   1.00 0.00 ? 22 ILE A CD1  1 
ATOM 229  H H    . ILE A 1 22 ? 8.596   -3.008  3.877   1.00 0.00 ? 22 ILE A H    1 
ATOM 230  H HA   . ILE A 1 22 ? 9.897   -3.115  6.617   1.00 0.00 ? 22 ILE A HA   1 
ATOM 231  H HB   . ILE A 1 22 ? 8.596   -0.575  5.416   1.00 0.00 ? 22 ILE A HB   1 
ATOM 232  H HG12 . ILE A 1 22 ? 11.559  -1.133  6.003   1.00 0.00 ? 22 ILE A HG12 1 
ATOM 233  H HG13 . ILE A 1 22 ? 10.888  -1.314  4.382   1.00 0.00 ? 22 ILE A HG13 1 
ATOM 234  H HG21 . ILE A 1 22 ? 9.574   0.527   7.393   1.00 0.00 ? 22 ILE A HG21 1 
ATOM 235  H HG22 . ILE A 1 22 ? 8.373   -0.692  7.858   1.00 0.00 ? 22 ILE A HG22 1 
ATOM 236  H HG23 . ILE A 1 22 ? 10.110  -1.047  8.033   1.00 0.00 ? 22 ILE A HG23 1 
ATOM 237  H HD11 . ILE A 1 22 ? 11.779  0.965   4.513   1.00 0.00 ? 22 ILE A HD11 1 
ATOM 238  H HD12 . ILE A 1 22 ? 10.001  1.136   4.583   1.00 0.00 ? 22 ILE A HD12 1 
ATOM 239  H HD13 . ILE A 1 22 ? 10.973  1.274   6.068   1.00 0.00 ? 22 ILE A HD13 1 
ATOM 240  N N    . PHE A 1 23 ? 6.672   -2.666  6.069   1.00 0.00 ? 23 PHE A N    1 
ATOM 241  C CA   . PHE A 1 23 ? 5.373   -2.771  6.742   1.00 0.00 ? 23 PHE A CA   1 
ATOM 242  C C    . PHE A 1 23 ? 4.932   -4.234  6.849   1.00 0.00 ? 23 PHE A C    1 
ATOM 243  O O    . PHE A 1 23 ? 4.121   -4.585  7.705   1.00 0.00 ? 23 PHE A O    1 
ATOM 244  C CB   . PHE A 1 23 ? 4.361   -1.916  5.980   1.00 0.00 ? 23 PHE A CB   1 
ATOM 245  C CG   . PHE A 1 23 ? 4.617   -0.430  6.202   1.00 0.00 ? 23 PHE A CG   1 
ATOM 246  C CD1  . PHE A 1 23 ? 5.871   0.057   6.109   1.00 0.00 ? 23 PHE A CD1  1 
ATOM 247  C CD2  . PHE A 1 23 ? 3.590   0.432   6.349   1.00 0.00 ? 23 PHE A CD2  1 
ATOM 248  C CE1  . PHE A 1 23 ? 6.130   1.325   6.483   1.00 0.00 ? 23 PHE A CE1  1 
ATOM 249  C CE2  . PHE A 1 23 ? 3.843   1.717   6.686   1.00 0.00 ? 23 PHE A CE2  1 
ATOM 250  C CZ   . PHE A 1 23 ? 5.109   2.182   6.665   1.00 0.00 ? 23 PHE A CZ   1 
ATOM 251  H H    . PHE A 1 23 ? 6.767   -2.675  5.047   1.00 0.00 ? 23 PHE A H    1 
ATOM 252  H HA   . PHE A 1 23 ? 5.454   -2.347  7.764   1.00 0.00 ? 23 PHE A HA   1 
ATOM 253  H HB2  . PHE A 1 23 ? 4.394   -2.153  4.901   1.00 0.00 ? 23 PHE A HB2  1 
ATOM 254  H HB3  . PHE A 1 23 ? 3.350   -2.191  6.327   1.00 0.00 ? 23 PHE A HB3  1 
ATOM 255  H HD1  . PHE A 1 23 ? 6.546   -0.411  5.410   1.00 0.00 ? 23 PHE A HD1  1 
ATOM 256  H HD2  . PHE A 1 23 ? 2.637   0.190   5.902   1.00 0.00 ? 23 PHE A HD2  1 
ATOM 257  H HE1  . PHE A 1 23 ? 7.133   1.710   6.382   1.00 0.00 ? 23 PHE A HE1  1 
ATOM 258  H HE2  . PHE A 1 23 ? 3.028   2.409   6.821   1.00 0.00 ? 23 PHE A HE2  1 
ATOM 259  H HZ   . PHE A 1 23 ? 5.292   3.240   6.535   1.00 0.00 ? 23 PHE A HZ   1 
ATOM 260  N N    . ASP A 1 24 ? 5.465   -5.102  5.997   1.00 0.00 ? 24 ASP A N    1 
ATOM 261  C CA   . ASP A 1 24 ? 5.317   -6.536  6.273   1.00 0.00 ? 24 ASP A CA   1 
ATOM 262  C C    . ASP A 1 24 ? 6.306   -6.952  7.385   1.00 0.00 ? 24 ASP A C    1 
ATOM 263  O O    . ASP A 1 24 ? 6.297   -8.097  7.839   1.00 0.00 ? 24 ASP A O    1 
ATOM 264  C CB   . ASP A 1 24 ? 5.487   -7.337  4.977   1.00 0.00 ? 24 ASP A CB   1 
ATOM 265  C CG   . ASP A 1 24 ? 6.632   -8.345  5.010   1.00 0.00 ? 24 ASP A CG   1 
ATOM 266  O OD1  . ASP A 1 24 ? 7.805   -7.934  4.896   1.00 0.00 ? 24 ASP A OD1  1 
ATOM 267  O OD2  . ASP A 1 24 ? 6.361   -9.552  5.189   1.00 0.00 ? 24 ASP A OD2  1 
ATOM 268  H H    . ASP A 1 24 ? 6.296   -4.752  5.513   1.00 0.00 ? 24 ASP A H    1 
ATOM 269  H HA   . ASP A 1 24 ? 4.283   -6.713  6.618   1.00 0.00 ? 24 ASP A HA   1 
ATOM 270  H HB2  . ASP A 1 24 ? 4.549   -7.875  4.759   1.00 0.00 ? 24 ASP A HB2  1 
ATOM 271  H HB3  . ASP A 1 24 ? 5.610   -6.647  4.127   1.00 0.00 ? 24 ASP A HB3  1 
ATOM 272  N N    . ARG A 1 25 ? 7.179   -6.033  7.798   1.00 0.00 ? 25 ARG A N    1 
ATOM 273  C CA   . ARG A 1 25 ? 8.013   -6.236  8.995   1.00 0.00 ? 25 ARG A CA   1 
ATOM 274  C C    . ARG A 1 25 ? 9.316   -6.960  8.665   1.00 0.00 ? 25 ARG A C    1 
ATOM 275  O O    . ARG A 1 25 ? 10.417  -6.457  8.887   1.00 0.00 ? 25 ARG A O    1 
ATOM 276  C CB   . ARG A 1 25 ? 7.284   -6.976  10.125  1.00 0.00 ? 25 ARG A CB   1 
ATOM 277  C CG   . ARG A 1 25 ? 5.825   -6.561  10.333  1.00 0.00 ? 25 ARG A CG   1 
ATOM 278  C CD   . ARG A 1 25 ? 5.700   -5.121  10.828  1.00 0.00 ? 25 ARG A CD   1 
ATOM 279  N NE   . ARG A 1 25 ? 4.291   -4.826  11.105  1.00 0.00 ? 25 ARG A NE   1 
ATOM 280  C CZ   . ARG A 1 25 ? 3.733   -3.761  10.549  1.00 0.00 ? 25 ARG A CZ   1 
ATOM 281  N NH1  . ARG A 1 25 ? 4.390   -2.620  10.465  1.00 0.00 ? 25 ARG A NH1  1 
ATOM 282  N NH2  . ARG A 1 25 ? 2.501   -3.842  10.088  1.00 0.00 ? 25 ARG A NH2  1 
ATOM 283  H H    . ARG A 1 25 ? 7.456   -5.371  7.067   1.00 0.00 ? 25 ARG A H    1 
ATOM 284  H HA   . ARG A 1 25 ? 8.288   -5.236  9.372   1.00 0.00 ? 25 ARG A HA   1 
ATOM 285  H HB2  . ARG A 1 25 ? 7.322   -8.065  9.937   1.00 0.00 ? 25 ARG A HB2  1 
ATOM 286  H HB3  . ARG A 1 25 ? 7.842   -6.816  11.063  1.00 0.00 ? 25 ARG A HB3  1 
ATOM 287  H HG2  . ARG A 1 25 ? 5.247   -6.686  9.399   1.00 0.00 ? 25 ARG A HG2  1 
ATOM 288  H HG3  . ARG A 1 25 ? 5.356   -7.256  11.053  1.00 0.00 ? 25 ARG A HG3  1 
ATOM 289  H HD2  . ARG A 1 25 ? 6.301   -4.974  11.743  1.00 0.00 ? 25 ARG A HD2  1 
ATOM 290  H HD3  . ARG A 1 25 ? 6.098   -4.426  10.067  1.00 0.00 ? 25 ARG A HD3  1 
ATOM 291  H HE   . ARG A 1 25 ? 3.625   -5.595  11.243  1.00 0.00 ? 25 ARG A HE   1 
ATOM 292  H HH11 . ARG A 1 25 ? 5.265   -2.582  11.000  1.00 0.00 ? 25 ARG A HH11 1 
ATOM 293  H HH12 . ARG A 1 25 ? 3.850   -1.815  10.130  1.00 0.00 ? 25 ARG A HH12 1 
ATOM 294  H HH21 . ARG A 1 25 ? 2.126   -4.798  10.057  1.00 0.00 ? 25 ARG A HH21 1 
ATOM 295  H HH22 . ARG A 1 25 ? 2.222   -3.075  9.463   1.00 0.00 ? 25 ARG A HH22 1 
ATOM 296  N N    . ASN A 1 26 ? 9.168   -8.141  8.096   1.00 0.00 ? 26 ASN A N    1 
ATOM 297  C CA   . ASN A 1 26 ? 10.303  -9.060  7.933   1.00 0.00 ? 26 ASN A CA   1 
ATOM 298  C C    . ASN A 1 26 ? 9.685   -10.402 7.538   1.00 0.00 ? 26 ASN A C    1 
ATOM 299  O O    . ASN A 1 26 ? 10.058  -11.029 6.549   1.00 0.00 ? 26 ASN A O    1 
ATOM 300  C CB   . ASN A 1 26 ? 11.176  -9.178  9.192   1.00 0.00 ? 26 ASN A CB   1 
ATOM 301  C CG   . ASN A 1 26 ? 10.404  -9.502  10.468  1.00 0.00 ? 26 ASN A CG   1 
ATOM 302  O OD1  . ASN A 1 26 ? 9.955   -8.608  11.185  1.00 0.00 ? 26 ASN A OD1  1 
ATOM 303  N ND2  . ASN A 1 26 ? 10.279  -10.772 10.810  1.00 0.00 ? 26 ASN A ND2  1 
ATOM 304  H H    . ASN A 1 26 ? 8.407   -8.148  7.409   1.00 0.00 ? 26 ASN A H    1 
ATOM 305  H HA   . ASN A 1 26 ? 10.930  -8.702  7.095   1.00 0.00 ? 26 ASN A HA   1 
ATOM 306  H HB2  . ASN A 1 26 ? 11.970  -9.930  9.032   1.00 0.00 ? 26 ASN A HB2  1 
ATOM 307  H HB3  . ASN A 1 26 ? 11.705  -8.225  9.347   1.00 0.00 ? 26 ASN A HB3  1 
ATOM 308  H HD21 . ASN A 1 26 ? 9.702   -11.326 10.167  1.00 0.00 ? 26 ASN A HD21 1 
ATOM 309  H HD22 . ASN A 1 26 ? 10.301  -10.928 11.825  1.00 0.00 ? 26 ASN A HD22 1 
ATOM 310  N N    . ALA A 1 27 ? 8.717   -10.832 8.336   1.00 0.00 ? 27 ALA A N    1 
ATOM 311  C CA   . ALA A 1 27 ? 7.859   -11.935 7.907   1.00 0.00 ? 27 ALA A CA   1 
ATOM 312  C C    . ALA A 1 27 ? 6.507   -11.794 8.605   1.00 0.00 ? 27 ALA A C    1 
ATOM 313  O O    . ALA A 1 27 ? 6.217   -12.446 9.607   1.00 0.00 ? 27 ALA A O    1 
ATOM 314  C CB   . ALA A 1 27 ? 8.510   -13.274 8.240   1.00 0.00 ? 27 ALA A CB   1 
ATOM 315  H H    . ALA A 1 27 ? 8.439   -10.157 9.056   1.00 0.00 ? 27 ALA A H    1 
ATOM 316  H HA   . ALA A 1 27 ? 7.703   -11.858 6.815   1.00 0.00 ? 27 ALA A HA   1 
ATOM 317  H HB1  . ALA A 1 27 ? 7.851   -14.109 7.946   1.00 0.00 ? 27 ALA A HB1  1 
ATOM 318  H HB2  . ALA A 1 27 ? 9.465   -13.399 7.699   1.00 0.00 ? 27 ALA A HB2  1 
ATOM 319  H HB3  . ALA A 1 27 ? 8.711   -13.366 9.322   1.00 0.00 ? 27 ALA A HB3  1 
ATOM 320  N N    . GLU A 1 28 ? 5.677   -10.912 8.067   1.00 0.00 ? 28 GLU A N    1 
ATOM 321  C CA   . GLU A 1 28 ? 4.339   -10.732 8.636   1.00 0.00 ? 28 GLU A CA   1 
ATOM 322  C C    . GLU A 1 28 ? 3.335   -10.717 7.489   1.00 0.00 ? 28 GLU A C    1 
ATOM 323  O O    . GLU A 1 28 ? 2.285   -11.354 7.560   1.00 0.00 ? 28 GLU A O    1 
ATOM 324  C CB   . GLU A 1 28 ? 4.296   -9.526  9.581   1.00 0.00 ? 28 GLU A CB   1 
ATOM 325  C CG   . GLU A 1 28 ? 3.238   -8.484  9.198   1.00 0.00 ? 28 GLU A CG   1 
ATOM 326  C CD   . GLU A 1 28 ? 2.804   -7.632  10.388  1.00 0.00 ? 28 GLU A CD   1 
ATOM 327  O OE1  . GLU A 1 28 ? 2.997   -8.057  11.548  1.00 0.00 ? 28 GLU A OE1  1 
ATOM 328  O OE2  . GLU A 1 28 ? 2.255   -6.530  10.166  1.00 0.00 ? 28 GLU A OE2  1 
ATOM 329  H H    . GLU A 1 28 ? 5.827   -10.763 7.064   1.00 0.00 ? 28 GLU A H    1 
ATOM 330  H HA   . GLU A 1 28 ? 4.095   -11.616 9.234   1.00 0.00 ? 28 GLU A HA   1 
ATOM 331  H HB2  . GLU A 1 28 ? 4.093   -9.891  10.606  1.00 0.00 ? 28 GLU A HB2  1 
ATOM 332  H HB3  . GLU A 1 28 ? 5.294   -9.054  9.639   1.00 0.00 ? 28 GLU A HB3  1 
ATOM 333  H HG2  . GLU A 1 28 ? 3.641   -7.829  8.403   1.00 0.00 ? 28 GLU A HG2  1 
ATOM 334  H HG3  . GLU A 1 28 ? 2.354   -8.981  8.769   1.00 0.00 ? 28 GLU A HG3  1 
ATOM 335  N N    . ASN A 1 29 ? 3.651   -9.996  6.422   1.00 0.00 ? 29 ASN A N    1 
ATOM 336  C CA   . ASN A 1 29 ? 2.838   -10.090 5.205   1.00 0.00 ? 29 ASN A CA   1 
ATOM 337  C C    . ASN A 1 29 ? 1.392   -9.650  5.432   1.00 0.00 ? 29 ASN A C    1 
ATOM 338  O O    . ASN A 1 29 ? 0.471   -10.220 4.849   1.00 0.00 ? 29 ASN A O    1 
ATOM 339  C CB   . ASN A 1 29 ? 2.877   -11.523 4.652   1.00 0.00 ? 29 ASN A CB   1 
ATOM 340  C CG   . ASN A 1 29 ? 4.269   -11.955 4.184   1.00 0.00 ? 29 ASN A CG   1 
ATOM 341  O OD1  . ASN A 1 29 ? 4.491   -12.200 3.000   1.00 0.00 ? 29 ASN A OD1  1 
ATOM 342  N ND2  . ASN A 1 29 ? 5.229   -12.058 5.089   1.00 0.00 ? 29 ASN A ND2  1 
ATOM 343  H H    . ASN A 1 29 ? 4.598   -9.599  6.423   1.00 0.00 ? 29 ASN A H    1 
ATOM 344  H HA   . ASN A 1 29 ? 3.269   -9.405  4.455   1.00 0.00 ? 29 ASN A HA   1 
ATOM 345  H HB2  . ASN A 1 29 ? 2.470   -12.235 5.394   1.00 0.00 ? 29 ASN A HB2  1 
ATOM 346  H HB3  . ASN A 1 29 ? 2.195   -11.588 3.784   1.00 0.00 ? 29 ASN A HB3  1 
ATOM 347  H HD21 . ASN A 1 29 ? 5.194   -11.351 5.837   1.00 0.00 ? 29 ASN A HD21 1 
ATOM 348  H HD22 . ASN A 1 29 ? 6.100   -12.456 4.727   1.00 0.00 ? 29 ASN A HD22 1 
ATOM 349  N N    . ILE A 1 30 ? 1.167   -8.662  6.290   1.00 0.00 ? 30 ILE A N    1 
ATOM 350  C CA   . ILE A 1 30 ? -0.179  -8.091  6.416   1.00 0.00 ? 30 ILE A CA   1 
ATOM 351  C C    . ILE A 1 30 ? -0.034  -6.631  6.856   1.00 0.00 ? 30 ILE A C    1 
ATOM 352  O O    . ILE A 1 30 ? 0.438   -6.327  7.951   1.00 0.00 ? 30 ILE A O    1 
ATOM 353  C CB   . ILE A 1 30 ? -1.105  -8.888  7.355   1.00 0.00 ? 30 ILE A CB   1 
ATOM 354  C CG1  . ILE A 1 30 ? -0.704  -8.718  8.830   1.00 0.00 ? 30 ILE A CG1  1 
ATOM 355  C CG2  . ILE A 1 30 ? -1.169  -10.372 6.987   1.00 0.00 ? 30 ILE A CG2  1 
ATOM 356  C CD1  . ILE A 1 30 ? -1.368  -9.739  9.756   1.00 0.00 ? 30 ILE A CD1  1 
ATOM 357  H H    . ILE A 1 30 ? 1.979   -8.317  6.810   1.00 0.00 ? 30 ILE A H    1 
ATOM 358  H HA   . ILE A 1 30 ? -0.647  -8.094  5.418   1.00 0.00 ? 30 ILE A HA   1 
ATOM 359  H HB   . ILE A 1 30 ? -2.125  -8.499  7.184   1.00 0.00 ? 30 ILE A HB   1 
ATOM 360  H HG12 . ILE A 1 30 ? 0.391   -8.801  8.933   1.00 0.00 ? 30 ILE A HG12 1 
ATOM 361  H HG13 . ILE A 1 30 ? -0.959  -7.699  9.175   1.00 0.00 ? 30 ILE A HG13 1 
ATOM 362  H HG21 . ILE A 1 30 ? -1.808  -10.939 7.690   1.00 0.00 ? 30 ILE A HG21 1 
ATOM 363  H HG22 . ILE A 1 30 ? -1.612  -10.492 5.985   1.00 0.00 ? 30 ILE A HG22 1 
ATOM 364  H HG23 . ILE A 1 30 ? -0.171  -10.844 6.990   1.00 0.00 ? 30 ILE A HG23 1 
ATOM 365  H HD11 . ILE A 1 30 ? -1.279  -9.430  10.813  1.00 0.00 ? 30 ILE A HD11 1 
ATOM 366  H HD12 . ILE A 1 30 ? -2.445  -9.857  9.533   1.00 0.00 ? 30 ILE A HD12 1 
ATOM 367  H HD13 . ILE A 1 30 ? -0.894  -10.731 9.659   1.00 0.00 ? 30 ILE A HD13 1 
ATOM 368  N N    . ALA A 1 31 ? -0.400  -5.706  5.979   1.00 0.00 ? 31 ALA A N    1 
ATOM 369  C CA   . ALA A 1 31 ? -0.292  -4.285  6.328   1.00 0.00 ? 31 ALA A CA   1 
ATOM 370  C C    . ALA A 1 31 ? -1.696  -3.675  6.360   1.00 0.00 ? 31 ALA A C    1 
ATOM 371  O O    . ALA A 1 31 ? -2.419  -3.736  5.366   1.00 0.00 ? 31 ALA A O    1 
ATOM 372  C CB   . ALA A 1 31 ? 0.570   -3.583  5.282   1.00 0.00 ? 31 ALA A CB   1 
ATOM 373  H H    . ALA A 1 31 ? -0.521  -6.044  5.017   1.00 0.00 ? 31 ALA A H    1 
ATOM 374  H HA   . ALA A 1 31 ? 0.195   -4.181  7.315   1.00 0.00 ? 31 ALA A HA   1 
ATOM 375  H HB1  . ALA A 1 31 ? 0.694   -2.511  5.527   1.00 0.00 ? 31 ALA A HB1  1 
ATOM 376  H HB2  . ALA A 1 31 ? 1.577   -4.033  5.220   1.00 0.00 ? 31 ALA A HB2  1 
ATOM 377  H HB3  . ALA A 1 31 ? 0.115   -3.643  4.276   1.00 0.00 ? 31 ALA A HB3  1 
ATOM 378  N N    . PRO A 1 32 ? -2.105  -3.023  7.445   1.00 0.00 ? 32 PRO A N    1 
ATOM 379  C CA   . PRO A 1 32 ? -3.500  -2.572  7.517   1.00 0.00 ? 32 PRO A CA   1 
ATOM 380  C C    . PRO A 1 32 ? -3.658  -1.165  6.924   1.00 0.00 ? 32 PRO A C    1 
ATOM 381  O O    . PRO A 1 32 ? -2.748  -0.631  6.289   1.00 0.00 ? 32 PRO A O    1 
ATOM 382  C CB   . PRO A 1 32 ? -3.838  -2.641  9.009   1.00 0.00 ? 32 PRO A CB   1 
ATOM 383  C CG   . PRO A 1 32 ? -2.520  -2.805  9.766   1.00 0.00 ? 32 PRO A CG   1 
ATOM 384  C CD   . PRO A 1 32 ? -1.497  -3.297  8.746   1.00 0.00 ? 32 PRO A CD   1 
ATOM 385  H HA   . PRO A 1 32 ? -4.140  -3.294  6.976   1.00 0.00 ? 32 PRO A HA   1 
ATOM 386  H HB2  . PRO A 1 32 ? -4.398  -1.757  9.361   1.00 0.00 ? 32 PRO A HB2  1 
ATOM 387  H HB3  . PRO A 1 32 ? -4.492  -3.509  9.199   1.00 0.00 ? 32 PRO A HB3  1 
ATOM 388  H HG2  . PRO A 1 32 ? -2.198  -1.846  10.208  1.00 0.00 ? 32 PRO A HG2  1 
ATOM 389  H HG3  . PRO A 1 32 ? -2.633  -3.524  10.598  1.00 0.00 ? 32 PRO A HG3  1 
ATOM 390  H HD2  . PRO A 1 32 ? -0.535  -2.763  8.856   1.00 0.00 ? 32 PRO A HD2  1 
ATOM 391  H HD3  . PRO A 1 32 ? -1.305  -4.378  8.870   1.00 0.00 ? 32 PRO A HD3  1 
ATOM 392  N N    . VAL A 1 33 ? -4.825  -0.558  7.091   1.00 0.00 ? 33 VAL A N    1 
ATOM 393  C CA   . VAL A 1 33 ? -4.992  0.834   6.612   1.00 0.00 ? 33 VAL A CA   1 
ATOM 394  C C    . VAL A 1 33 ? -4.007  1.800   7.276   1.00 0.00 ? 33 VAL A C    1 
ATOM 395  O O    . VAL A 1 33 ? -3.441  2.666   6.615   1.00 0.00 ? 33 VAL A O    1 
ATOM 396  C CB   . VAL A 1 33 ? -6.398  1.393   6.863   1.00 0.00 ? 33 VAL A CB   1 
ATOM 397  C CG1  . VAL A 1 33 ? -7.260  1.220   5.615   1.00 0.00 ? 33 VAL A CG1  1 
ATOM 398  C CG2  . VAL A 1 33 ? -7.069  0.785   8.096   1.00 0.00 ? 33 VAL A CG2  1 
ATOM 399  H H    . VAL A 1 33 ? -5.602  -1.187  7.357   1.00 0.00 ? 33 VAL A H    1 
ATOM 400  H HA   . VAL A 1 33 ? -4.799  0.884   5.517   1.00 0.00 ? 33 VAL A HA   1 
ATOM 401  H HB   . VAL A 1 33 ? -6.297  2.477   7.044   1.00 0.00 ? 33 VAL A HB   1 
ATOM 402  H HG11 . VAL A 1 33 ? -8.335  1.329   5.848   1.00 0.00 ? 33 VAL A HG11 1 
ATOM 403  H HG12 . VAL A 1 33 ? -7.011  1.975   4.848   1.00 0.00 ? 33 VAL A HG12 1 
ATOM 404  H HG13 . VAL A 1 33 ? -7.107  0.224   5.159   1.00 0.00 ? 33 VAL A HG13 1 
ATOM 405  H HG21 . VAL A 1 33 ? -8.127  1.097   8.170   1.00 0.00 ? 33 VAL A HG21 1 
ATOM 406  H HG22 . VAL A 1 33 ? -7.043  -0.318  8.072   1.00 0.00 ? 33 VAL A HG22 1 
ATOM 407  H HG23 . VAL A 1 33 ? -6.559  1.108   9.022   1.00 0.00 ? 33 VAL A HG23 1 
ATOM 408  N N    . SER A 1 34 ? -3.853  1.721   8.592   1.00 0.00 ? 34 SER A N    1 
ATOM 409  C CA   . SER A 1 34 ? -2.933  2.653   9.265   1.00 0.00 ? 34 SER A CA   1 
ATOM 410  C C    . SER A 1 34 ? -1.539  2.621   8.633   1.00 0.00 ? 34 SER A C    1 
ATOM 411  O O    . SER A 1 34 ? -0.878  3.647   8.458   1.00 0.00 ? 34 SER A O    1 
ATOM 412  C CB   . SER A 1 34 ? -2.864  2.295   10.747  1.00 0.00 ? 34 SER A CB   1 
ATOM 413  O OG   . SER A 1 34 ? -2.275  1.014   10.922  1.00 0.00 ? 34 SER A OG   1 
ATOM 414  H H    . SER A 1 34 ? -4.524  1.124   9.087   1.00 0.00 ? 34 SER A H    1 
ATOM 415  H HA   . SER A 1 34 ? -3.346  3.675   9.173   1.00 0.00 ? 34 SER A HA   1 
ATOM 416  H HB2  . SER A 1 34 ? -2.280  3.055   11.294  1.00 0.00 ? 34 SER A HB2  1 
ATOM 417  H HB3  . SER A 1 34 ? -3.878  2.305   11.184  1.00 0.00 ? 34 SER A HB3  1 
ATOM 418  H HG   . SER A 1 34 ? -1.382  1.075   10.570  1.00 0.00 ? 34 SER A HG   1 
ATOM 419  N N    . ASP A 1 35 ? -1.098  1.423   8.280   1.00 0.00 ? 35 ASP A N    1 
ATOM 420  C CA   . ASP A 1 35 ? 0.161   1.282   7.547   1.00 0.00 ? 35 ASP A CA   1 
ATOM 421  C C    . ASP A 1 35 ? 0.093   1.991   6.185   1.00 0.00 ? 35 ASP A C    1 
ATOM 422  O O    . ASP A 1 35 ? 1.073   2.591   5.750   1.00 0.00 ? 35 ASP A O    1 
ATOM 423  C CB   . ASP A 1 35 ? 0.455   -0.221  7.421   1.00 0.00 ? 35 ASP A CB   1 
ATOM 424  C CG   . ASP A 1 35 ? 1.397   -0.719  8.513   1.00 0.00 ? 35 ASP A CG   1 
ATOM 425  O OD1  . ASP A 1 35 ? 1.486   -0.076  9.580   1.00 0.00 ? 35 ASP A OD1  1 
ATOM 426  O OD2  . ASP A 1 35 ? 2.034   -1.779  8.320   1.00 0.00 ? 35 ASP A OD2  1 
ATOM 427  H H    . ASP A 1 35 ? -1.760  0.650   8.410   1.00 0.00 ? 35 ASP A H    1 
ATOM 428  H HA   . ASP A 1 35 ? 0.967   1.754   8.141   1.00 0.00 ? 35 ASP A HA   1 
ATOM 429  H HB2  . ASP A 1 35 ? -0.480  -0.807  7.486   1.00 0.00 ? 35 ASP A HB2  1 
ATOM 430  H HB3  . ASP A 1 35 ? 0.889   -0.448  6.430   1.00 0.00 ? 35 ASP A HB3  1 
ATOM 431  N N    . THR A 1 36 ? -1.054  1.965   5.510   1.00 0.00 ? 36 THR A N    1 
ATOM 432  C CA   . THR A 1 36 ? -1.185  2.733   4.262   1.00 0.00 ? 36 THR A CA   1 
ATOM 433  C C    . THR A 1 36 ? -1.178  4.253   4.503   1.00 0.00 ? 36 THR A C    1 
ATOM 434  O O    . THR A 1 36 ? -0.850  5.027   3.604   1.00 0.00 ? 36 THR A O    1 
ATOM 435  C CB   . THR A 1 36 ? -2.469  2.304   3.535   1.00 0.00 ? 36 THR A CB   1 
ATOM 436  O OG1  . THR A 1 36 ? -2.497  0.890   3.420   1.00 0.00 ? 36 THR A OG1  1 
ATOM 437  C CG2  . THR A 1 36 ? -2.556  2.893   2.126   1.00 0.00 ? 36 THR A CG2  1 
ATOM 438  H H    . THR A 1 36 ? -1.615  1.120   5.646   1.00 0.00 ? 36 THR A H    1 
ATOM 439  H HA   . THR A 1 36 ? -0.330  2.476   3.612   1.00 0.00 ? 36 THR A HA   1 
ATOM 440  H HB   . THR A 1 36 ? -3.351  2.629   4.113   1.00 0.00 ? 36 THR A HB   1 
ATOM 441  H HG1  . THR A 1 36 ? -2.852  0.702   2.547   1.00 0.00 ? 36 THR A HG1  1 
ATOM 442  H HG21 . THR A 1 36 ? -3.450  2.526   1.591   1.00 0.00 ? 36 THR A HG21 1 
ATOM 443  H HG22 . THR A 1 36 ? -2.616  3.997   2.147   1.00 0.00 ? 36 THR A HG22 1 
ATOM 444  H HG23 . THR A 1 36 ? -1.676  2.617   1.520   1.00 0.00 ? 36 THR A HG23 1 
ATOM 445  N N    . MET A 1 37 ? -1.516  4.699   5.707   1.00 0.00 ? 37 MET A N    1 
ATOM 446  C CA   . MET A 1 37 ? -1.454  6.140   5.999   1.00 0.00 ? 37 MET A CA   1 
ATOM 447  C C    . MET A 1 37 ? 0.003   6.569   6.165   1.00 0.00 ? 37 MET A C    1 
ATOM 448  O O    . MET A 1 37 ? 0.502   7.435   5.442   1.00 0.00 ? 37 MET A O    1 
ATOM 449  C CB   . MET A 1 37 ? -2.204  6.463   7.297   1.00 0.00 ? 37 MET A CB   1 
ATOM 450  C CG   . MET A 1 37 ? -3.667  6.024   7.271   1.00 0.00 ? 37 MET A CG   1 
ATOM 451  S SD   . MET A 1 37 ? -4.475  6.649   5.790   1.00 0.00 ? 37 MET A SD   1 
ATOM 452  C CE   . MET A 1 37 ? -4.643  5.101   4.888   1.00 0.00 ? 37 MET A CE   1 
ATOM 453  H H    . MET A 1 37 ? -2.038  4.032   6.283   1.00 0.00 ? 37 MET A H    1 
ATOM 454  H HA   . MET A 1 37 ? -1.902  6.710   5.162   1.00 0.00 ? 37 MET A HA   1 
ATOM 455  H HB2  . MET A 1 37 ? -1.695  5.995   8.162   1.00 0.00 ? 37 MET A HB2  1 
ATOM 456  H HB3  . MET A 1 37 ? -2.153  7.551   7.477   1.00 0.00 ? 37 MET A HB3  1 
ATOM 457  H HG2  . MET A 1 37 ? -3.745  4.922   7.308   1.00 0.00 ? 37 MET A HG2  1 
ATOM 458  H HG3  . MET A 1 37 ? -4.194  6.411   8.160   1.00 0.00 ? 37 MET A HG3  1 
ATOM 459  H HE1  . MET A 1 37 ? -5.542  5.115   4.250   1.00 0.00 ? 37 MET A HE1  1 
ATOM 460  H HE2  . MET A 1 37 ? -3.763  4.924   4.244   1.00 0.00 ? 37 MET A HE2  1 
ATOM 461  H HE3  . MET A 1 37 ? -4.729  4.252   5.589   1.00 0.00 ? 37 MET A HE3  1 
ATOM 462  N N    . ASP A 1 38 ? 0.684   5.963   7.134   1.00 0.00 ? 38 ASP A N    1 
ATOM 463  C CA   . ASP A 1 38 ? 2.128   6.204   7.278   1.00 0.00 ? 38 ASP A CA   1 
ATOM 464  C C    . ASP A 1 38 ? 2.857   6.024   5.948   1.00 0.00 ? 38 ASP A C    1 
ATOM 465  O O    . ASP A 1 38 ? 3.873   6.658   5.672   1.00 0.00 ? 38 ASP A O    1 
ATOM 466  C CB   . ASP A 1 38 ? 2.680   5.204   8.294   1.00 0.00 ? 38 ASP A CB   1 
ATOM 467  C CG   . ASP A 1 38 ? 2.423   5.663   9.719   1.00 0.00 ? 38 ASP A CG   1 
ATOM 468  O OD1  . ASP A 1 38 ? 3.253   6.429   10.254  1.00 0.00 ? 38 ASP A OD1  1 
ATOM 469  O OD2  . ASP A 1 38 ? 1.397   5.269   10.313  1.00 0.00 ? 38 ASP A OD2  1 
ATOM 470  H H    . ASP A 1 38 ? 0.208   5.162   7.568   1.00 0.00 ? 38 ASP A H    1 
ATOM 471  H HA   . ASP A 1 38 ? 2.304   7.228   7.646   1.00 0.00 ? 38 ASP A HA   1 
ATOM 472  H HB2  . ASP A 1 38 ? 2.243   4.204   8.128   1.00 0.00 ? 38 ASP A HB2  1 
ATOM 473  H HB3  . ASP A 1 38 ? 3.765   5.084   8.151   1.00 0.00 ? 38 ASP A HB3  1 
ATOM 474  N N    . MET A 1 39 ? 2.339   5.130   5.128   1.00 0.00 ? 39 MET A N    1 
ATOM 475  C CA   . MET A 1 39 ? 2.924   4.906   3.806   1.00 0.00 ? 39 MET A CA   1 
ATOM 476  C C    . MET A 1 39 ? 2.779   6.078   2.868   1.00 0.00 ? 39 MET A C    1 
ATOM 477  O O    . MET A 1 39 ? 3.726   6.790   2.546   1.00 0.00 ? 39 MET A O    1 
ATOM 478  C CB   . MET A 1 39 ? 2.114   3.763   3.200   1.00 0.00 ? 39 MET A CB   1 
ATOM 479  C CG   . MET A 1 39 ? 3.002   2.558   3.153   1.00 0.00 ? 39 MET A CG   1 
ATOM 480  S SD   . MET A 1 39 ? 3.592   2.183   1.476   1.00 0.00 ? 39 MET A SD   1 
ATOM 481  C CE   . MET A 1 39 ? 2.418   2.935   0.333   1.00 0.00 ? 39 MET A CE   1 
ATOM 482  H H    . MET A 1 39 ? 1.642   4.497   5.549   1.00 0.00 ? 39 MET A H    1 
ATOM 483  H HA   . MET A 1 39 ? 4.003   4.657   3.888   1.00 0.00 ? 39 MET A HA   1 
ATOM 484  H HB2  . MET A 1 39 ? 1.225   3.551   3.815   1.00 0.00 ? 39 MET A HB2  1 
ATOM 485  H HB3  . MET A 1 39 ? 1.727   4.000   2.198   1.00 0.00 ? 39 MET A HB3  1 
ATOM 486  H HG2  . MET A 1 39 ? 3.854   2.780   3.813   1.00 0.00 ? 39 MET A HG2  1 
ATOM 487  H HG3  . MET A 1 39 ? 2.500   1.686   3.603   1.00 0.00 ? 39 MET A HG3  1 
ATOM 488  H HE1  . MET A 1 39 ? 1.389   2.587   0.519   1.00 0.00 ? 39 MET A HE1  1 
ATOM 489  H HE2  . MET A 1 39 ? 2.437   4.033   0.427   1.00 0.00 ? 39 MET A HE2  1 
ATOM 490  H HE3  . MET A 1 39 ? 2.678   2.683   -0.712  1.00 0.00 ? 39 MET A HE3  1 
ATOM 491  N N    . LEU A 1 40 ? 1.564   6.237   2.396   1.00 0.00 ? 40 LEU A N    1 
ATOM 492  C CA   . LEU A 1 40 ? 1.347   7.177   1.307   1.00 0.00 ? 40 LEU A CA   1 
ATOM 493  C C    . LEU A 1 40 ? 1.557   8.620   1.792   1.00 0.00 ? 40 LEU A C    1 
ATOM 494  O O    . LEU A 1 40 ? 1.467   9.567   1.010   1.00 0.00 ? 40 LEU A O    1 
ATOM 495  C CB   . LEU A 1 40 ? -0.013  6.829   0.671   1.00 0.00 ? 40 LEU A CB   1 
ATOM 496  C CG   . LEU A 1 40 ? 0.049   5.822   -0.503  1.00 0.00 ? 40 LEU A CG   1 
ATOM 497  C CD1  . LEU A 1 40 ? 1.339   5.930   -1.319  1.00 0.00 ? 40 LEU A CD1  1 
ATOM 498  C CD2  . LEU A 1 40 ? -0.297  4.375   -0.172  1.00 0.00 ? 40 LEU A CD2  1 
ATOM 499  H H    . LEU A 1 40 ? 0.834   5.723   2.905   1.00 0.00 ? 40 LEU A H    1 
ATOM 500  H HA   . LEU A 1 40 ? 2.144   7.006   0.562   1.00 0.00 ? 40 LEU A HA   1 
ATOM 501  H HB2  . LEU A 1 40 ? -0.688  6.431   1.452   1.00 0.00 ? 40 LEU A HB2  1 
ATOM 502  H HB3  . LEU A 1 40 ? -0.496  7.756   0.316   1.00 0.00 ? 40 LEU A HB3  1 
ATOM 503  H HG   . LEU A 1 40 ? -0.774  6.052   -1.175  1.00 0.00 ? 40 LEU A HG   1 
ATOM 504  H HD11 . LEU A 1 40 ? 1.271   5.361   -2.262  1.00 0.00 ? 40 LEU A HD11 1 
ATOM 505  H HD12 . LEU A 1 40 ? 1.554   6.981   -1.585  1.00 0.00 ? 40 LEU A HD12 1 
ATOM 506  H HD13 . LEU A 1 40 ? 2.217   5.545   -0.770  1.00 0.00 ? 40 LEU A HD13 1 
ATOM 507  H HD21 . LEU A 1 40 ? 0.145   3.686   -0.919  1.00 0.00 ? 40 LEU A HD21 1 
ATOM 508  H HD22 . LEU A 1 40 ? 0.030   4.072   0.834   1.00 0.00 ? 40 LEU A HD22 1 
ATOM 509  H HD23 . LEU A 1 40 ? -1.390  4.217   -0.242  1.00 0.00 ? 40 LEU A HD23 1 
ATOM 510  N N    . THR A 1 41 ? 1.892   8.785   3.074   1.00 0.00 ? 41 THR A N    1 
ATOM 511  C CA   . THR A 1 41 ? 2.479   10.045  3.534   1.00 0.00 ? 41 THR A CA   1 
ATOM 512  C C    . THR A 1 41 ? 4.017   9.951   3.556   1.00 0.00 ? 41 THR A C    1 
ATOM 513  O O    . THR A 1 41 ? 4.702   10.832  3.035   1.00 0.00 ? 41 THR A O    1 
ATOM 514  C CB   . THR A 1 41 ? 1.951   10.359  4.937   1.00 0.00 ? 41 THR A CB   1 
ATOM 515  O OG1  . THR A 1 41 ? 0.542   10.175  4.970   1.00 0.00 ? 41 THR A OG1  1 
ATOM 516  C CG2  . THR A 1 41 ? 2.260   11.806  5.321   1.00 0.00 ? 41 THR A CG2  1 
ATOM 517  H H    . THR A 1 41 ? 1.486   8.102   3.723   1.00 0.00 ? 41 THR A H    1 
ATOM 518  H HA   . THR A 1 41 ? 2.184   10.855  2.842   1.00 0.00 ? 41 THR A HA   1 
ATOM 519  H HB   . THR A 1 41 ? 2.420   9.681   5.673   1.00 0.00 ? 41 THR A HB   1 
ATOM 520  H HG1  . THR A 1 41 ? 0.398   9.227   5.019   1.00 0.00 ? 41 THR A HG1  1 
ATOM 521  H HG21 . THR A 1 41 ? 1.963   12.011  6.366   1.00 0.00 ? 41 THR A HG21 1 
ATOM 522  H HG22 . THR A 1 41 ? 3.340   12.022  5.233   1.00 0.00 ? 41 THR A HG22 1 
ATOM 523  H HG23 . THR A 1 41 ? 1.716   12.521  4.674   1.00 0.00 ? 41 THR A HG23 1 
ATOM 524  N N    . LYS A 1 42 ? 4.586   8.905   4.152   1.00 0.00 ? 42 LYS A N    1 
ATOM 525  C CA   . LYS A 1 42 ? 6.049   8.860   4.310   1.00 0.00 ? 42 LYS A CA   1 
ATOM 526  C C    . LYS A 1 42 ? 6.773   8.158   3.166   1.00 0.00 ? 42 LYS A C    1 
ATOM 527  O O    . LYS A 1 42 ? 7.799   8.636   2.688   1.00 0.00 ? 42 LYS A O    1 
ATOM 528  C CB   . LYS A 1 42 ? 6.455   8.098   5.577   1.00 0.00 ? 42 LYS A CB   1 
ATOM 529  C CG   . LYS A 1 42 ? 5.829   8.650   6.858   1.00 0.00 ? 42 LYS A CG   1 
ATOM 530  C CD   . LYS A 1 42 ? 6.505   8.046   8.094   1.00 0.00 ? 42 LYS A CD   1 
ATOM 531  C CE   . LYS A 1 42 ? 6.407   6.514   8.143   1.00 0.00 ? 42 LYS A CE   1 
ATOM 532  N NZ   . LYS A 1 42 ? 5.848   6.099   9.441   1.00 0.00 ? 42 LYS A NZ   1 
ATOM 533  H H    . LYS A 1 42 ? 3.950   8.276   4.656   1.00 0.00 ? 42 LYS A H    1 
ATOM 534  H HA   . LYS A 1 42 ? 6.433   9.893   4.361   1.00 0.00 ? 42 LYS A HA   1 
ATOM 535  H HB2  . LYS A 1 42 ? 6.191   7.031   5.470   1.00 0.00 ? 42 LYS A HB2  1 
ATOM 536  H HB3  . LYS A 1 42 ? 7.557   8.119   5.674   1.00 0.00 ? 42 LYS A HB3  1 
ATOM 537  H HG2  . LYS A 1 42 ? 5.920   9.751   6.877   1.00 0.00 ? 42 LYS A HG2  1 
ATOM 538  H HG3  . LYS A 1 42 ? 4.746   8.436   6.879   1.00 0.00 ? 42 LYS A HG3  1 
ATOM 539  H HD2  . LYS A 1 42 ? 7.566   8.354   8.115   1.00 0.00 ? 42 LYS A HD2  1 
ATOM 540  H HD3  . LYS A 1 42 ? 6.061   8.488   9.004   1.00 0.00 ? 42 LYS A HD3  1 
ATOM 541  H HE2  . LYS A 1 42 ? 5.773   6.127   7.322   1.00 0.00 ? 42 LYS A HE2  1 
ATOM 542  H HE3  . LYS A 1 42 ? 7.407   6.054   8.002   1.00 0.00 ? 42 LYS A HE3  1 
ATOM 543  H HZ1  . LYS A 1 42 ? 5.855   5.079   9.555   1.00 0.00 ? 42 LYS A HZ1  1 
ATOM 544  H HZ2  . LYS A 1 42 ? 6.374   6.493   10.229  1.00 0.00 ? 42 LYS A HZ2  1 
ATOM 545  H HZ3  . LYS A 1 42 ? 4.870   6.395   9.557   1.00 0.00 ? 42 LYS A HZ3  1 
ATOM 546  N N    . LEU A 1 43 ? 6.314   6.967   2.803   1.00 0.00 ? 43 LEU A N    1 
ATOM 547  C CA   . LEU A 1 43 ? 7.004   6.188   1.777   1.00 0.00 ? 43 LEU A CA   1 
ATOM 548  C C    . LEU A 1 43 ? 7.339   7.039   0.549   1.00 0.00 ? 43 LEU A C    1 
ATOM 549  O O    . LEU A 1 43 ? 8.372   6.857   -0.095  1.00 0.00 ? 43 LEU A O    1 
ATOM 550  C CB   . LEU A 1 43 ? 6.017   5.060   1.472   1.00 0.00 ? 43 LEU A CB   1 
ATOM 551  C CG   . LEU A 1 43 ? 6.423   4.223   0.268   1.00 0.00 ? 43 LEU A CG   1 
ATOM 552  C CD1  . LEU A 1 43 ? 7.131   2.950   0.712   1.00 0.00 ? 43 LEU A CD1  1 
ATOM 553  C CD2  . LEU A 1 43 ? 5.192   3.803   -0.524  1.00 0.00 ? 43 LEU A CD2  1 
ATOM 554  H H    . LEU A 1 43 ? 5.293   6.879   2.814   1.00 0.00 ? 43 LEU A H    1 
ATOM 555  H HA   . LEU A 1 43 ? 7.934   5.765   2.199   1.00 0.00 ? 43 LEU A HA   1 
ATOM 556  H HB2  . LEU A 1 43 ? 5.900   4.415   2.362   1.00 0.00 ? 43 LEU A HB2  1 
ATOM 557  H HB3  . LEU A 1 43 ? 5.015   5.490   1.290   1.00 0.00 ? 43 LEU A HB3  1 
ATOM 558  H HG   . LEU A 1 43 ? 7.080   4.840   -0.361  1.00 0.00 ? 43 LEU A HG   1 
ATOM 559  H HD11 . LEU A 1 43 ? 6.996   2.145   -0.035  1.00 0.00 ? 43 LEU A HD11 1 
ATOM 560  H HD12 . LEU A 1 43 ? 8.212   3.106   0.856   1.00 0.00 ? 43 LEU A HD12 1 
ATOM 561  H HD13 . LEU A 1 43 ? 6.704   2.590   1.665   1.00 0.00 ? 43 LEU A HD13 1 
ATOM 562  H HD21 . LEU A 1 43 ? 5.386   3.822   -1.609  1.00 0.00 ? 43 LEU A HD21 1 
ATOM 563  H HD22 . LEU A 1 43 ? 4.903   2.769   -0.256  1.00 0.00 ? 43 LEU A HD22 1 
ATOM 564  H HD23 . LEU A 1 43 ? 4.332   4.459   -0.312  1.00 0.00 ? 43 LEU A HD23 1 
ATOM 565  N N    . GLY A 1 44 ? 6.462   7.974   0.216   1.00 0.00 ? 44 GLY A N    1 
ATOM 566  C CA   . GLY A 1 44 ? 6.800   8.920   -0.845  1.00 0.00 ? 44 GLY A CA   1 
ATOM 567  C C    . GLY A 1 44 ? 6.348   10.310  -0.431  1.00 0.00 ? 44 GLY A C    1 
ATOM 568  O O    . GLY A 1 44 ? 7.126   11.132  0.055   1.00 0.00 ? 44 GLY A O    1 
ATOM 569  H H    . GLY A 1 44 ? 5.771   8.188   0.946   1.00 0.00 ? 44 GLY A H    1 
ATOM 570  H HA2  . GLY A 1 44 ? 7.888   8.916   -1.035  1.00 0.00 ? 44 GLY A HA2  1 
ATOM 571  H HA3  . GLY A 1 44 ? 6.303   8.625   -1.785  1.00 0.00 ? 44 GLY A HA3  1 
ATOM 572  N N    . GLN A 1 45 ? 5.061   10.552  -0.594  1.00 0.00 ? 45 GLN A N    1 
ATOM 573  C CA   . GLN A 1 45 ? 4.506   11.853  -0.207  1.00 0.00 ? 45 GLN A CA   1 
ATOM 574  C C    . GLN A 1 45 ? 3.003   11.808  -0.467  1.00 0.00 ? 45 GLN A C    1 
ATOM 575  O O    . GLN A 1 45 ? 2.190   12.049  0.423   1.00 0.00 ? 45 GLN A O    1 
ATOM 576  C CB   . GLN A 1 45 ? 5.155   12.996  -0.996  1.00 0.00 ? 45 GLN A CB   1 
ATOM 577  C CG   . GLN A 1 45 ? 4.865   14.346  -0.338  1.00 0.00 ? 45 GLN A CG   1 
ATOM 578  C CD   . GLN A 1 45 ? 5.823   15.422  -0.831  1.00 0.00 ? 45 GLN A CD   1 
ATOM 579  O OE1  . GLN A 1 45 ? 5.649   16.009  -1.899  1.00 0.00 ? 45 GLN A OE1  1 
ATOM 580  N NE2  . GLN A 1 45 ? 6.845   15.708  -0.048  1.00 0.00 ? 45 GLN A NE2  1 
ATOM 581  H H    . GLN A 1 45 ? 4.480   9.708   -0.629  1.00 0.00 ? 45 GLN A H    1 
ATOM 582  H HA   . GLN A 1 45 ? 4.680   12.013  0.874   1.00 0.00 ? 45 GLN A HA   1 
ATOM 583  H HB2  . GLN A 1 45 ? 6.248   12.846  -1.056  1.00 0.00 ? 45 GLN A HB2  1 
ATOM 584  H HB3  . GLN A 1 45 ? 4.790   12.995  -2.040  1.00 0.00 ? 45 GLN A HB3  1 
ATOM 585  H HG2  . GLN A 1 45 ? 3.827   14.658  -0.560  1.00 0.00 ? 45 GLN A HG2  1 
ATOM 586  H HG3  . GLN A 1 45 ? 4.933   14.258  0.760   1.00 0.00 ? 45 GLN A HG3  1 
ATOM 587  H HE21 . GLN A 1 45 ? 6.993   15.066  0.740   1.00 0.00 ? 45 GLN A HE21 1 
ATOM 588  H HE22 . GLN A 1 45 ? 7.546   16.339  -0.451  1.00 0.00 ? 45 GLN A HE22 1 
ATOM 589  N N    . THR A 1 46 ? 2.640   11.529  -1.715  1.00 0.00 ? 46 THR A N    1 
ATOM 590  C CA   . THR A 1 46 ? 1.223   11.345  -2.053  1.00 0.00 ? 46 THR A CA   1 
ATOM 591  C C    . THR A 1 46 ? 1.151   10.921  -3.533  1.00 0.00 ? 46 THR A C    1 
ATOM 592  O O    . THR A 1 46 ? 2.170   10.952  -4.225  1.00 0.00 ? 46 THR A O    1 
ATOM 593  C CB   . THR A 1 46 ? 0.441   12.643  -1.777  1.00 0.00 ? 46 THR A CB   1 
ATOM 594  O OG1  . THR A 1 46 ? -0.826  12.592  -2.415  1.00 0.00 ? 46 THR A OG1  1 
ATOM 595  C CG2  . THR A 1 46 ? 1.175   13.899  -2.254  1.00 0.00 ? 46 THR A CG2  1 
ATOM 596  H H    . THR A 1 46 ? 3.356   11.681  -2.433  1.00 0.00 ? 46 THR A H    1 
ATOM 597  H HA   . THR A 1 46 ? 0.855   10.531  -1.398  1.00 0.00 ? 46 THR A HA   1 
ATOM 598  H HB   . THR A 1 46 ? 0.274   12.723  -0.689  1.00 0.00 ? 46 THR A HB   1 
ATOM 599  H HG1  . THR A 1 46 ? -1.152  13.496  -2.417  1.00 0.00 ? 46 THR A HG1  1 
ATOM 600  H HG21 . THR A 1 46 ? 0.555   14.804  -2.116  1.00 0.00 ? 46 THR A HG21 1 
ATOM 601  H HG22 . THR A 1 46 ? 2.107   14.067  -1.683  1.00 0.00 ? 46 THR A HG22 1 
ATOM 602  H HG23 . THR A 1 46 ? 1.447   13.835  -3.321  1.00 0.00 ? 46 THR A HG23 1 
ATOM 603  N N    . TYR A 1 47 ? -0.004  10.511  -4.059  1.00 0.00 ? 47 TYR A N    1 
ATOM 604  C CA   . TYR A 1 47 ? -0.020  10.095  -5.472  1.00 0.00 ? 47 TYR A CA   1 
ATOM 605  C C    . TYR A 1 47 ? -0.827  11.125  -6.271  1.00 0.00 ? 47 TYR A C    1 
ATOM 606  O O    . TYR A 1 47 ? -0.323  12.206  -6.574  1.00 0.00 ? 47 TYR A O    1 
ATOM 607  C CB   . TYR A 1 47 ? -0.550  8.661   -5.618  1.00 0.00 ? 47 TYR A CB   1 
ATOM 608  C CG   . TYR A 1 47 ? 0.561   7.635   -5.753  1.00 0.00 ? 47 TYR A CG   1 
ATOM 609  C CD1  . TYR A 1 47 ? 1.476   7.754   -6.735  1.00 0.00 ? 47 TYR A CD1  1 
ATOM 610  C CD2  . TYR A 1 47 ? 0.566   6.525   -4.980  1.00 0.00 ? 47 TYR A CD2  1 
ATOM 611  C CE1  . TYR A 1 47 ? 2.592   6.988   -6.700  1.00 0.00 ? 47 TYR A CE1  1 
ATOM 612  C CE2  . TYR A 1 47 ? 1.658   5.730   -4.969  1.00 0.00 ? 47 TYR A CE2  1 
ATOM 613  C CZ   . TYR A 1 47 ? 2.685   5.984   -5.806  1.00 0.00 ? 47 TYR A CZ   1 
ATOM 614  O OH   . TYR A 1 47 ? 3.794   5.179   -5.788  1.00 0.00 ? 47 TYR A OH   1 
ATOM 615  H H    . TYR A 1 47 ? -0.843  10.973  -3.683  1.00 0.00 ? 47 TYR A H    1 
ATOM 616  H HA   . TYR A 1 47 ? 1.011   10.109  -5.858  1.00 0.00 ? 47 TYR A HA   1 
ATOM 617  H HB2  . TYR A 1 47 ? -1.180  8.426   -4.746  1.00 0.00 ? 47 TYR A HB2  1 
ATOM 618  H HB3  . TYR A 1 47 ? -1.204  8.584   -6.504  1.00 0.00 ? 47 TYR A HB3  1 
ATOM 619  H HD1  . TYR A 1 47 ? 1.214   8.311   -7.626  1.00 0.00 ? 47 TYR A HD1  1 
ATOM 620  H HD2  . TYR A 1 47 ? -0.371  6.170   -4.573  1.00 0.00 ? 47 TYR A HD2  1 
ATOM 621  H HE1  . TYR A 1 47 ? 3.434   7.187   -7.349  1.00 0.00 ? 47 TYR A HE1  1 
ATOM 622  H HE2  . TYR A 1 47 ? 1.728   4.874   -4.308  1.00 0.00 ? 47 TYR A HE2  1 
ATOM 623  H HH   . TYR A 1 47 ? 4.470   5.558   -6.358  1.00 0.00 ? 47 TYR A HH   1 
ATOM 624  N N    . THR A 1 48 ? -2.067  10.820  -6.643  1.00 0.00 ? 48 THR A N    1 
ATOM 625  C CA   . THR A 1 48 ? -2.889  11.871  -7.257  1.00 0.00 ? 48 THR A CA   1 
ATOM 626  C C    . THR A 1 48 ? -3.512  12.701  -6.129  1.00 0.00 ? 48 THR A C    1 
ATOM 627  O O    . THR A 1 48 ? -2.885  13.616  -5.598  1.00 0.00 ? 48 THR A O    1 
ATOM 628  C CB   . THR A 1 48 ? -3.930  11.218  -8.174  1.00 0.00 ? 48 THR A CB   1 
ATOM 629  O OG1  . THR A 1 48 ? -3.279  10.330  -9.071  1.00 0.00 ? 48 THR A OG1  1 
ATOM 630  C CG2  . THR A 1 48 ? -4.672  12.272  -8.996  1.00 0.00 ? 48 THR A CG2  1 
ATOM 631  H H    . THR A 1 48 ? -2.194  9.840   -6.926  1.00 0.00 ? 48 THR A H    1 
ATOM 632  H HA   . THR A 1 48 ? -2.244  12.530  -7.865  1.00 0.00 ? 48 THR A HA   1 
ATOM 633  H HB   . THR A 1 48 ? -4.658  10.645  -7.571  1.00 0.00 ? 48 THR A HB   1 
ATOM 634  H HG1  . THR A 1 48 ? -3.822  10.311  -9.862  1.00 0.00 ? 48 THR A HG1  1 
ATOM 635  H HG21 . THR A 1 48 ? -5.310  11.806  -9.769  1.00 0.00 ? 48 THR A HG21 1 
ATOM 636  H HG22 . THR A 1 48 ? -5.329  12.892  -8.359  1.00 0.00 ? 48 THR A HG22 1 
ATOM 637  H HG23 . THR A 1 48 ? -3.964  12.947  -9.508  1.00 0.00 ? 48 THR A HG23 1 
ATOM 638  N N    . LYS A 1 49 ? -4.745  12.401  -5.743  1.00 0.00 ? 49 LYS A N    1 
ATOM 639  C CA   . LYS A 1 49 ? -5.323  13.084  -4.582  1.00 0.00 ? 49 LYS A CA   1 
ATOM 640  C C    . LYS A 1 49 ? -6.565  12.331  -4.109  1.00 0.00 ? 49 LYS A C    1 
ATOM 641  O O    . LYS A 1 49 ? -6.576  11.757  -3.022  1.00 0.00 ? 49 LYS A O    1 
ATOM 642  C CB   . LYS A 1 49 ? -5.648  14.544  -4.917  1.00 0.00 ? 49 LYS A CB   1 
ATOM 643  C CG   . LYS A 1 49 ? -5.751  15.396  -3.648  1.00 0.00 ? 49 LYS A CG   1 
ATOM 644  C CD   . LYS A 1 49 ? -7.175  15.409  -3.088  1.00 0.00 ? 49 LYS A CD   1 
ATOM 645  C CE   . LYS A 1 49 ? -7.173  15.425  -1.558  1.00 0.00 ? 49 LYS A CE   1 
ATOM 646  N NZ   . LYS A 1 49 ? -6.946  14.066  -1.035  1.00 0.00 ? 49 LYS A NZ   1 
ATOM 647  H H    . LYS A 1 49 ? -5.164  11.569  -6.172  1.00 0.00 ? 49 LYS A H    1 
ATOM 648  H HA   . LYS A 1 49 ? -4.582  13.060  -3.763  1.00 0.00 ? 49 LYS A HA   1 
ATOM 649  H HB2  . LYS A 1 49 ? -4.864  14.964  -5.574  1.00 0.00 ? 49 LYS A HB2  1 
ATOM 650  H HB3  . LYS A 1 49 ? -6.588  14.606  -5.494  1.00 0.00 ? 49 LYS A HB3  1 
ATOM 651  H HG2  . LYS A 1 49 ? -5.043  15.021  -2.888  1.00 0.00 ? 49 LYS A HG2  1 
ATOM 652  H HG3  . LYS A 1 49 ? -5.437  16.431  -3.870  1.00 0.00 ? 49 LYS A HG3  1 
ATOM 653  H HD2  . LYS A 1 49 ? -7.716  16.294  -3.469  1.00 0.00 ? 49 LYS A HD2  1 
ATOM 654  H HD3  . LYS A 1 49 ? -7.740  14.533  -3.454  1.00 0.00 ? 49 LYS A HD3  1 
ATOM 655  H HE2  . LYS A 1 49 ? -6.391  16.109  -1.183  1.00 0.00 ? 49 LYS A HE2  1 
ATOM 656  H HE3  . LYS A 1 49 ? -8.135  15.816  -1.176  1.00 0.00 ? 49 LYS A HE3  1 
ATOM 657  H HZ1  . LYS A 1 49 ? -6.399  14.074  -0.167  1.00 0.00 ? 49 LYS A HZ1  1 
ATOM 658  H HZ2  . LYS A 1 49 ? -7.828  13.577  -0.829  1.00 0.00 ? 49 LYS A HZ2  1 
ATOM 659  H HZ3  . LYS A 1 49 ? -6.435  13.481  -1.707  1.00 0.00 ? 49 LYS A HZ3  1 
ATOM 660  N N    . ARG A 1 50 ? -7.626  12.341  -4.908  1.00 0.00 ? 50 ARG A N    1 
ATOM 661  C CA   . ARG A 1 50 ? -8.848  11.644  -4.490  1.00 0.00 ? 50 ARG A CA   1 
ATOM 662  C C    . ARG A 1 50 ? -8.852  10.187  -4.960  1.00 0.00 ? 50 ARG A C    1 
ATOM 663  O O    . ARG A 1 50 ? -9.433  9.309   -4.323  1.00 0.00 ? 50 ARG A O    1 
ATOM 664  C CB   . ARG A 1 50 ? -10.060 12.386  -5.058  1.00 0.00 ? 50 ARG A CB   1 
ATOM 665  C CG   . ARG A 1 50 ? -11.338 12.045  -4.290  1.00 0.00 ? 50 ARG A CG   1 
ATOM 666  C CD   . ARG A 1 50 ? -11.282 12.611  -2.873  1.00 0.00 ? 50 ARG A CD   1 
ATOM 667  N NE   . ARG A 1 50 ? -12.624 12.644  -2.291  1.00 0.00 ? 50 ARG A NE   1 
ATOM 668  C CZ   . ARG A 1 50 ? -12.830 13.336  -1.180  1.00 0.00 ? 50 ARG A CZ   1 
ATOM 669  N NH1  . ARG A 1 50 ? -11.838 13.582  -0.341  1.00 0.00 ? 50 ARG A NH1  1 
ATOM 670  N NH2  . ARG A 1 50 ? -14.045 13.757  -0.894  1.00 0.00 ? 50 ARG A NH2  1 
ATOM 671  H H    . ARG A 1 50 ? -7.456  12.650  -5.871  1.00 0.00 ? 50 ARG A H    1 
ATOM 672  H HA   . ARG A 1 50 ? -8.905  11.659  -3.385  1.00 0.00 ? 50 ARG A HA   1 
ATOM 673  H HB2  . ARG A 1 50 ? -9.883  13.477  -5.029  1.00 0.00 ? 50 ARG A HB2  1 
ATOM 674  H HB3  . ARG A 1 50 ? -10.188 12.132  -6.125  1.00 0.00 ? 50 ARG A HB3  1 
ATOM 675  H HG2  . ARG A 1 50 ? -12.211 12.455  -4.829  1.00 0.00 ? 50 ARG A HG2  1 
ATOM 676  H HG3  . ARG A 1 50 ? -11.485 10.949  -4.254  1.00 0.00 ? 50 ARG A HG3  1 
ATOM 677  H HD2  . ARG A 1 50 ? -10.616 11.992  -2.246  1.00 0.00 ? 50 ARG A HD2  1 
ATOM 678  H HD3  . ARG A 1 50 ? -10.854 13.631  -2.890  1.00 0.00 ? 50 ARG A HD3  1 
ATOM 679  H HE   . ARG A 1 50 ? -13.465 12.474  -2.855  1.00 0.00 ? 50 ARG A HE   1 
ATOM 680  H HH11 . ARG A 1 50 ? -10.965 13.074  -0.523  1.00 0.00 ? 50 ARG A HH11 1 
ATOM 681  H HH12 . ARG A 1 50 ? -12.095 14.025  0.547   1.00 0.00 ? 50 ARG A HH12 1 
ATOM 682  H HH21 . ARG A 1 50 ? -14.759 13.609  -1.615  1.00 0.00 ? 50 ARG A HH21 1 
ATOM 683  H HH22 . ARG A 1 50 ? -14.139 14.332  -0.050  1.00 0.00 ? 50 ARG A HH22 1 
ATOM 684  N N    . GLU A 1 51 ? -8.213  9.914   -6.088  1.00 0.00 ? 51 GLU A N    1 
ATOM 685  C CA   . GLU A 1 51 ? -8.231  8.546   -6.608  1.00 0.00 ? 51 GLU A CA   1 
ATOM 686  C C    . GLU A 1 51 ? -7.240  7.666   -5.839  1.00 0.00 ? 51 GLU A C    1 
ATOM 687  O O    . GLU A 1 51 ? -7.500  6.495   -5.553  1.00 0.00 ? 51 GLU A O    1 
ATOM 688  C CB   . GLU A 1 51 ? -7.922  8.600   -8.106  1.00 0.00 ? 51 GLU A CB   1 
ATOM 689  C CG   . GLU A 1 51 ? -8.826  9.582   -8.859  1.00 0.00 ? 51 GLU A CG   1 
ATOM 690  C CD   . GLU A 1 51 ? -8.129  10.918  -9.078  1.00 0.00 ? 51 GLU A CD   1 
ATOM 691  O OE1  . GLU A 1 51 ? -8.032  11.716  -8.120  1.00 0.00 ? 51 GLU A OE1  1 
ATOM 692  O OE2  . GLU A 1 51 ? -7.670  11.176  -10.211 1.00 0.00 ? 51 GLU A OE2  1 
ATOM 693  H H    . GLU A 1 51 ? -8.020  10.720  -6.696  1.00 0.00 ? 51 GLU A H    1 
ATOM 694  H HA   . GLU A 1 51 ? -9.244  8.129   -6.472  1.00 0.00 ? 51 GLU A HA   1 
ATOM 695  H HB2  . GLU A 1 51 ? -6.863  8.880   -8.253  1.00 0.00 ? 51 GLU A HB2  1 
ATOM 696  H HB3  . GLU A 1 51 ? -8.042  7.592   -8.542  1.00 0.00 ? 51 GLU A HB3  1 
ATOM 697  H HG2  . GLU A 1 51 ? -9.110  9.162   -9.840  1.00 0.00 ? 51 GLU A HG2  1 
ATOM 698  H HG3  . GLU A 1 51 ? -9.770  9.746   -8.309  1.00 0.00 ? 51 GLU A HG3  1 
ATOM 699  N N    . THR A 1 52 ? -6.085  8.206   -5.484  1.00 0.00 ? 52 THR A N    1 
ATOM 700  C CA   . THR A 1 52 ? -5.232  7.439   -4.577  1.00 0.00 ? 52 THR A CA   1 
ATOM 701  C C    . THR A 1 52 ? -5.837  7.437   -3.162  1.00 0.00 ? 52 THR A C    1 
ATOM 702  O O    . THR A 1 52 ? -5.478  6.623   -2.317  1.00 0.00 ? 52 THR A O    1 
ATOM 703  C CB   . THR A 1 52 ? -3.803  7.967   -4.569  1.00 0.00 ? 52 THR A CB   1 
ATOM 704  O OG1  . THR A 1 52 ? -3.463  8.446   -5.861  1.00 0.00 ? 52 THR A OG1  1 
ATOM 705  C CG2  . THR A 1 52 ? -2.850  6.833   -4.205  1.00 0.00 ? 52 THR A CG2  1 
ATOM 706  H H    . THR A 1 52 ? -5.687  8.851   -6.173  1.00 0.00 ? 52 THR A H    1 
ATOM 707  H HA   . THR A 1 52 ? -5.181  6.407   -4.969  1.00 0.00 ? 52 THR A HA   1 
ATOM 708  H HB   . THR A 1 52 ? -3.711  8.767   -3.819  1.00 0.00 ? 52 THR A HB   1 
ATOM 709  H HG1  . THR A 1 52 ? -3.400  7.666   -6.421  1.00 0.00 ? 52 THR A HG1  1 
ATOM 710  H HG21 . THR A 1 52 ? -2.069  7.157   -3.495  1.00 0.00 ? 52 THR A HG21 1 
ATOM 711  H HG22 . THR A 1 52 ? -3.392  6.001   -3.728  1.00 0.00 ? 52 THR A HG22 1 
ATOM 712  H HG23 . THR A 1 52 ? -2.342  6.431   -5.100  1.00 0.00 ? 52 THR A HG23 1 
ATOM 713  N N    . GLU A 1 53 ? -6.722  8.381   -2.861  1.00 0.00 ? 53 GLU A N    1 
ATOM 714  C CA   . GLU A 1 53 ? -7.557  8.224   -1.660  1.00 0.00 ? 53 GLU A CA   1 
ATOM 715  C C    . GLU A 1 53 ? -8.373  6.934   -1.794  1.00 0.00 ? 53 GLU A C    1 
ATOM 716  O O    . GLU A 1 53 ? -8.596  6.214   -0.820  1.00 0.00 ? 53 GLU A O    1 
ATOM 717  C CB   . GLU A 1 53 ? -8.484  9.432   -1.505  1.00 0.00 ? 53 GLU A CB   1 
ATOM 718  C CG   . GLU A 1 53 ? -8.167  10.222  -0.234  1.00 0.00 ? 53 GLU A CG   1 
ATOM 719  C CD   . GLU A 1 53 ? -9.227  11.281  0.021   1.00 0.00 ? 53 GLU A CD   1 
ATOM 720  O OE1  . GLU A 1 53 ? -10.285 10.944  0.597   1.00 0.00 ? 53 GLU A OE1  1 
ATOM 721  O OE2  . GLU A 1 53 ? -9.019  12.450  -0.369  1.00 0.00 ? 53 GLU A OE2  1 
ATOM 722  H H    . GLU A 1 53 ? -6.613  9.269   -3.361  1.00 0.00 ? 53 GLU A H    1 
ATOM 723  H HA   . GLU A 1 53 ? -6.905  8.159   -0.770  1.00 0.00 ? 53 GLU A HA   1 
ATOM 724  H HB2  . GLU A 1 53 ? -8.386  10.084  -2.389  1.00 0.00 ? 53 GLU A HB2  1 
ATOM 725  H HB3  . GLU A 1 53 ? -9.539  9.105   -1.485  1.00 0.00 ? 53 GLU A HB3  1 
ATOM 726  H HG2  . GLU A 1 53 ? -8.118  9.537   0.633   1.00 0.00 ? 53 GLU A HG2  1 
ATOM 727  H HG3  . GLU A 1 53 ? -7.176  10.701  -0.322  1.00 0.00 ? 53 GLU A HG3  1 
ATOM 728  N N    . ALA A 1 54 ? -8.830  6.641   -3.009  1.00 0.00 ? 54 ALA A N    1 
ATOM 729  C CA   . ALA A 1 54 ? -9.424  5.327   -3.273  1.00 0.00 ? 54 ALA A CA   1 
ATOM 730  C C    . ALA A 1 54 ? -8.454  4.206   -2.876  1.00 0.00 ? 54 ALA A C    1 
ATOM 731  O O    . ALA A 1 54 ? -8.844  3.247   -2.213  1.00 0.00 ? 54 ALA A O    1 
ATOM 732  C CB   . ALA A 1 54 ? -9.782  5.226   -4.760  1.00 0.00 ? 54 ALA A CB   1 
ATOM 733  H H    . ALA A 1 54 ? -9.007  7.452   -3.612  1.00 0.00 ? 54 ALA A H    1 
ATOM 734  H HA   . ALA A 1 54 ? -10.345 5.224   -2.671  1.00 0.00 ? 54 ALA A HA   1 
ATOM 735  H HB1  . ALA A 1 54 ? -10.703 4.639   -4.917  1.00 0.00 ? 54 ALA A HB1  1 
ATOM 736  H HB2  . ALA A 1 54 ? -9.935  6.223   -5.217  1.00 0.00 ? 54 ALA A HB2  1 
ATOM 737  H HB3  . ALA A 1 54 ? -8.980  4.733   -5.339  1.00 0.00 ? 54 ALA A HB3  1 
ATOM 738  N N    . ILE A 1 55 ? -7.185  4.315   -3.277  1.00 0.00 ? 55 ILE A N    1 
ATOM 739  C CA   . ILE A 1 55 ? -6.184  3.332   -2.787  1.00 0.00 ? 55 ILE A CA   1 
ATOM 740  C C    . ILE A 1 55 ? -6.336  3.158   -1.267  1.00 0.00 ? 55 ILE A C    1 
ATOM 741  O O    . ILE A 1 55 ? -6.579  2.078   -0.723  1.00 0.00 ? 55 ILE A O    1 
ATOM 742  C CB   . ILE A 1 55 ? -4.704  3.763   -3.000  1.00 0.00 ? 55 ILE A CB   1 
ATOM 743  C CG1  . ILE A 1 55 ? -4.181  3.699   -4.427  1.00 0.00 ? 55 ILE A CG1  1 
ATOM 744  C CG2  . ILE A 1 55 ? -3.787  2.905   -2.146  1.00 0.00 ? 55 ILE A CG2  1 
ATOM 745  C CD1  . ILE A 1 55 ? -2.672  3.913   -4.563  1.00 0.00 ? 55 ILE A CD1  1 
ATOM 746  H H    . ILE A 1 55 ? -7.073  4.958   -4.075  1.00 0.00 ? 55 ILE A H    1 
ATOM 747  H HA   . ILE A 1 55 ? -6.362  2.360   -3.285  1.00 0.00 ? 55 ILE A HA   1 
ATOM 748  H HB   . ILE A 1 55 ? -4.568  4.790   -2.653  1.00 0.00 ? 55 ILE A HB   1 
ATOM 749  H HG12 . ILE A 1 55 ? -4.416  2.710   -4.843  1.00 0.00 ? 55 ILE A HG12 1 
ATOM 750  H HG13 . ILE A 1 55 ? -4.680  4.488   -5.008  1.00 0.00 ? 55 ILE A HG13 1 
ATOM 751  H HG21 . ILE A 1 55 ? -2.784  2.820   -2.596  1.00 0.00 ? 55 ILE A HG21 1 
ATOM 752  H HG22 . ILE A 1 55 ? -3.681  3.369   -1.152  1.00 0.00 ? 55 ILE A HG22 1 
ATOM 753  H HG23 . ILE A 1 55 ? -4.211  1.894   -2.039  1.00 0.00 ? 55 ILE A HG23 1 
ATOM 754  H HD11 . ILE A 1 55 ? -2.444  4.511   -5.463  1.00 0.00 ? 55 ILE A HD11 1 
ATOM 755  H HD12 . ILE A 1 55 ? -2.256  4.444   -3.689  1.00 0.00 ? 55 ILE A HD12 1 
ATOM 756  H HD13 . ILE A 1 55 ? -2.139  2.951   -4.659  1.00 0.00 ? 55 ILE A HD13 1 
ATOM 757  N N    . MET A 1 56 ? -6.153  4.292   -0.609  1.00 0.00 ? 56 MET A N    1 
ATOM 758  C CA   . MET A 1 56 ? -5.976  4.318   0.842   1.00 0.00 ? 56 MET A CA   1 
ATOM 759  C C    . MET A 1 56 ? -7.224  3.856   1.595   1.00 0.00 ? 56 MET A C    1 
ATOM 760  O O    . MET A 1 56 ? -7.133  3.280   2.678   1.00 0.00 ? 56 MET A O    1 
ATOM 761  C CB   . MET A 1 56 ? -5.597  5.758   1.212   1.00 0.00 ? 56 MET A CB   1 
ATOM 762  C CG   . MET A 1 56 ? -4.257  6.162   0.589   1.00 0.00 ? 56 MET A CG   1 
ATOM 763  S SD   . MET A 1 56 ? -4.165  7.954   0.394   1.00 0.00 ? 56 MET A SD   1 
ATOM 764  C CE   . MET A 1 56 ? -2.988  8.074   -0.974  1.00 0.00 ? 56 MET A CE   1 
ATOM 765  H H    . MET A 1 56 ? -6.039  5.116   -1.214  1.00 0.00 ? 56 MET A H    1 
ATOM 766  H HA   . MET A 1 56 ? -5.142  3.647   1.117   1.00 0.00 ? 56 MET A HA   1 
ATOM 767  H HB2  . MET A 1 56 ? -6.390  6.450   0.874   1.00 0.00 ? 56 MET A HB2  1 
ATOM 768  H HB3  . MET A 1 56 ? -5.542  5.865   2.310   1.00 0.00 ? 56 MET A HB3  1 
ATOM 769  H HG2  . MET A 1 56 ? -3.430  5.819   1.232   1.00 0.00 ? 56 MET A HG2  1 
ATOM 770  H HG3  . MET A 1 56 ? -4.115  5.681   -0.397  1.00 0.00 ? 56 MET A HG3  1 
ATOM 771  H HE1  . MET A 1 56 ? -3.483  8.447   -1.886  1.00 0.00 ? 56 MET A HE1  1 
ATOM 772  H HE2  . MET A 1 56 ? -2.167  8.773   -0.733  1.00 0.00 ? 56 MET A HE2  1 
ATOM 773  H HE3  . MET A 1 56 ? -2.540  7.094   -1.211  1.00 0.00 ? 56 MET A HE3  1 
ATOM 774  N N    . LYS A 1 57 ? -8.393  4.064   1.012   1.00 0.00 ? 57 LYS A N    1 
ATOM 775  C CA   . LYS A 1 57 ? -9.621  3.650   1.701   1.00 0.00 ? 57 LYS A CA   1 
ATOM 776  C C    . LYS A 1 57 ? -10.027 2.209   1.367   1.00 0.00 ? 57 LYS A C    1 
ATOM 777  O O    . LYS A 1 57 ? -10.695 1.549   2.163   1.00 0.00 ? 57 LYS A O    1 
ATOM 778  C CB   . LYS A 1 57 ? -10.747 4.629   1.359   1.00 0.00 ? 57 LYS A CB   1 
ATOM 779  C CG   . LYS A 1 57 ? -10.669 5.875   2.244   1.00 0.00 ? 57 LYS A CG   1 
ATOM 780  C CD   . LYS A 1 57 ? -11.364 7.069   1.596   1.00 0.00 ? 57 LYS A CD   1 
ATOM 781  C CE   . LYS A 1 57 ? -11.509 8.216   2.595   1.00 0.00 ? 57 LYS A CE   1 
ATOM 782  N NZ   . LYS A 1 57 ? -12.018 9.416   1.911   1.00 0.00 ? 57 LYS A NZ   1 
ATOM 783  H H    . LYS A 1 57 ? -8.371  4.727   0.228   1.00 0.00 ? 57 LYS A H    1 
ATOM 784  H HA   . LYS A 1 57 ? -9.446  3.705   2.790   1.00 0.00 ? 57 LYS A HA   1 
ATOM 785  H HB2  . LYS A 1 57 ? -10.700 4.909   0.291   1.00 0.00 ? 57 LYS A HB2  1 
ATOM 786  H HB3  . LYS A 1 57 ? -11.728 4.145   1.503   1.00 0.00 ? 57 LYS A HB3  1 
ATOM 787  H HG2  . LYS A 1 57 ? -11.128 5.661   3.227   1.00 0.00 ? 57 LYS A HG2  1 
ATOM 788  H HG3  . LYS A 1 57 ? -9.614  6.125   2.450   1.00 0.00 ? 57 LYS A HG3  1 
ATOM 789  H HD2  . LYS A 1 57 ? -10.788 7.406   0.716   1.00 0.00 ? 57 LYS A HD2  1 
ATOM 790  H HD3  . LYS A 1 57 ? -12.358 6.770   1.217   1.00 0.00 ? 57 LYS A HD3  1 
ATOM 791  H HE2  . LYS A 1 57 ? -12.195 7.929   3.411   1.00 0.00 ? 57 LYS A HE2  1 
ATOM 792  H HE3  . LYS A 1 57 ? -10.535 8.438   3.069   1.00 0.00 ? 57 LYS A HE3  1 
ATOM 793  H HZ1  . LYS A 1 57 ? -11.292 9.860   1.332   1.00 0.00 ? 57 LYS A HZ1  1 
ATOM 794  H HZ2  . LYS A 1 57 ? -12.800 9.194   1.286   1.00 0.00 ? 57 LYS A HZ2  1 
ATOM 795  H HZ3  . LYS A 1 57 ? -12.356 10.125  2.572   1.00 0.00 ? 57 LYS A HZ3  1 
ATOM 796  N N    . GLU A 1 58 ? -9.613  1.683   0.220   1.00 0.00 ? 58 GLU A N    1 
ATOM 797  C CA   . GLU A 1 58 ? -10.040 0.324   -0.139  1.00 0.00 ? 58 GLU A CA   1 
ATOM 798  C C    . GLU A 1 58 ? -9.131  -0.764  0.448   1.00 0.00 ? 58 GLU A C    1 
ATOM 799  O O    . GLU A 1 58 ? -9.533  -1.923  0.550   1.00 0.00 ? 58 GLU A O    1 
ATOM 800  C CB   . GLU A 1 58 ? -10.129 0.211   -1.665  1.00 0.00 ? 58 GLU A CB   1 
ATOM 801  C CG   . GLU A 1 58 ? -8.760  0.063   -2.329  1.00 0.00 ? 58 GLU A CG   1 
ATOM 802  C CD   . GLU A 1 58 ? -8.879  0.070   -3.845  1.00 0.00 ? 58 GLU A CD   1 
ATOM 803  O OE1  . GLU A 1 58 ? -9.257  -0.972  -4.422  1.00 0.00 ? 58 GLU A OE1  1 
ATOM 804  O OE2  . GLU A 1 58 ? -8.591  1.116   -4.467  1.00 0.00 ? 58 GLU A OE2  1 
ATOM 805  H H    . GLU A 1 58 ? -9.203  2.340   -0.457  1.00 0.00 ? 58 GLU A H    1 
ATOM 806  H HA   . GLU A 1 58 ? -11.056 0.161   0.262   1.00 0.00 ? 58 GLU A HA   1 
ATOM 807  H HB2  . GLU A 1 58 ? -10.765 -0.654  -1.930  1.00 0.00 ? 58 GLU A HB2  1 
ATOM 808  H HB3  . GLU A 1 58 ? -10.644 1.102   -2.072  1.00 0.00 ? 58 GLU A HB3  1 
ATOM 809  H HG2  . GLU A 1 58 ? -8.090  0.882   -2.012  1.00 0.00 ? 58 GLU A HG2  1 
ATOM 810  H HG3  . GLU A 1 58 ? -8.283  -0.880  -2.006  1.00 0.00 ? 58 GLU A HG3  1 
ATOM 811  N N    . ALA A 1 59 ? -7.904  -0.412  0.813   1.00 0.00 ? 59 ALA A N    1 
ATOM 812  C CA   . ALA A 1 59 ? -6.987  -1.420  1.364   1.00 0.00 ? 59 ALA A CA   1 
ATOM 813  C C    . ALA A 1 59 ? -7.621  -2.257  2.477   1.00 0.00 ? 59 ALA A C    1 
ATOM 814  O O    . ALA A 1 59 ? -7.645  -3.484  2.402   1.00 0.00 ? 59 ALA A O    1 
ATOM 815  C CB   . ALA A 1 59 ? -5.746  -0.689  1.876   1.00 0.00 ? 59 ALA A CB   1 
ATOM 816  H H    . ALA A 1 59 ? -7.543  0.399   0.305   1.00 0.00 ? 59 ALA A H    1 
ATOM 817  H HA   . ALA A 1 59 ? -6.687  -2.102  0.549   1.00 0.00 ? 59 ALA A HA   1 
ATOM 818  H HB1  . ALA A 1 59 ? -5.037  -1.388  2.354   1.00 0.00 ? 59 ALA A HB1  1 
ATOM 819  H HB2  . ALA A 1 59 ? -5.213  -0.181  1.051   1.00 0.00 ? 59 ALA A HB2  1 
ATOM 820  H HB3  . ALA A 1 59 ? -6.012  0.077   2.625   1.00 0.00 ? 59 ALA A HB3  1 
ATOM 821  N N    . ARG A 1 60 ? -8.130  -1.611  3.520   1.00 0.00 ? 60 ARG A N    1 
ATOM 822  C CA   . ARG A 1 60 ? -8.797  -2.388  4.594   1.00 0.00 ? 60 ARG A CA   1 
ATOM 823  C C    . ARG A 1 60 ? -9.844  -3.379  4.067   1.00 0.00 ? 60 ARG A C    1 
ATOM 824  O O    . ARG A 1 60 ? -9.529  -4.553  3.858   1.00 0.00 ? 60 ARG A O    1 
ATOM 825  C CB   . ARG A 1 60 ? -9.399  -1.432  5.631   1.00 0.00 ? 60 ARG A CB   1 
ATOM 826  C CG   . ARG A 1 60 ? -9.927  -2.162  6.869   1.00 0.00 ? 60 ARG A CG   1 
ATOM 827  C CD   . ARG A 1 60 ? -8.942  -2.017  8.027   1.00 0.00 ? 60 ARG A CD   1 
ATOM 828  N NE   . ARG A 1 60 ? -9.295  -2.896  9.142   1.00 0.00 ? 60 ARG A NE   1 
ATOM 829  C CZ   . ARG A 1 60 ? -8.372  -3.196  10.041  1.00 0.00 ? 60 ARG A CZ   1 
ATOM 830  N NH1  . ARG A 1 60 ? -7.144  -3.510  9.668   1.00 0.00 ? 60 ARG A NH1  1 
ATOM 831  N NH2  . ARG A 1 60 ? -8.695  -3.231  11.317  1.00 0.00 ? 60 ARG A NH2  1 
ATOM 832  H H    . ARG A 1 60 ? -7.815  -0.622  3.583   1.00 0.00 ? 60 ARG A H    1 
ATOM 833  H HA   . ARG A 1 60 ? -8.069  -3.037  5.127   1.00 0.00 ? 60 ARG A HA   1 
ATOM 834  H HB2  . ARG A 1 60 ? -8.631  -0.709  5.947   1.00 0.00 ? 60 ARG A HB2  1 
ATOM 835  H HB3  . ARG A 1 60 ? -10.202 -0.829  5.173   1.00 0.00 ? 60 ARG A HB3  1 
ATOM 836  H HG2  . ARG A 1 60 ? -10.903 -1.738  7.162   1.00 0.00 ? 60 ARG A HG2  1 
ATOM 837  H HG3  . ARG A 1 60 ? -10.102 -3.229  6.643   1.00 0.00 ? 60 ARG A HG3  1 
ATOM 838  H HD2  . ARG A 1 60 ? -7.917  -2.240  7.676   1.00 0.00 ? 60 ARG A HD2  1 
ATOM 839  H HD3  . ARG A 1 60 ? -8.945  -0.971  8.382   1.00 0.00 ? 60 ARG A HD3  1 
ATOM 840  H HE   . ARG A 1 60 ? -10.247 -2.899  9.526   1.00 0.00 ? 60 ARG A HE   1 
ATOM 841  H HH11 . ARG A 1 60 ? -7.054  -3.771  8.680   1.00 0.00 ? 60 ARG A HH11 1 
ATOM 842  H HH12 . ARG A 1 60 ? -6.521  -3.836  10.416  1.00 0.00 ? 60 ARG A HH12 1 
ATOM 843  H HH21 . ARG A 1 60 ? -9.700  -3.190  11.522  1.00 0.00 ? 60 ARG A HH21 1 
ATOM 844  H HH22 . ARG A 1 60 ? -7.970  -3.583  11.950  1.00 0.00 ? 60 ARG A HH22 1 
ATOM 845  N N    . GLY A 1 61 ? -11.095 -2.983  3.872   1.00 0.00 ? 61 GLY A N    1 
ATOM 846  C CA   . GLY A 1 61 ? -12.093 -4.032  3.661   1.00 0.00 ? 61 GLY A CA   1 
ATOM 847  C C    . GLY A 1 61 ? -13.504 -3.583  4.040   1.00 0.00 ? 61 GLY A C    1 
ATOM 848  O O    . GLY A 1 61 ? -13.767 -2.393  4.220   1.00 0.00 ? 61 GLY A O    1 
ATOM 849  H H    . GLY A 1 61 ? -11.180 -2.107  3.339   1.00 0.00 ? 61 GLY A H    1 
ATOM 850  H HA2  . GLY A 1 61 ? -12.073 -4.355  2.608   1.00 0.00 ? 61 GLY A HA2  1 
ATOM 851  H HA3  . GLY A 1 61 ? -11.813 -4.920  4.257   1.00 0.00 ? 61 GLY A HA3  1 
ATOM 852  N N    . PRO A 1 62 ? -14.424 -4.534  4.197   1.00 0.00 ? 62 PRO A N    1 
ATOM 853  C CA   . PRO A 1 62 ? -15.803 -4.146  4.509   1.00 0.00 ? 62 PRO A CA   1 
ATOM 854  C C    . PRO A 1 62 ? -16.086 -4.147  6.012   1.00 0.00 ? 62 PRO A C    1 
ATOM 855  O O    . PRO A 1 62 ? -16.728 -3.237  6.536   1.00 0.00 ? 62 PRO A O    1 
ATOM 856  C CB   . PRO A 1 62 ? -16.682 -5.159  3.774   1.00 0.00 ? 62 PRO A CB   1 
ATOM 857  C CG   . PRO A 1 62 ? -15.762 -6.228  3.187   1.00 0.00 ? 62 PRO A CG   1 
ATOM 858  C CD   . PRO A 1 62 ? -14.327 -5.758  3.403   1.00 0.00 ? 62 PRO A CD   1 
ATOM 859  H HA   . PRO A 1 62 ? -15.997 -3.132  4.115   1.00 0.00 ? 62 PRO A HA   1 
ATOM 860  H HB2  . PRO A 1 62 ? -17.426 -5.609  4.457   1.00 0.00 ? 62 PRO A HB2  1 
ATOM 861  H HB3  . PRO A 1 62 ? -17.248 -4.661  2.968   1.00 0.00 ? 62 PRO A HB3  1 
ATOM 862  H HG2  . PRO A 1 62 ? -15.932 -7.200  3.685   1.00 0.00 ? 62 PRO A HG2  1 
ATOM 863  H HG3  . PRO A 1 62 ? -15.971 -6.373  2.112   1.00 0.00 ? 62 PRO A HG3  1 
ATOM 864  H HD2  . PRO A 1 62 ? -13.735 -6.519  3.944   1.00 0.00 ? 62 PRO A HD2  1 
ATOM 865  H HD3  . PRO A 1 62 ? -13.828 -5.563  2.436   1.00 0.00 ? 62 PRO A HD3  1 
ATOM 866  N N    . LYS A 1 63 ? -15.630 -5.173  6.719   1.00 0.00 ? 63 LYS A N    1 
ATOM 867  C CA   . LYS A 1 63 ? -15.894 -5.201  8.168   1.00 0.00 ? 63 LYS A CA   1 
ATOM 868  C C    . LYS A 1 63 ? -14.843 -4.369  8.902   1.00 0.00 ? 63 LYS A C    1 
ATOM 869  O O    . LYS A 1 63 ? -15.158 -3.597  9.807   1.00 0.00 ? 63 LYS A O    1 
ATOM 870  C CB   . LYS A 1 63 ? -15.923 -6.644  8.697   1.00 0.00 ? 63 LYS A CB   1 
ATOM 871  C CG   . LYS A 1 63 ? -16.638 -6.731  10.048  1.00 0.00 ? 63 LYS A CG   1 
ATOM 872  C CD   . LYS A 1 63 ? -16.415 -8.105  10.680  1.00 0.00 ? 63 LYS A CD   1 
ATOM 873  C CE   . LYS A 1 63 ? -16.845 -8.113  12.147  1.00 0.00 ? 63 LYS A CE   1 
ATOM 874  N NZ   . LYS A 1 63 ? -16.162 -9.206  12.858  1.00 0.00 ? 63 LYS A NZ   1 
ATOM 875  H H    . LYS A 1 63 ? -14.792 -5.596  6.303   1.00 0.00 ? 63 LYS A H    1 
ATOM 876  H HA   . LYS A 1 63 ? -16.883 -4.744  8.355   1.00 0.00 ? 63 LYS A HA   1 
ATOM 877  H HB2  . LYS A 1 63 ? -16.433 -7.301  7.973   1.00 0.00 ? 63 LYS A HB2  1 
ATOM 878  H HB3  . LYS A 1 63 ? -14.900 -7.047  8.806   1.00 0.00 ? 63 LYS A HB3  1 
ATOM 879  H HG2  . LYS A 1 63 ? -16.262 -5.941  10.725  1.00 0.00 ? 63 LYS A HG2  1 
ATOM 880  H HG3  . LYS A 1 63 ? -17.721 -6.546  9.917   1.00 0.00 ? 63 LYS A HG3  1 
ATOM 881  H HD2  . LYS A 1 63 ? -16.977 -8.872  10.119  1.00 0.00 ? 63 LYS A HD2  1 
ATOM 882  H HD3  . LYS A 1 63 ? -15.350 -8.387  10.594  1.00 0.00 ? 63 LYS A HD3  1 
ATOM 883  H HE2  . LYS A 1 63 ? -16.602 -7.148  12.625  1.00 0.00 ? 63 LYS A HE2  1 
ATOM 884  H HE3  . LYS A 1 63 ? -17.940 -8.237  12.230  1.00 0.00 ? 63 LYS A HE3  1 
ATOM 885  H HZ1  . LYS A 1 63 ? -16.451 -10.128 12.516  1.00 0.00 ? 63 LYS A HZ1  1 
ATOM 886  H HZ2  . LYS A 1 63 ? -15.143 -9.154  12.738  1.00 0.00 ? 63 LYS A HZ2  1 
ATOM 887  H HZ3  . LYS A 1 63 ? -16.345 -9.187  13.868  1.00 0.00 ? 63 LYS A HZ3  1 
ATOM 888  N N    . GLY A 1 64 ? -13.583 -4.531  8.521   1.00 0.00 ? 64 GLY A N    1 
ATOM 889  C CA   . GLY A 1 64 ? -12.543 -3.701  9.139   1.00 0.00 ? 64 GLY A CA   1 
ATOM 890  C C    . GLY A 1 64 ? -12.173 -4.100  10.567  1.00 0.00 ? 64 GLY A C    1 
ATOM 891  O O    . GLY A 1 64 ? -11.518 -3.335  11.275  1.00 0.00 ? 64 GLY A O    1 
ATOM 892  H H    . GLY A 1 64 ? -13.494 -4.849  7.549   1.00 0.00 ? 64 GLY A H    1 
ATOM 893  H HA2  . GLY A 1 64 ? -11.634 -3.742  8.511   1.00 0.00 ? 64 GLY A HA2  1 
ATOM 894  H HA3  . GLY A 1 64 ? -12.868 -2.645  9.137   1.00 0.00 ? 64 GLY A HA3  1 
ATOM 895  N N    . ASP A 1 65 ? -12.551 -5.291  11.007  1.00 0.00 ? 65 ASP A N    1 
ATOM 896  C CA   . ASP A 1 65 ? -12.147 -5.726  12.349  1.00 0.00 ? 65 ASP A CA   1 
ATOM 897  C C    . ASP A 1 65 ? -10.655 -6.069  12.369  1.00 0.00 ? 65 ASP A C    1 
ATOM 898  O O    . ASP A 1 65 ? -9.896  -5.567  13.196  1.00 0.00 ? 65 ASP A O    1 
ATOM 899  C CB   . ASP A 1 65 ? -13.026 -6.893  12.811  1.00 0.00 ? 65 ASP A CB   1 
ATOM 900  C CG   . ASP A 1 65 ? -13.055 -8.091  11.867  1.00 0.00 ? 65 ASP A CG   1 
ATOM 901  O OD1  . ASP A 1 65 ? -12.675 -7.958  10.684  1.00 0.00 ? 65 ASP A OD1  1 
ATOM 902  O OD2  . ASP A 1 65 ? -13.493 -9.175  12.308  1.00 0.00 ? 65 ASP A OD2  1 
ATOM 903  H H    . ASP A 1 65 ? -12.975 -5.919  10.313  1.00 0.00 ? 65 ASP A H    1 
ATOM 904  H HA   . ASP A 1 65 ? -12.303 -4.885  13.048  1.00 0.00 ? 65 ASP A HA   1 
ATOM 905  H HB2  . ASP A 1 65 ? -12.686 -7.224  13.807  1.00 0.00 ? 65 ASP A HB2  1 
ATOM 906  H HB3  . ASP A 1 65 ? -14.060 -6.533  12.958  1.00 0.00 ? 65 ASP A HB3  1 
ATOM 907  N N    . LYS A 1 66 ? -10.227 -6.923  11.453  1.00 0.00 ? 66 LYS A N    1 
ATOM 908  C CA   . LYS A 1 66 ? -8.793  -7.197  11.329  1.00 0.00 ? 66 LYS A CA   1 
ATOM 909  C C    . LYS A 1 66 ? -8.473  -7.403  9.848   1.00 0.00 ? 66 LYS A C    1 
ATOM 910  O O    . LYS A 1 66 ? -7.924  -8.425  9.436   1.00 0.00 ? 66 LYS A O    1 
ATOM 911  C CB   . LYS A 1 66 ? -8.417  -8.431  12.157  1.00 0.00 ? 66 LYS A CB   1 
ATOM 912  C CG   . LYS A 1 66 ? -8.038  -8.048  13.588  1.00 0.00 ? 66 LYS A CG   1 
ATOM 913  C CD   . LYS A 1 66 ? -7.461  -9.252  14.331  1.00 0.00 ? 66 LYS A CD   1 
ATOM 914  C CE   . LYS A 1 66 ? -7.139  -8.920  15.787  1.00 0.00 ? 66 LYS A CE   1 
ATOM 915  N NZ   . LYS A 1 66 ? -8.384  -8.834  16.569  1.00 0.00 ? 66 LYS A NZ   1 
ATOM 916  H H    . LYS A 1 66 ? -10.891 -7.087  10.689  1.00 0.00 ? 66 LYS A H    1 
ATOM 917  H HA   . LYS A 1 66 ? -8.215  -6.326  11.689  1.00 0.00 ? 66 LYS A HA   1 
ATOM 918  H HB2  . LYS A 1 66 ? -9.259  -9.145  12.170  1.00 0.00 ? 66 LYS A HB2  1 
ATOM 919  H HB3  . LYS A 1 66 ? -7.570  -8.961  11.684  1.00 0.00 ? 66 LYS A HB3  1 
ATOM 920  H HG2  . LYS A 1 66 ? -7.296  -7.230  13.574  1.00 0.00 ? 66 LYS A HG2  1 
ATOM 921  H HG3  . LYS A 1 66 ? -8.927  -7.664  14.122  1.00 0.00 ? 66 LYS A HG3  1 
ATOM 922  H HD2  . LYS A 1 66 ? -8.176  -10.095 14.285  1.00 0.00 ? 66 LYS A HD2  1 
ATOM 923  H HD3  . LYS A 1 66 ? -6.539  -9.595  13.828  1.00 0.00 ? 66 LYS A HD3  1 
ATOM 924  H HE2  . LYS A 1 66 ? -6.479  -9.695  16.219  1.00 0.00 ? 66 LYS A HE2  1 
ATOM 925  H HE3  . LYS A 1 66 ? -6.579  -7.971  15.853  1.00 0.00 ? 66 LYS A HE3  1 
ATOM 926  H HZ1  . LYS A 1 66 ? -8.202  -8.602  17.551  1.00 0.00 ? 66 LYS A HZ1  1 
ATOM 927  H HZ2  . LYS A 1 66 ? -9.014  -8.116  16.193  1.00 0.00 ? 66 LYS A HZ2  1 
ATOM 928  H HZ3  . LYS A 1 66 ? -8.904  -9.719  16.562  1.00 0.00 ? 66 LYS A HZ3  1 
ATOM 929  N N    . LYS A 1 67 ? -8.822  -6.417  9.035   1.00 0.00 ? 67 LYS A N    1 
ATOM 930  C CA   . LYS A 1 67 ? -8.579  -6.543  7.599   1.00 0.00 ? 67 LYS A CA   1 
ATOM 931  C C    . LYS A 1 67 ? -7.305  -5.793  7.225   1.00 0.00 ? 67 LYS A C    1 
ATOM 932  O O    . LYS A 1 67 ? -7.269  -4.565  7.153   1.00 0.00 ? 67 LYS A O    1 
ATOM 933  C CB   . LYS A 1 67 ? -9.785  -5.992  6.830   1.00 0.00 ? 67 LYS A CB   1 
ATOM 934  C CG   . LYS A 1 67 ? -10.697 -7.107  6.311   1.00 0.00 ? 67 LYS A CG   1 
ATOM 935  C CD   . LYS A 1 67 ? -11.580 -7.686  7.421   1.00 0.00 ? 67 LYS A CD   1 
ATOM 936  C CE   . LYS A 1 67 ? -11.208 -9.141  7.711   1.00 0.00 ? 67 LYS A CE   1 
ATOM 937  N NZ   . LYS A 1 67 ? -12.057 -9.671  8.788   1.00 0.00 ? 67 LYS A NZ   1 
ATOM 938  H H    . LYS A 1 67 ? -9.462  -5.722  9.431   1.00 0.00 ? 67 LYS A H    1 
ATOM 939  H HA   . LYS A 1 67 ? -8.439  -7.604  7.335   1.00 0.00 ? 67 LYS A HA   1 
ATOM 940  H HB2  . LYS A 1 67 ? -10.366 -5.310  7.474   1.00 0.00 ? 67 LYS A HB2  1 
ATOM 941  H HB3  . LYS A 1 67 ? -9.436  -5.373  5.985   1.00 0.00 ? 67 LYS A HB3  1 
ATOM 942  H HG2  . LYS A 1 67 ? -11.337 -6.712  5.501   1.00 0.00 ? 67 LYS A HG2  1 
ATOM 943  H HG3  . LYS A 1 67 ? -10.094 -7.906  5.847   1.00 0.00 ? 67 LYS A HG3  1 
ATOM 944  H HD2  . LYS A 1 67 ? -11.482 -7.081  8.341   1.00 0.00 ? 67 LYS A HD2  1 
ATOM 945  H HD3  . LYS A 1 67 ? -12.644 -7.620  7.127   1.00 0.00 ? 67 LYS A HD3  1 
ATOM 946  H HE2  . LYS A 1 67 ? -11.326 -9.758  6.801   1.00 0.00 ? 67 LYS A HE2  1 
ATOM 947  H HE3  . LYS A 1 67 ? -10.147 -9.205  8.009   1.00 0.00 ? 67 LYS A HE3  1 
ATOM 948  H HZ1  . LYS A 1 67 ? -12.195 -8.982  9.539   1.00 0.00 ? 67 LYS A HZ1  1 
ATOM 949  H HZ2  . LYS A 1 67 ? -11.652 -10.507 9.219   1.00 0.00 ? 67 LYS A HZ2  1 
ATOM 950  H HZ3  . LYS A 1 67 ? -12.989 -9.930  8.446   1.00 0.00 ? 67 LYS A HZ3  1 
ATOM 951  N N    . ASN A 1 68 ? -6.240  -6.550  7.017   1.00 0.00 ? 68 ASN A N    1 
ATOM 952  C CA   . ASN A 1 68 ? -4.997  -5.925  6.567   1.00 0.00 ? 68 ASN A CA   1 
ATOM 953  C C    . ASN A 1 68 ? -4.666  -6.534  5.214   1.00 0.00 ? 68 ASN A C    1 
ATOM 954  O O    . ASN A 1 68 ? -5.030  -7.673  4.919   1.00 0.00 ? 68 ASN A O    1 
ATOM 955  C CB   . ASN A 1 68 ? -3.822  -6.175  7.511   1.00 0.00 ? 68 ASN A CB   1 
ATOM 956  C CG   . ASN A 1 68 ? -4.219  -6.513  8.943   1.00 0.00 ? 68 ASN A CG   1 
ATOM 957  O OD1  . ASN A 1 68 ? -5.029  -5.838  9.575   1.00 0.00 ? 68 ASN A OD1  1 
ATOM 958  N ND2  . ASN A 1 68 ? -3.605  -7.542  9.489   1.00 0.00 ? 68 ASN A ND2  1 
ATOM 959  H H    . ASN A 1 68 ? -6.454  -7.516  6.750   1.00 0.00 ? 68 ASN A H    1 
ATOM 960  H HA   . ASN A 1 68 ? -5.130  -4.837  6.458   1.00 0.00 ? 68 ASN A HA   1 
ATOM 961  H HB2  . ASN A 1 68 ? -3.198  -6.975  7.079   1.00 0.00 ? 68 ASN A HB2  1 
ATOM 962  H HB3  . ASN A 1 68 ? -3.176  -5.284  7.522   1.00 0.00 ? 68 ASN A HB3  1 
ATOM 963  H HD21 . ASN A 1 68 ? -2.689  -7.336  9.903   1.00 0.00 ? 68 ASN A HD21 1 
ATOM 964  H HD22 . ASN A 1 68 ? -4.213  -8.324  9.755   1.00 0.00 ? 68 ASN A HD22 1 
ATOM 965  N N    . ILE A 1 69 ? -3.934  -5.803  4.392   1.00 0.00 ? 69 ILE A N    1 
ATOM 966  C CA   . ILE A 1 69 ? -3.597  -6.388  3.096   1.00 0.00 ? 69 ILE A CA   1 
ATOM 967  C C    . ILE A 1 69 ? -2.208  -7.000  3.116   1.00 0.00 ? 69 ILE A C    1 
ATOM 968  O O    . ILE A 1 69 ? -1.187  -6.364  3.379   1.00 0.00 ? 69 ILE A O    1 
ATOM 969  C CB   . ILE A 1 69 ? -3.755  -5.411  1.941   1.00 0.00 ? 69 ILE A CB   1 
ATOM 970  C CG1  . ILE A 1 69 ? -2.703  -4.298  1.954   1.00 0.00 ? 69 ILE A CG1  1 
ATOM 971  C CG2  . ILE A 1 69 ? -5.174  -4.842  1.938   1.00 0.00 ? 69 ILE A CG2  1 
ATOM 972  C CD1  . ILE A 1 69 ? -2.979  -3.239  0.888   1.00 0.00 ? 69 ILE A CD1  1 
ATOM 973  H H    . ILE A 1 69 ? -3.363  -5.078  4.843   1.00 0.00 ? 69 ILE A H    1 
ATOM 974  H HA   . ILE A 1 69 ? -4.312  -7.209  2.899   1.00 0.00 ? 69 ILE A HA   1 
ATOM 975  H HB   . ILE A 1 69 ? -3.608  -6.034  1.041   1.00 0.00 ? 69 ILE A HB   1 
ATOM 976  H HG12 . ILE A 1 69 ? -2.646  -3.826  2.950   1.00 0.00 ? 69 ILE A HG12 1 
ATOM 977  H HG13 . ILE A 1 69 ? -1.712  -4.742  1.772   1.00 0.00 ? 69 ILE A HG13 1 
ATOM 978  H HG21 . ILE A 1 69 ? -5.415  -4.360  0.974   1.00 0.00 ? 69 ILE A HG21 1 
ATOM 979  H HG22 . ILE A 1 69 ? -5.925  -5.635  2.110   1.00 0.00 ? 69 ILE A HG22 1 
ATOM 980  H HG23 . ILE A 1 69 ? -5.300  -4.088  2.737   1.00 0.00 ? 69 ILE A HG23 1 
ATOM 981  H HD11 . ILE A 1 69 ? -2.198  -2.457  0.896   1.00 0.00 ? 69 ILE A HD11 1 
ATOM 982  H HD12 . ILE A 1 69 ? -3.001  -3.682  -0.126  1.00 0.00 ? 69 ILE A HD12 1 
ATOM 983  H HD13 . ILE A 1 69 ? -3.949  -2.741  1.059   1.00 0.00 ? 69 ILE A HD13 1 
ATOM 984  N N    . GLY A 1 70 ? -2.213  -8.280  2.815   1.00 0.00 ? 70 GLY A N    1 
ATOM 985  C CA   . GLY A 1 70 ? -0.973  -9.046  2.913   1.00 0.00 ? 70 GLY A CA   1 
ATOM 986  C C    . GLY A 1 70 ? -0.190  -9.140  1.609   1.00 0.00 ? 70 GLY A C    1 
ATOM 987  O O    . GLY A 1 70 ? -0.170  -8.207  0.809   1.00 0.00 ? 70 GLY A O    1 
ATOM 988  H H    . GLY A 1 70 ? -3.106  -8.693  3.091   1.00 0.00 ? 70 GLY A H    1 
ATOM 989  H HA2  . GLY A 1 70 ? -0.311  -8.565  3.649   1.00 0.00 ? 70 GLY A HA2  1 
ATOM 990  H HA3  . GLY A 1 70 ? -1.205  -10.053 3.304   1.00 0.00 ? 70 GLY A HA3  1 
ATOM 991  N N    . PRO A 1 71 ? 0.547   -10.244 1.469   1.00 0.00 ? 71 PRO A N    1 
ATOM 992  C CA   . PRO A 1 71 ? 1.570   -10.357 0.423   1.00 0.00 ? 71 PRO A CA   1 
ATOM 993  C C    . PRO A 1 71 ? 1.311   -9.594  -0.877  1.00 0.00 ? 71 PRO A C    1 
ATOM 994  O O    . PRO A 1 71 ? 2.138   -8.796  -1.318  1.00 0.00 ? 71 PRO A O    1 
ATOM 995  C CB   . PRO A 1 71 ? 1.701   -11.860 0.154   1.00 0.00 ? 71 PRO A CB   1 
ATOM 996  C CG   . PRO A 1 71 ? 0.656   -12.582 1.001   1.00 0.00 ? 71 PRO A CG   1 
ATOM 997  C CD   . PRO A 1 71 ? -0.026  -11.527 1.868   1.00 0.00 ? 71 PRO A CD   1 
ATOM 998  H HA   . PRO A 1 71 ? 2.528   -10.003 0.841   1.00 0.00 ? 71 PRO A HA   1 
ATOM 999  H HB2  . PRO A 1 71 ? 1.553   -12.092 -0.917  1.00 0.00 ? 71 PRO A HB2  1 
ATOM 1000 H HB3  . PRO A 1 71 ? 2.717   -12.211 0.419   1.00 0.00 ? 71 PRO A HB3  1 
ATOM 1001 H HG2  . PRO A 1 71 ? -0.081  -13.096 0.355   1.00 0.00 ? 71 PRO A HG2  1 
ATOM 1002 H HG3  . PRO A 1 71 ? 1.130   -13.352 1.634   1.00 0.00 ? 71 PRO A HG3  1 
ATOM 1003 H HD2  . PRO A 1 71 ? -1.121  -11.531 1.706   1.00 0.00 ? 71 PRO A HD2  1 
ATOM 1004 H HD3  . PRO A 1 71 ? 0.154   -11.718 2.943   1.00 0.00 ? 71 PRO A HD3  1 
ATOM 1005 N N    . GLU A 1 72 ? 0.174   -9.834  -1.510  1.00 0.00 ? 72 GLU A N    1 
ATOM 1006 C CA   . GLU A 1 72 ? 0.044   -9.399  -2.908  1.00 0.00 ? 72 GLU A CA   1 
ATOM 1007 C C    . GLU A 1 72 ? -0.803  -8.144  -3.150  1.00 0.00 ? 72 GLU A C    1 
ATOM 1008 O O    . GLU A 1 72 ? -0.473  -7.366  -4.048  1.00 0.00 ? 72 GLU A O    1 
ATOM 1009 C CB   . GLU A 1 72 ? -0.413  -10.583 -3.758  1.00 0.00 ? 72 GLU A CB   1 
ATOM 1010 C CG   . GLU A 1 72 ? -1.860  -11.013 -3.492  1.00 0.00 ? 72 GLU A CG   1 
ATOM 1011 C CD   . GLU A 1 72 ? -1.980  -11.822 -2.210  1.00 0.00 ? 72 GLU A CD   1 
ATOM 1012 O OE1  . GLU A 1 72 ? -1.683  -13.036 -2.232  1.00 0.00 ? 72 GLU A OE1  1 
ATOM 1013 O OE2  . GLU A 1 72 ? -2.367  -11.246 -1.171  1.00 0.00 ? 72 GLU A OE2  1 
ATOM 1014 H H    . GLU A 1 72 ? -0.473  -10.472 -1.032  1.00 0.00 ? 72 GLU A H    1 
ATOM 1015 H HA   . GLU A 1 72 ? 1.061   -9.141  -3.255  1.00 0.00 ? 72 GLU A HA   1 
ATOM 1016 H HB2  . GLU A 1 72 ? -0.279  -10.317 -4.820  1.00 0.00 ? 72 GLU A HB2  1 
ATOM 1017 H HB3  . GLU A 1 72 ? 0.266   -11.437 -3.586  1.00 0.00 ? 72 GLU A HB3  1 
ATOM 1018 H HG2  . GLU A 1 72 ? -2.527  -10.135 -3.435  1.00 0.00 ? 72 GLU A HG2  1 
ATOM 1019 H HG3  . GLU A 1 72 ? -2.224  -11.624 -4.334  1.00 0.00 ? 72 GLU A HG3  1 
ATOM 1020 N N    . GLU A 1 73 ? -1.889  -7.914  -2.414  1.00 0.00 ? 73 GLU A N    1 
ATOM 1021 C CA   . GLU A 1 73 ? -2.723  -6.742  -2.723  1.00 0.00 ? 73 GLU A CA   1 
ATOM 1022 C C    . GLU A 1 73 ? -1.927  -5.435  -2.668  1.00 0.00 ? 73 GLU A C    1 
ATOM 1023 O O    . GLU A 1 73 ? -2.119  -4.544  -3.493  1.00 0.00 ? 73 GLU A O    1 
ATOM 1024 C CB   . GLU A 1 73 ? -3.941  -6.681  -1.791  1.00 0.00 ? 73 GLU A CB   1 
ATOM 1025 C CG   . GLU A 1 73 ? -4.674  -5.333  -1.884  1.00 0.00 ? 73 GLU A CG   1 
ATOM 1026 C CD   . GLU A 1 73 ? -5.537  -5.257  -3.133  1.00 0.00 ? 73 GLU A CD   1 
ATOM 1027 O OE1  . GLU A 1 73 ? -4.979  -5.141  -4.246  1.00 0.00 ? 73 GLU A OE1  1 
ATOM 1028 O OE2  . GLU A 1 73 ? -6.778  -5.309  -3.006  1.00 0.00 ? 73 GLU A OE2  1 
ATOM 1029 H H    . GLU A 1 73 ? -1.970  -8.416  -1.525  1.00 0.00 ? 73 GLU A H    1 
ATOM 1030 H HA   . GLU A 1 73 ? -3.103  -6.867  -3.751  1.00 0.00 ? 73 GLU A HA   1 
ATOM 1031 H HB2  . GLU A 1 73 ? -4.638  -7.500  -2.049  1.00 0.00 ? 73 GLU A HB2  1 
ATOM 1032 H HB3  . GLU A 1 73 ? -3.639  -6.874  -0.745  1.00 0.00 ? 73 GLU A HB3  1 
ATOM 1033 H HG2  . GLU A 1 73 ? -5.300  -5.175  -0.988  1.00 0.00 ? 73 GLU A HG2  1 
ATOM 1034 H HG3  . GLU A 1 73 ? -3.959  -4.489  -1.885  1.00 0.00 ? 73 GLU A HG3  1 
ATOM 1035 N N    . TRP A 1 74 ? -1.025  -5.299  -1.709  1.00 0.00 ? 74 TRP A N    1 
ATOM 1036 C CA   . TRP A 1 74 ? -0.334  -4.019  -1.545  1.00 0.00 ? 74 TRP A CA   1 
ATOM 1037 C C    . TRP A 1 74 ? 0.588   -3.704  -2.727  1.00 0.00 ? 74 TRP A C    1 
ATOM 1038 O O    . TRP A 1 74 ? 0.607   -2.568  -3.205  1.00 0.00 ? 74 TRP A O    1 
ATOM 1039 C CB   . TRP A 1 74 ? 0.348   -4.058  -0.169  1.00 0.00 ? 74 TRP A CB   1 
ATOM 1040 C CG   . TRP A 1 74 ? 1.235   -2.879  0.167   1.00 0.00 ? 74 TRP A CG   1 
ATOM 1041 C CD1  . TRP A 1 74 ? 2.521   -3.153  0.625   1.00 0.00 ? 74 TRP A CD1  1 
ATOM 1042 C CD2  . TRP A 1 74 ? 0.717   -1.929  1.020   1.00 0.00 ? 74 TRP A CD2  1 
ATOM 1043 N NE1  . TRP A 1 74 ? 2.797   -2.480  1.810   1.00 0.00 ? 74 TRP A NE1  1 
ATOM 1044 C CE2  . TRP A 1 74 ? 1.660   -1.696  2.024   1.00 0.00 ? 74 TRP A CE2  1 
ATOM 1045 C CE3  . TRP A 1 74 ? -0.040  -0.904  0.549   1.00 0.00 ? 74 TRP A CE3  1 
ATOM 1046 C CZ2  . TRP A 1 74 ? 1.747   -0.454  2.558   1.00 0.00 ? 74 TRP A CZ2  1 
ATOM 1047 C CZ3  . TRP A 1 74 ? 0.075   0.319   1.107   1.00 0.00 ? 74 TRP A CZ3  1 
ATOM 1048 C CH2  . TRP A 1 74 ? 1.003   0.555   2.046   1.00 0.00 ? 74 TRP A CH2  1 
ATOM 1049 H H    . TRP A 1 74 ? -0.869  -6.105  -1.098  1.00 0.00 ? 74 TRP A H    1 
ATOM 1050 H HA   . TRP A 1 74 ? -1.108  -3.232  -1.536  1.00 0.00 ? 74 TRP A HA   1 
ATOM 1051 H HB2  . TRP A 1 74 ? -0.444  -4.105  0.598   1.00 0.00 ? 74 TRP A HB2  1 
ATOM 1052 H HB3  . TRP A 1 74 ? 0.904   -4.999  -0.035  1.00 0.00 ? 74 TRP A HB3  1 
ATOM 1053 H HD1  . TRP A 1 74 ? 3.308   -3.395  -0.072  1.00 0.00 ? 74 TRP A HD1  1 
ATOM 1054 H HE1  . TRP A 1 74 ? 3.344   -2.949  2.553   1.00 0.00 ? 74 TRP A HE1  1 
ATOM 1055 H HE3  . TRP A 1 74 ? -0.691  -1.046  -0.305  1.00 0.00 ? 74 TRP A HE3  1 
ATOM 1056 H HZ2  . TRP A 1 74 ? 2.521   -0.234  3.278   1.00 0.00 ? 74 TRP A HZ2  1 
ATOM 1057 H HZ3  . TRP A 1 74 ? -0.327  1.209   0.651   1.00 0.00 ? 74 TRP A HZ3  1 
ATOM 1058 H HH2  . TRP A 1 74 ? 1.294   1.595   2.129   1.00 0.00 ? 74 TRP A HH2  1 
ATOM 1059 N N    . LEU A 1 75 ? 1.281   -4.689  -3.289  1.00 0.00 ? 75 LEU A N    1 
ATOM 1060 C CA   . LEU A 1 75 ? 2.063   -4.373  -4.488  1.00 0.00 ? 75 LEU A CA   1 
ATOM 1061 C C    . LEU A 1 75 ? 1.204   -4.378  -5.745  1.00 0.00 ? 75 LEU A C    1 
ATOM 1062 O O    . LEU A 1 75 ? 1.373   -3.513  -6.601  1.00 0.00 ? 75 LEU A O    1 
ATOM 1063 C CB   . LEU A 1 75 ? 3.268   -5.277  -4.725  1.00 0.00 ? 75 LEU A CB   1 
ATOM 1064 C CG   . LEU A 1 75 ? 4.353   -4.444  -5.422  1.00 0.00 ? 75 LEU A CG   1 
ATOM 1065 C CD1  . LEU A 1 75 ? 5.727   -4.996  -5.122  1.00 0.00 ? 75 LEU A CD1  1 
ATOM 1066 C CD2  . LEU A 1 75 ? 4.258   -4.418  -6.951  1.00 0.00 ? 75 LEU A CD2  1 
ATOM 1067 H H    . LEU A 1 75 ? 1.231   -5.613  -2.845  1.00 0.00 ? 75 LEU A H    1 
ATOM 1068 H HA   . LEU A 1 75 ? 2.448   -3.346  -4.360  1.00 0.00 ? 75 LEU A HA   1 
ATOM 1069 H HB2  . LEU A 1 75 ? 3.642   -5.668  -3.763  1.00 0.00 ? 75 LEU A HB2  1 
ATOM 1070 H HB3  . LEU A 1 75 ? 2.994   -6.151  -5.343  1.00 0.00 ? 75 LEU A HB3  1 
ATOM 1071 H HG   . LEU A 1 75 ? 4.311   -3.419  -5.017  1.00 0.00 ? 75 LEU A HG   1 
ATOM 1072 H HD11 . LEU A 1 75 ? 6.497   -4.259  -5.412  1.00 0.00 ? 75 LEU A HD11 1 
ATOM 1073 H HD12 . LEU A 1 75 ? 5.838   -5.221  -4.050  1.00 0.00 ? 75 LEU A HD12 1 
ATOM 1074 H HD13 . LEU A 1 75 ? 5.899   -5.919  -5.705  1.00 0.00 ? 75 LEU A HD13 1 
ATOM 1075 H HD21 . LEU A 1 75 ? 4.065   -5.425  -7.365  1.00 0.00 ? 75 LEU A HD21 1 
ATOM 1076 H HD22 . LEU A 1 75 ? 3.483   -3.726  -7.315  1.00 0.00 ? 75 LEU A HD22 1 
ATOM 1077 H HD23 . LEU A 1 75 ? 5.211   -4.076  -7.398  1.00 0.00 ? 75 LEU A HD23 1 
ATOM 1078 N N    . THR A 1 76 ? 0.327   -5.353  -5.942  1.00 0.00 ? 76 THR A N    1 
ATOM 1079 C CA   . THR A 1 76 ? -0.504  -5.297  -7.149  1.00 0.00 ? 76 THR A CA   1 
ATOM 1080 C C    . THR A 1 76 ? -1.334  -4.013  -7.177  1.00 0.00 ? 76 THR A C    1 
ATOM 1081 O O    . THR A 1 76 ? -1.437  -3.363  -8.214  1.00 0.00 ? 76 THR A O    1 
ATOM 1082 C CB   . THR A 1 76 ? -1.393  -6.531  -7.301  1.00 0.00 ? 76 THR A CB   1 
ATOM 1083 O OG1  . THR A 1 76 ? -0.610  -7.711  -7.212  1.00 0.00 ? 76 THR A OG1  1 
ATOM 1084 C CG2  . THR A 1 76 ? -2.503  -6.592  -6.256  1.00 0.00 ? 76 THR A CG2  1 
ATOM 1085 H H    . THR A 1 76 ? 0.143   -5.997  -5.168  1.00 0.00 ? 76 THR A H    1 
ATOM 1086 H HA   . THR A 1 76 ? 0.174   -5.273  -8.021  1.00 0.00 ? 76 THR A HA   1 
ATOM 1087 H HB   . THR A 1 76 ? -1.848  -6.470  -8.304  1.00 0.00 ? 76 THR A HB   1 
ATOM 1088 H HG1  . THR A 1 76 ? -0.541  -7.910  -6.276  1.00 0.00 ? 76 THR A HG1  1 
ATOM 1089 H HG21 . THR A 1 76 ? -2.905  -7.617  -6.160  1.00 0.00 ? 76 THR A HG21 1 
ATOM 1090 H HG22 . THR A 1 76 ? -2.127  -6.279  -5.267  1.00 0.00 ? 76 THR A HG22 1 
ATOM 1091 H HG23 . THR A 1 76 ? -3.344  -5.927  -6.524  1.00 0.00 ? 76 THR A HG23 1 
ATOM 1092 N N    . LEU A 1 77 ? -1.912  -3.613  -6.047  1.00 0.00 ? 77 LEU A N    1 
ATOM 1093 C CA   . LEU A 1 77 ? -2.607  -2.322  -6.019  1.00 0.00 ? 77 LEU A CA   1 
ATOM 1094 C C    . LEU A 1 77 ? -1.628  -1.187  -6.316  1.00 0.00 ? 77 LEU A C    1 
ATOM 1095 O O    . LEU A 1 77 ? -1.958  -0.254  -7.046  1.00 0.00 ? 77 LEU A O    1 
ATOM 1096 C CB   . LEU A 1 77 ? -3.288  -2.133  -4.661  1.00 0.00 ? 77 LEU A CB   1 
ATOM 1097 C CG   . LEU A 1 77 ? -4.022  -0.791  -4.588  1.00 0.00 ? 77 LEU A CG   1 
ATOM 1098 C CD1  . LEU A 1 77 ? -5.364  -0.922  -3.873  1.00 0.00 ? 77 LEU A CD1  1 
ATOM 1099 C CD2  . LEU A 1 77 ? -3.182  0.227   -3.827  1.00 0.00 ? 77 LEU A CD2  1 
ATOM 1100 H H    . LEU A 1 77 ? -1.702  -4.160  -5.206  1.00 0.00 ? 77 LEU A H    1 
ATOM 1101 H HA   . LEU A 1 77 ? -3.385  -2.322  -6.804  1.00 0.00 ? 77 LEU A HA   1 
ATOM 1102 H HB2  . LEU A 1 77 ? -3.999  -2.960  -4.481  1.00 0.00 ? 77 LEU A HB2  1 
ATOM 1103 H HB3  . LEU A 1 77 ? -2.536  -2.193  -3.854  1.00 0.00 ? 77 LEU A HB3  1 
ATOM 1104 H HG   . LEU A 1 77 ? -4.208  -0.414  -5.609  1.00 0.00 ? 77 LEU A HG   1 
ATOM 1105 H HD11 . LEU A 1 77 ? -5.783  0.076   -3.646  1.00 0.00 ? 77 LEU A HD11 1 
ATOM 1106 H HD12 . LEU A 1 77 ? -6.104  -1.463  -4.489  1.00 0.00 ? 77 LEU A HD12 1 
ATOM 1107 H HD13 . LEU A 1 77 ? -5.256  -1.461  -2.914  1.00 0.00 ? 77 LEU A HD13 1 
ATOM 1108 H HD21 . LEU A 1 77 ? -3.541  1.253   -4.023  1.00 0.00 ? 77 LEU A HD21 1 
ATOM 1109 H HD22 . LEU A 1 77 ? -3.240  0.057   -2.737  1.00 0.00 ? 77 LEU A HD22 1 
ATOM 1110 H HD23 . LEU A 1 77 ? -2.119  0.187   -4.121  1.00 0.00 ? 77 LEU A HD23 1 
ATOM 1111 N N    . CYS A 1 78 ? -0.420  -1.252  -5.770  1.00 0.00 ? 78 CYS A N    1 
ATOM 1112 C CA   . CYS A 1 78 ? 0.556   -0.208  -6.096  1.00 0.00 ? 78 CYS A CA   1 
ATOM 1113 C C    . CYS A 1 78 ? 0.943   -0.241  -7.580  1.00 0.00 ? 78 CYS A C    1 
ATOM 1114 O O    . CYS A 1 78 ? 1.120   0.809   -8.196  1.00 0.00 ? 78 CYS A O    1 
ATOM 1115 C CB   . CYS A 1 78 ? 1.772   -0.333  -5.177  1.00 0.00 ? 78 CYS A CB   1 
ATOM 1116 S SG   . CYS A 1 78 ? 1.391   0.457   -3.582  1.00 0.00 ? 78 CYS A SG   1 
ATOM 1117 H H    . CYS A 1 78 ? -0.327  -1.865  -4.950  1.00 0.00 ? 78 CYS A H    1 
ATOM 1118 H HA   . CYS A 1 78 ? 0.086   0.774   -5.899  1.00 0.00 ? 78 CYS A HA   1 
ATOM 1119 H HB2  . CYS A 1 78 ? 2.052   -1.389  -5.002  1.00 0.00 ? 78 CYS A HB2  1 
ATOM 1120 H HB3  . CYS A 1 78 ? 2.648   0.165   -5.628  1.00 0.00 ? 78 CYS A HB3  1 
ATOM 1121 H HG   . CYS A 1 78 ? 2.589   0.280   -3.033  1.00 0.00 ? 78 CYS A HG   1 
ATOM 1122 N N    . SER A 1 79 ? 1.017   -1.415  -8.199  1.00 0.00 ? 79 SER A N    1 
ATOM 1123 C CA   . SER A 1 79 ? 1.289   -1.443  -9.639  1.00 0.00 ? 79 SER A CA   1 
ATOM 1124 C C    . SER A 1 79 ? 0.066   -0.988  -10.443 1.00 0.00 ? 79 SER A C    1 
ATOM 1125 O O    . SER A 1 79 ? 0.196   -0.330  -11.474 1.00 0.00 ? 79 SER A O    1 
ATOM 1126 C CB   . SER A 1 79 ? 1.714   -2.856  -10.047 1.00 0.00 ? 79 SER A CB   1 
ATOM 1127 O OG   . SER A 1 79 ? 0.613   -3.748  -9.949  1.00 0.00 ? 79 SER A OG   1 
ATOM 1128 H H    . SER A 1 79 ? 1.127   -2.247  -7.605  1.00 0.00 ? 79 SER A H    1 
ATOM 1129 H HA   . SER A 1 79 ? 2.119   -0.747  -9.863  1.00 0.00 ? 79 SER A HA   1 
ATOM 1130 H HB2  . SER A 1 79 ? 2.106   -2.866  -11.082 1.00 0.00 ? 79 SER A HB2  1 
ATOM 1131 H HB3  . SER A 1 79 ? 2.533   -3.212  -9.401  1.00 0.00 ? 79 SER A HB3  1 
ATOM 1132 H HG   . SER A 1 79 ? 0.088   -3.444  -9.206  1.00 0.00 ? 79 SER A HG   1 
ATOM 1133 N N    . LYS A 1 80 ? -1.129  -1.336  -9.985  1.00 0.00 ? 80 LYS A N    1 
ATOM 1134 C CA   . LYS A 1 80 ? -2.344  -0.871  -10.660 1.00 0.00 ? 80 LYS A CA   1 
ATOM 1135 C C    . LYS A 1 80 ? -2.476  0.652   -10.597 1.00 0.00 ? 80 LYS A C    1 
ATOM 1136 O O    . LYS A 1 80 ? -2.768  1.314   -11.593 1.00 0.00 ? 80 LYS A O    1 
ATOM 1137 C CB   . LYS A 1 80 ? -3.556  -1.506  -9.974  1.00 0.00 ? 80 LYS A CB   1 
ATOM 1138 C CG   . LYS A 1 80 ? -3.814  -2.941  -10.437 1.00 0.00 ? 80 LYS A CG   1 
ATOM 1139 C CD   . LYS A 1 80 ? -4.354  -3.827  -9.309  1.00 0.00 ? 80 LYS A CD   1 
ATOM 1140 C CE   . LYS A 1 80 ? -5.519  -3.176  -8.559  1.00 0.00 ? 80 LYS A CE   1 
ATOM 1141 N NZ   . LYS A 1 80 ? -5.959  -4.047  -7.459  1.00 0.00 ? 80 LYS A NZ   1 
ATOM 1142 H H    . LYS A 1 80 ? -1.148  -1.841  -9.093  1.00 0.00 ? 80 LYS A H    1 
ATOM 1143 H HA   . LYS A 1 80 ? -2.310  -1.178  -11.720 1.00 0.00 ? 80 LYS A HA   1 
ATOM 1144 H HB2  . LYS A 1 80 ? -3.409  -1.481  -8.881  1.00 0.00 ? 80 LYS A HB2  1 
ATOM 1145 H HB3  . LYS A 1 80 ? -4.453  -0.892  -10.166 1.00 0.00 ? 80 LYS A HB3  1 
ATOM 1146 H HG2  . LYS A 1 80 ? -4.531  -2.937  -11.280 1.00 0.00 ? 80 LYS A HG2  1 
ATOM 1147 H HG3  . LYS A 1 80 ? -2.879  -3.379  -10.835 1.00 0.00 ? 80 LYS A HG3  1 
ATOM 1148 H HD2  . LYS A 1 80 ? -4.674  -4.797  -9.731  1.00 0.00 ? 80 LYS A HD2  1 
ATOM 1149 H HD3  . LYS A 1 80 ? -3.539  -4.061  -8.601  1.00 0.00 ? 80 LYS A HD3  1 
ATOM 1150 H HE2  . LYS A 1 80 ? -5.218  -2.191  -8.159  1.00 0.00 ? 80 LYS A HE2  1 
ATOM 1151 H HE3  . LYS A 1 80 ? -6.361  -2.988  -9.249  1.00 0.00 ? 80 LYS A HE3  1 
ATOM 1152 H HZ1  . LYS A 1 80 ? -6.610  -3.574  -6.822  1.00 0.00 ? 80 LYS A HZ1  1 
ATOM 1153 H HZ2  . LYS A 1 80 ? -6.432  -4.888  -7.809  1.00 0.00 ? 80 LYS A HZ2  1 
ATOM 1154 H HZ3  . LYS A 1 80 ? -5.168  -4.373  -6.891  1.00 0.00 ? 80 LYS A HZ3  1 
ATOM 1155 N N    . TRP A 1 81 ? -2.282  1.220   -9.413  1.00 0.00 ? 81 TRP A N    1 
ATOM 1156 C CA   . TRP A 1 81 ? -2.419  2.673   -9.280  1.00 0.00 ? 81 TRP A CA   1 
ATOM 1157 C C    . TRP A 1 81 ? -1.271  3.429   -9.954  1.00 0.00 ? 81 TRP A C    1 
ATOM 1158 O O    . TRP A 1 81 ? -1.451  4.536   -10.460 1.00 0.00 ? 81 TRP A O    1 
ATOM 1159 C CB   . TRP A 1 81 ? -2.476  3.039   -7.792  1.00 0.00 ? 81 TRP A CB   1 
ATOM 1160 C CG   . TRP A 1 81 ? -3.882  3.427   -7.387  1.00 0.00 ? 81 TRP A CG   1 
ATOM 1161 C CD1  . TRP A 1 81 ? -4.973  2.574   -7.482  1.00 0.00 ? 81 TRP A CD1  1 
ATOM 1162 C CD2  . TRP A 1 81 ? -4.362  4.707   -7.503  1.00 0.00 ? 81 TRP A CD2  1 
ATOM 1163 N NE1  . TRP A 1 81 ? -6.148  3.290   -7.724  1.00 0.00 ? 81 TRP A NE1  1 
ATOM 1164 C CE2  . TRP A 1 81 ? -5.735  4.621   -7.727  1.00 0.00 ? 81 TRP A CE2  1 
ATOM 1165 C CE3  . TRP A 1 81 ? -3.639  5.699   -8.071  1.00 0.00 ? 81 TRP A CE3  1 
ATOM 1166 C CZ2  . TRP A 1 81 ? -6.320  5.534   -8.527  1.00 0.00 ? 81 TRP A CZ2  1 
ATOM 1167 C CZ3  . TRP A 1 81 ? -4.263  6.637   -8.806  1.00 0.00 ? 81 TRP A CZ3  1 
ATOM 1168 C CH2  . TRP A 1 81 ? -5.595  6.570   -9.002  1.00 0.00 ? 81 TRP A CH2  1 
ATOM 1169 H H    . TRP A 1 81 ? -2.113  0.586   -8.623  1.00 0.00 ? 81 TRP A H    1 
ATOM 1170 H HA   . TRP A 1 81 ? -3.361  2.983   -9.770  1.00 0.00 ? 81 TRP A HA   1 
ATOM 1171 H HB2  . TRP A 1 81 ? -2.124  2.214   -7.148  1.00 0.00 ? 81 TRP A HB2  1 
ATOM 1172 H HB3  . TRP A 1 81 ? -1.782  3.872   -7.582  1.00 0.00 ? 81 TRP A HB3  1 
ATOM 1173 H HD1  . TRP A 1 81 ? -4.866  1.518   -7.677  1.00 0.00 ? 81 TRP A HD1  1 
ATOM 1174 H HE1  . TRP A 1 81 ? -7.073  2.998   -7.367  1.00 0.00 ? 81 TRP A HE1  1 
ATOM 1175 H HE3  . TRP A 1 81 ? -2.562  5.713   -7.982  1.00 0.00 ? 81 TRP A HE3  1 
ATOM 1176 H HZ2  . TRP A 1 81 ? -7.357  5.429   -8.798  1.00 0.00 ? 81 TRP A HZ2  1 
ATOM 1177 H HZ3  . TRP A 1 81 ? -3.691  7.416   -9.290  1.00 0.00 ? 81 TRP A HZ3  1 
ATOM 1178 H HH2  . TRP A 1 81 ? -6.084  7.412   -9.457  1.00 0.00 ? 81 TRP A HH2  1 
ATOM 1179 N N    . VAL A 1 82 ? -0.087  2.836   -9.976  1.00 0.00 ? 82 VAL A N    1 
ATOM 1180 C CA   . VAL A 1 82 ? 1.067   3.551   -10.531 1.00 0.00 ? 82 VAL A CA   1 
ATOM 1181 C C    . VAL A 1 82 ? 1.133   3.353   -12.046 1.00 0.00 ? 82 VAL A C    1 
ATOM 1182 O O    . VAL A 1 82 ? 0.928   4.286   -12.820 1.00 0.00 ? 82 VAL A O    1 
ATOM 1183 C CB   . VAL A 1 82 ? 2.347   3.068   -9.832  1.00 0.00 ? 82 VAL A CB   1 
ATOM 1184 C CG1  . VAL A 1 82 ? 3.597   3.665   -10.483 1.00 0.00 ? 82 VAL A CG1  1 
ATOM 1185 C CG2  . VAL A 1 82 ? 2.326   3.460   -8.352  1.00 0.00 ? 82 VAL A CG2  1 
ATOM 1186 H H    . VAL A 1 82 ? -0.012  1.995   -9.389  1.00 0.00 ? 82 VAL A H    1 
ATOM 1187 H HA   . VAL A 1 82 ? 0.947   4.633   -10.338 1.00 0.00 ? 82 VAL A HA   1 
ATOM 1188 H HB   . VAL A 1 82 ? 2.398   1.965   -9.909  1.00 0.00 ? 82 VAL A HB   1 
ATOM 1189 H HG11 . VAL A 1 82 ? 4.513   3.309   -9.980  1.00 0.00 ? 82 VAL A HG11 1 
ATOM 1190 H HG12 . VAL A 1 82 ? 3.675   3.382   -11.549 1.00 0.00 ? 82 VAL A HG12 1 
ATOM 1191 H HG13 . VAL A 1 82 ? 3.592   4.768   -10.423 1.00 0.00 ? 82 VAL A HG13 1 
ATOM 1192 H HG21 . VAL A 1 82 ? 3.059   2.867   -7.779  1.00 0.00 ? 82 VAL A HG21 1 
ATOM 1193 H HG22 . VAL A 1 82 ? 2.575   4.528   -8.218  1.00 0.00 ? 82 VAL A HG22 1 
ATOM 1194 H HG23 . VAL A 1 82 ? 1.337   3.288   -7.892  1.00 0.00 ? 82 VAL A HG23 1 
ATOM 1195 N N    . ARG A 1 83 ? 1.416   2.135   -12.481 1.00 0.00 ? 83 ARG A N    1 
ATOM 1196 C CA   . ARG A 1 83 ? 1.584   1.913   -13.919 1.00 0.00 ? 83 ARG A CA   1 
ATOM 1197 C C    . ARG A 1 83 ? 0.229   1.737   -14.609 1.00 0.00 ? 83 ARG A C    1 
ATOM 1198 O O    . ARG A 1 83 ? -0.053  2.407   -15.600 1.00 0.00 ? 83 ARG A O    1 
ATOM 1199 C CB   . ARG A 1 83 ? 2.479   0.687   -14.110 1.00 0.00 ? 83 ARG A CB   1 
ATOM 1200 C CG   . ARG A 1 83 ? 2.903   0.529   -15.570 1.00 0.00 ? 83 ARG A CG   1 
ATOM 1201 C CD   . ARG A 1 83 ? 3.898   -0.620  -15.734 1.00 0.00 ? 83 ARG A CD   1 
ATOM 1202 N NE   . ARG A 1 83 ? 3.272   -1.893  -15.361 1.00 0.00 ? 83 ARG A NE   1 
ATOM 1203 C CZ   . ARG A 1 83 ? 2.838   -2.712  -16.306 1.00 0.00 ? 83 ARG A CZ   1 
ATOM 1204 N NH1  . ARG A 1 83 ? 2.393   -2.239  -17.457 1.00 0.00 ? 83 ARG A NH1  1 
ATOM 1205 N NH2  . ARG A 1 83 ? 2.823   -4.012  -16.084 1.00 0.00 ? 83 ARG A NH2  1 
ATOM 1206 H H    . ARG A 1 83 ? 1.186   1.375   -11.831 1.00 0.00 ? 83 ARG A H    1 
ATOM 1207 H HA   . ARG A 1 83 ? 2.089   2.795   -14.360 1.00 0.00 ? 83 ARG A HA   1 
ATOM 1208 H HB2  . ARG A 1 83 ? 3.375   0.777   -13.467 1.00 0.00 ? 83 ARG A HB2  1 
ATOM 1209 H HB3  . ARG A 1 83 ? 1.947   -0.221  -13.776 1.00 0.00 ? 83 ARG A HB3  1 
ATOM 1210 H HG2  . ARG A 1 83 ? 2.015   0.358   -16.208 1.00 0.00 ? 83 ARG A HG2  1 
ATOM 1211 H HG3  . ARG A 1 83 ? 3.364   1.470   -15.923 1.00 0.00 ? 83 ARG A HG3  1 
ATOM 1212 H HD2  . ARG A 1 83 ? 4.277   -0.656  -16.773 1.00 0.00 ? 83 ARG A HD2  1 
ATOM 1213 H HD3  . ARG A 1 83 ? 4.777   -0.441  -15.092 1.00 0.00 ? 83 ARG A HD3  1 
ATOM 1214 H HE   . ARG A 1 83 ? 3.420   -2.331  -14.444 1.00 0.00 ? 83 ARG A HE   1 
ATOM 1215 H HH11 . ARG A 1 83 ? 2.283   -1.219  -17.493 1.00 0.00 ? 83 ARG A HH11 1 
ATOM 1216 H HH12 . ARG A 1 83 ? 1.916   -2.918  -18.059 1.00 0.00 ? 83 ARG A HH12 1 
ATOM 1217 H HH21 . ARG A 1 83 ? 3.289   -4.325  -15.225 1.00 0.00 ? 83 ARG A HH21 1 
ATOM 1218 H HH22 . ARG A 1 83 ? 2.601   -4.601  -16.894 1.00 0.00 ? 83 ARG A HH22 1 
ATOM 1219 N N    . GLN A 1 84 ? -0.624  0.758   -14.045 1.00 0.00 ? 84 GLN A N    1 
ATOM 1220 C CA   . GLN A 1 84 ? -2.013  0.474   -14.550 1.00 0.00 ? 84 GLN A CA   1 
ATOM 1221 C C    . GLN A 1 84 ? -0.796  -0.451  -14.660 1.00 0.00 ? 84 GLN A C    1 
ATOM 1222 O O    . GLN A 1 84 ? -0.235  -0.748  -15.714 1.00 0.00 ? 84 GLN A O    1 
ATOM 1223 C CB   . GLN A 1 84 ? -2.442  1.241   -15.803 1.00 0.00 ? 84 GLN A CB   1 
ATOM 1224 C CG   . GLN A 1 84 ? -3.825  0.789   -16.275 1.00 0.00 ? 84 GLN A CG   1 
ATOM 1225 C CD   . GLN A 1 84 ? -3.783  -0.637  -16.811 1.00 0.00 ? 84 GLN A CD   1 
ATOM 1226 O OE1  . GLN A 1 84 ? -3.236  -0.916  -17.878 1.00 0.00 ? 84 GLN A OE1  1 
ATOM 1227 N NE2  . GLN A 1 84 ? -4.343  -1.570  -16.063 1.00 0.00 ? 84 GLN A NE2  1 
ATOM 1228 H HA   . GLN A 1 84 ? -2.731  0.227   -13.747 1.00 0.00 ? 84 GLN A HA   1 
ATOM 1229 H HB2  . GLN A 1 84 ? -2.457  2.326   -15.588 1.00 0.00 ? 84 GLN A HB2  1 
ATOM 1230 H HB3  . GLN A 1 84 ? -1.707  1.099   -16.616 1.00 0.00 ? 84 GLN A HB3  1 
ATOM 1231 H HG2  . GLN A 1 84 ? -4.556  0.864   -15.449 1.00 0.00 ? 84 GLN A HG2  1 
ATOM 1232 H HG3  . GLN A 1 84 ? -4.187  1.465   -17.069 1.00 0.00 ? 84 GLN A HG3  1 
ATOM 1233 H HE21 . GLN A 1 84 ? -4.915  -1.227  -15.284 1.00 0.00 ? 84 GLN A HE21 1 
ATOM 1234 H HE22 . GLN A 1 84 ? -4.421  -2.496  -16.498 1.00 0.00 ? 84 GLN A HE22 1 
# 
